data_7VTR
#
_entry.id   7VTR
#
_cell.length_a   154.470
_cell.length_b   71.070
_cell.length_c   158.648
_cell.angle_alpha   90.000
_cell.angle_beta   90.000
_cell.angle_gamma   90.000
#
_symmetry.space_group_name_H-M   'P 21 21 21'
#
loop_
_entity.id
_entity.type
_entity.pdbx_description
1 polymer Thiolase
2 water water
#
_entity_poly.entity_id   1
_entity_poly.type   'polypeptide(L)'
_entity_poly.pdbx_seq_one_letter_code
;MTDVYILDAVRTPFGRYGGALSGIRPDDLAAHVLRALAERSPGLDPAAVDDVFFGDANGAGEDNRNVARMAALLAGWPTS
VPGVTLNRLCGSGMESVIAANRAIAVGDASLAVAGGVESMSRAPWVLPKPAQGFPTGHETLYSTTLGWRMVNPAMPEQWT
VSLGESTEQVAATYGISRAEQDAFALRSHERAARAWAEGVFDAEITQIPGAELERDESIRETSAEKLAALKPAFRPDGTI
TAGNASPLNDGAAALLIGDAAAAERVGREPLARIVSRGVAAVDPDVFGIGPVQAAEIALRRAGIGWDDLSVVELNEAFAA
QSLACLKLWPDLDPEIVNPNGGAIAIGHPLGASGARIVGTLAHELHRRGGGWGLAAICIGVGQGLAVVLHR
;
_entity_poly.pdbx_strand_id   A,B,C,D
#
# COMPACT_ATOMS: atom_id res chain seq x y z
N MET A 1 -6.12 15.86 22.02
CA MET A 1 -4.77 16.31 21.62
C MET A 1 -4.49 17.75 22.07
N THR A 2 -3.33 17.96 22.70
CA THR A 2 -2.98 19.29 23.21
C THR A 2 -2.53 20.20 22.06
N ASP A 3 -3.03 21.42 22.06
CA ASP A 3 -2.67 22.38 21.03
C ASP A 3 -1.21 22.81 21.23
N VAL A 4 -0.50 23.00 20.12
CA VAL A 4 0.93 23.24 20.16
C VAL A 4 1.24 24.48 19.35
N TYR A 5 2.03 25.35 19.94
CA TYR A 5 2.25 26.67 19.36
C TYR A 5 3.73 26.87 19.09
N ILE A 6 4.00 27.61 18.04
CA ILE A 6 5.32 28.20 17.87
C ILE A 6 5.34 29.48 18.71
N LEU A 7 6.16 29.47 19.76
CA LEU A 7 6.25 30.62 20.64
C LEU A 7 7.26 31.62 20.14
N ASP A 8 8.30 31.14 19.46
CA ASP A 8 9.31 32.01 18.91
C ASP A 8 10.00 31.18 17.85
N ALA A 9 10.71 31.88 16.97
CA ALA A 9 11.40 31.24 15.88
C ALA A 9 12.51 32.20 15.53
N VAL A 10 13.73 31.70 15.54
CA VAL A 10 14.88 32.52 15.25
C VAL A 10 15.77 31.71 14.34
N ARG A 11 16.63 32.40 13.64
CA ARG A 11 17.63 31.75 12.82
C ARG A 11 18.77 32.72 12.62
N THR A 12 19.94 32.16 12.36
CA THR A 12 21.01 33.01 11.89
C THR A 12 20.69 33.44 10.47
N PRO A 13 21.35 34.49 9.98
CA PRO A 13 21.42 34.66 8.54
C PRO A 13 22.07 33.40 8.02
N PHE A 14 21.80 33.04 6.79
CA PHE A 14 22.46 31.89 6.21
C PHE A 14 23.69 32.36 5.45
N GLY A 15 24.84 31.79 5.78
CA GLY A 15 26.04 32.06 5.04
C GLY A 15 26.12 31.20 3.80
N ARG A 16 26.81 31.72 2.80
CA ARG A 16 26.99 30.94 1.59
C ARG A 16 28.09 29.92 1.85
N TYR A 17 28.18 28.94 0.97
CA TYR A 17 29.23 27.93 1.13
C TYR A 17 30.60 28.58 1.20
N GLY A 18 31.37 28.19 2.21
CA GLY A 18 32.67 28.80 2.41
C GLY A 18 32.62 30.29 2.66
N GLY A 19 31.47 30.80 3.07
CA GLY A 19 31.20 32.23 3.25
C GLY A 19 31.28 32.68 4.69
N ALA A 20 30.37 33.58 5.06
CA ALA A 20 30.55 34.32 6.30
C ALA A 20 30.38 33.48 7.55
N LEU A 21 29.69 32.34 7.45
CA LEU A 21 29.58 31.48 8.61
C LEU A 21 30.41 30.23 8.48
N SER A 22 31.25 30.15 7.46
CA SER A 22 32.03 28.94 7.26
C SER A 22 33.03 28.72 8.38
N GLY A 23 33.31 29.74 9.18
CA GLY A 23 34.19 29.57 10.31
C GLY A 23 33.48 29.19 11.57
N ILE A 24 32.16 29.06 11.53
CA ILE A 24 31.38 28.74 12.71
C ILE A 24 31.08 27.25 12.69
N ARG A 25 31.56 26.56 13.70
CA ARG A 25 31.23 25.16 13.88
C ARG A 25 29.71 25.00 13.92
N PRO A 26 29.17 23.95 13.31
CA PRO A 26 27.72 23.75 13.37
C PRO A 26 27.17 23.62 14.78
N ASP A 27 27.88 22.98 15.70
CA ASP A 27 27.36 22.93 17.06
C ASP A 27 27.28 24.32 17.64
N ASP A 28 28.19 25.21 17.22
CA ASP A 28 28.13 26.60 17.64
C ASP A 28 27.00 27.34 16.94
N LEU A 29 26.76 27.04 15.66
CA LEU A 29 25.57 27.58 15.02
C LEU A 29 24.33 27.21 15.81
N ALA A 30 24.17 25.93 16.11
CA ALA A 30 23.04 25.45 16.89
C ALA A 30 23.02 26.11 18.27
N ALA A 31 24.15 26.14 18.94
CA ALA A 31 24.16 26.75 20.27
C ALA A 31 23.76 28.20 20.17
N HIS A 32 24.16 28.87 19.08
CA HIS A 32 23.84 30.28 19.01
C HIS A 32 22.33 30.49 18.94
N VAL A 33 21.63 29.74 18.10
CA VAL A 33 20.19 29.98 18.01
C VAL A 33 19.51 29.61 19.31
N LEU A 34 20.10 28.70 20.08
CA LEU A 34 19.60 28.44 21.41
C LEU A 34 19.82 29.65 22.31
N ARG A 35 21.03 30.21 22.29
CA ARG A 35 21.28 31.41 23.08
C ARG A 35 20.33 32.52 22.69
N ALA A 36 20.06 32.65 21.39
CA ALA A 36 19.17 33.69 20.89
C ALA A 36 17.75 33.45 21.38
N LEU A 37 17.25 32.22 21.28
CA LEU A 37 15.94 31.94 21.83
C LEU A 37 15.88 32.34 23.29
N ALA A 38 16.93 31.99 24.05
CA ALA A 38 16.96 32.35 25.46
C ALA A 38 16.98 33.86 25.65
N GLU A 39 17.81 34.56 24.87
CA GLU A 39 17.86 36.02 24.96
C GLU A 39 16.52 36.63 24.57
N ARG A 40 15.89 36.10 23.52
CA ARG A 40 14.67 36.71 22.98
C ARG A 40 13.46 36.57 23.89
N SER A 41 13.44 35.56 24.76
CA SER A 41 12.33 35.35 25.68
C SER A 41 12.84 35.45 27.11
N PRO A 42 12.85 36.66 27.67
CA PRO A 42 13.28 36.81 29.08
C PRO A 42 12.47 35.97 30.02
N GLY A 43 11.20 35.69 29.70
CA GLY A 43 10.43 34.77 30.53
C GLY A 43 10.76 33.30 30.34
N LEU A 44 11.61 32.97 29.36
CA LEU A 44 12.00 31.59 29.13
C LEU A 44 13.10 31.21 30.12
N ASP A 45 12.81 30.27 31.00
CA ASP A 45 13.86 29.65 31.79
C ASP A 45 14.31 28.45 30.99
N PRO A 46 15.57 28.39 30.52
CA PRO A 46 15.96 27.27 29.66
C PRO A 46 15.73 25.92 30.33
N ALA A 47 15.82 25.87 31.66
CA ALA A 47 15.54 24.64 32.39
C ALA A 47 14.13 24.13 32.12
N ALA A 48 13.22 25.03 31.72
CA ALA A 48 11.85 24.65 31.41
C ALA A 48 11.74 23.95 30.07
N VAL A 49 12.80 23.93 29.28
CA VAL A 49 12.73 23.29 27.96
C VAL A 49 12.80 21.80 28.19
N ASP A 50 11.75 21.09 27.77
CA ASP A 50 11.64 19.67 28.03
C ASP A 50 12.56 18.85 27.14
N ASP A 51 12.87 19.36 25.97
CA ASP A 51 13.66 18.58 25.02
C ASP A 51 14.05 19.53 23.92
N VAL A 52 15.24 19.33 23.39
CA VAL A 52 15.75 20.13 22.28
C VAL A 52 15.90 19.20 21.10
N PHE A 53 15.17 19.49 20.04
CA PHE A 53 15.24 18.73 18.81
C PHE A 53 15.99 19.57 17.81
N PHE A 54 16.99 18.98 17.17
CA PHE A 54 17.69 19.62 16.08
C PHE A 54 17.70 18.71 14.89
N GLY A 55 17.25 19.25 13.77
CA GLY A 55 17.47 18.61 12.52
C GLY A 55 18.88 18.89 12.07
N ASP A 56 19.53 17.86 11.53
CA ASP A 56 20.89 18.01 11.08
C ASP A 56 21.09 16.88 10.10
N ALA A 57 21.34 17.21 8.84
CA ALA A 57 21.43 16.22 7.78
C ALA A 57 22.79 15.56 7.71
N ASN A 58 23.77 16.07 8.46
CA ASN A 58 25.12 15.55 8.40
C ASN A 58 25.48 15.06 9.80
N GLY A 59 26.11 15.88 10.61
CA GLY A 59 26.51 15.41 11.91
C GLY A 59 27.83 14.69 11.92
N ALA A 60 28.47 14.51 10.77
CA ALA A 60 29.75 13.81 10.83
C ALA A 60 30.84 14.72 11.37
N GLY A 61 30.69 16.03 11.23
CA GLY A 61 31.74 16.92 11.68
C GLY A 61 31.59 17.37 13.12
N GLU A 62 31.71 18.67 13.32
CA GLU A 62 31.78 19.20 14.67
C GLU A 62 30.43 19.17 15.36
N ASP A 63 29.36 18.91 14.61
CA ASP A 63 28.04 18.68 15.16
C ASP A 63 27.81 17.22 15.51
N ASN A 64 28.87 16.43 15.59
CA ASN A 64 28.72 15.02 15.85
C ASN A 64 28.20 14.75 17.25
N ARG A 65 27.63 13.55 17.40
CA ARG A 65 27.24 12.99 18.68
C ARG A 65 26.14 13.82 19.33
N ASN A 66 25.06 14.03 18.55
CA ASN A 66 23.83 14.65 19.04
C ASN A 66 24.04 16.14 19.26
N VAL A 67 24.09 16.88 18.14
CA VAL A 67 24.31 18.33 18.18
C VAL A 67 23.27 19.01 19.03
N ALA A 68 22.04 18.51 19.04
CA ALA A 68 21.00 19.12 19.86
C ALA A 68 21.45 19.23 21.31
N ARG A 69 21.93 18.13 21.87
CA ARG A 69 22.39 18.14 23.24
C ARG A 69 23.64 18.98 23.39
N MET A 70 24.62 18.75 22.51
CA MET A 70 25.81 19.59 22.45
C MET A 70 25.44 21.06 22.48
N ALA A 71 24.54 21.44 21.57
CA ALA A 71 24.18 22.86 21.45
C ALA A 71 23.58 23.39 22.75
N ALA A 72 22.70 22.62 23.37
CA ALA A 72 22.13 23.01 24.66
C ALA A 72 23.23 23.24 25.69
N LEU A 73 24.19 22.32 25.74
CA LEU A 73 25.30 22.50 26.67
C LEU A 73 26.13 23.72 26.30
N LEU A 74 26.48 23.85 25.03
CA LEU A 74 27.27 25.00 24.59
C LEU A 74 26.51 26.30 24.78
N ALA A 75 25.18 26.24 24.79
CA ALA A 75 24.40 27.46 24.93
C ALA A 75 24.32 27.92 26.38
N GLY A 76 24.97 27.22 27.30
CA GLY A 76 24.86 27.57 28.70
C GLY A 76 23.59 27.06 29.31
N TRP A 77 22.84 26.24 28.60
CA TRP A 77 21.58 25.79 29.11
C TRP A 77 21.84 24.74 30.19
N PRO A 78 20.92 24.59 31.13
CA PRO A 78 21.15 23.61 32.19
C PRO A 78 21.30 22.21 31.63
N THR A 79 22.21 21.44 32.24
CA THR A 79 22.45 20.07 31.84
C THR A 79 21.20 19.21 31.93
N SER A 80 20.16 19.71 32.61
CA SER A 80 18.87 19.03 32.68
C SER A 80 18.12 19.06 31.36
N VAL A 81 18.56 19.86 30.40
CA VAL A 81 17.82 19.95 29.15
C VAL A 81 18.26 18.87 28.18
N PRO A 82 17.36 17.97 27.83
CA PRO A 82 17.73 16.92 26.89
C PRO A 82 17.76 17.45 25.48
N GLY A 83 18.44 16.70 24.63
CA GLY A 83 18.53 17.09 23.25
C GLY A 83 18.67 15.86 22.40
N VAL A 84 18.01 15.91 21.25
CA VAL A 84 17.99 14.83 20.30
C VAL A 84 18.15 15.41 18.91
N THR A 85 18.92 14.74 18.08
CA THR A 85 19.21 15.18 16.74
C THR A 85 18.52 14.24 15.77
N LEU A 86 17.92 14.81 14.74
CA LEU A 86 17.09 14.09 13.81
C LEU A 86 17.62 14.30 12.41
N ASN A 87 17.59 13.23 11.63
CA ASN A 87 18.09 13.29 10.27
C ASN A 87 16.96 12.80 9.39
N ARG A 88 16.22 13.75 8.80
CA ARG A 88 15.48 13.35 7.62
C ARG A 88 16.04 14.20 6.51
N LEU A 89 17.36 14.08 6.32
CA LEU A 89 18.16 14.80 5.36
C LEU A 89 17.67 16.23 5.25
N CYS A 90 17.29 16.62 4.03
CA CYS A 90 16.94 18.02 3.78
C CYS A 90 15.75 18.47 4.58
N GLY A 91 14.88 17.56 5.00
CA GLY A 91 13.77 18.04 5.79
C GLY A 91 13.98 17.94 7.28
N SER A 92 15.21 17.69 7.73
CA SER A 92 15.45 17.40 9.15
C SER A 92 14.95 18.50 10.06
N GLY A 93 15.11 19.76 9.65
CA GLY A 93 14.63 20.85 10.48
C GLY A 93 13.12 20.88 10.60
N MET A 94 12.42 20.45 9.57
CA MET A 94 10.99 20.31 9.75
C MET A 94 10.68 19.07 10.58
N GLU A 95 11.46 18.01 10.39
CA GLU A 95 11.28 16.85 11.23
C GLU A 95 11.38 17.21 12.70
N SER A 96 12.36 18.04 13.07
CA SER A 96 12.50 18.33 14.48
C SER A 96 11.34 19.17 14.97
N VAL A 97 10.84 20.07 14.12
CA VAL A 97 9.62 20.78 14.47
C VAL A 97 8.52 19.78 14.75
N ILE A 98 8.32 18.83 13.84
CA ILE A 98 7.27 17.85 14.02
C ILE A 98 7.54 17.00 15.25
N ALA A 99 8.79 16.60 15.44
CA ALA A 99 9.14 15.83 16.63
C ALA A 99 8.78 16.59 17.90
N ALA A 100 9.19 17.86 17.98
CA ALA A 100 8.82 18.67 19.13
C ALA A 100 7.32 18.81 19.23
N ASN A 101 6.67 19.10 18.11
CA ASN A 101 5.22 19.20 18.06
C ASN A 101 4.56 17.94 18.61
N ARG A 102 4.98 16.77 18.14
CA ARG A 102 4.40 15.53 18.67
C ARG A 102 4.65 15.39 20.16
N ALA A 103 5.89 15.61 20.60
CA ALA A 103 6.22 15.47 22.02
C ALA A 103 5.26 16.28 22.89
N ILE A 104 4.94 17.48 22.45
CA ILE A 104 4.09 18.33 23.26
C ILE A 104 2.64 17.92 23.11
N ALA A 105 2.25 17.56 21.88
CA ALA A 105 0.87 17.20 21.61
C ALA A 105 0.44 16.00 22.46
N VAL A 106 1.31 15.00 22.59
CA VAL A 106 1.01 13.85 23.44
C VAL A 106 1.22 14.11 24.92
N GLY A 107 1.75 15.25 25.29
CA GLY A 107 1.98 15.54 26.69
C GLY A 107 3.29 15.04 27.24
N ASP A 108 4.20 14.51 26.41
CA ASP A 108 5.55 14.20 26.87
C ASP A 108 6.35 15.42 27.17
N ALA A 109 5.96 16.56 26.62
CA ALA A 109 6.64 17.80 26.84
C ALA A 109 5.58 18.88 26.88
N SER A 110 5.87 19.97 27.57
CA SER A 110 5.09 21.19 27.42
C SER A 110 5.81 22.23 26.60
N LEU A 111 7.13 22.28 26.70
CA LEU A 111 7.96 23.29 26.08
C LEU A 111 9.15 22.60 25.45
N ALA A 112 9.40 22.90 24.19
CA ALA A 112 10.47 22.22 23.47
C ALA A 112 11.12 23.23 22.57
N VAL A 113 12.33 22.90 22.13
CA VAL A 113 12.97 23.64 21.07
C VAL A 113 13.09 22.69 19.89
N ALA A 114 12.73 23.20 18.72
CA ALA A 114 12.91 22.47 17.47
C ALA A 114 13.82 23.35 16.64
N GLY A 115 15.04 22.87 16.39
CA GLY A 115 16.00 23.60 15.62
C GLY A 115 16.42 22.78 14.41
N GLY A 116 17.17 23.43 13.55
CA GLY A 116 17.87 22.74 12.51
C GLY A 116 19.17 23.48 12.31
N VAL A 117 20.19 22.74 11.91
CA VAL A 117 21.50 23.31 11.74
C VAL A 117 22.18 22.56 10.62
N GLU A 118 22.96 23.29 9.84
CA GLU A 118 23.84 22.67 8.89
C GLU A 118 25.03 23.58 8.76
N SER A 119 26.23 23.02 8.83
CA SER A 119 27.39 23.69 8.30
C SER A 119 27.80 22.92 7.07
N MET A 120 27.30 23.31 5.92
CA MET A 120 27.76 22.64 4.73
C MET A 120 29.19 23.00 4.38
N SER A 121 29.63 24.20 4.72
CA SER A 121 31.05 24.53 4.56
C SER A 121 31.91 23.53 5.33
N ARG A 122 31.57 23.27 6.58
CA ARG A 122 32.42 22.47 7.44
C ARG A 122 32.04 20.99 7.40
N ALA A 123 31.21 20.59 6.42
CA ALA A 123 30.90 19.20 6.23
C ALA A 123 32.21 18.44 5.98
N PRO A 124 32.57 17.51 6.85
CA PRO A 124 33.91 16.94 6.82
C PRO A 124 34.02 15.86 5.75
N TRP A 125 35.22 15.33 5.66
CA TRP A 125 35.44 14.15 4.88
C TRP A 125 35.20 12.96 5.79
N VAL A 126 34.77 11.85 5.22
CA VAL A 126 34.66 10.59 5.92
C VAL A 126 35.52 9.56 5.19
N LEU A 127 36.38 8.89 5.95
CA LEU A 127 37.22 7.81 5.45
C LEU A 127 36.77 6.51 6.10
N PRO A 128 36.19 5.57 5.36
CA PRO A 128 35.87 4.29 5.97
C PRO A 128 37.14 3.59 6.40
N LYS A 129 37.05 2.85 7.48
CA LYS A 129 38.18 2.07 7.95
C LYS A 129 38.29 0.76 7.19
N PRO A 130 39.51 0.22 7.03
CA PRO A 130 39.69 -1.11 6.44
C PRO A 130 39.23 -2.18 7.40
N ALA A 131 38.67 -3.25 6.84
CA ALA A 131 38.32 -4.40 7.65
C ALA A 131 39.54 -5.23 8.01
N GLN A 132 40.61 -5.21 7.19
CA GLN A 132 41.84 -5.91 7.50
C GLN A 132 43.00 -4.94 7.53
N GLY A 133 44.09 -5.39 8.15
CA GLY A 133 45.30 -4.60 8.17
C GLY A 133 45.93 -4.47 6.79
N PHE A 134 46.79 -3.46 6.67
CA PHE A 134 47.55 -3.18 5.46
C PHE A 134 46.68 -3.28 4.20
N PRO A 135 45.66 -2.45 4.13
CA PRO A 135 44.80 -2.41 2.97
C PRO A 135 45.68 -2.01 1.80
N THR A 136 45.31 -2.52 0.66
CA THR A 136 46.04 -2.35 -0.56
C THR A 136 45.60 -1.28 -1.54
N GLY A 137 44.31 -1.17 -1.79
CA GLY A 137 43.85 -0.24 -2.79
C GLY A 137 43.65 1.22 -2.45
N HIS A 138 43.45 2.02 -3.48
CA HIS A 138 43.15 3.41 -3.29
C HIS A 138 41.76 3.45 -2.68
N GLU A 139 41.54 4.26 -1.65
CA GLU A 139 40.26 4.44 -0.98
C GLU A 139 39.65 5.79 -1.39
N THR A 140 38.35 5.88 -1.27
CA THR A 140 37.67 7.13 -1.48
C THR A 140 37.56 7.85 -0.15
N LEU A 141 37.94 9.11 -0.15
CA LEU A 141 37.73 9.97 1.00
C LEU A 141 36.45 10.73 0.68
N TYR A 142 35.38 10.38 1.38
CA TYR A 142 34.06 10.85 0.99
C TYR A 142 33.81 12.24 1.56
N SER A 143 33.51 13.19 0.70
CA SER A 143 33.05 14.47 1.19
C SER A 143 31.59 14.34 1.62
N THR A 144 31.29 14.79 2.83
CA THR A 144 29.91 14.82 3.28
C THR A 144 29.19 16.08 2.84
N THR A 145 29.81 16.90 2.00
CA THR A 145 29.16 18.16 1.62
C THR A 145 27.88 17.93 0.84
N LEU A 146 27.91 17.01 -0.10
CA LEU A 146 26.81 16.90 -1.05
C LEU A 146 26.77 15.50 -1.64
N GLY A 147 25.57 15.04 -1.93
CA GLY A 147 25.42 13.85 -2.73
C GLY A 147 25.54 12.57 -1.92
N TRP A 148 25.42 11.47 -2.65
CA TRP A 148 25.54 10.15 -2.06
C TRP A 148 27.00 9.87 -1.73
N ARG A 149 27.21 9.06 -0.71
CA ARG A 149 28.56 8.72 -0.33
C ARG A 149 28.50 7.37 0.36
N MET A 150 29.55 6.58 0.17
CA MET A 150 29.60 5.26 0.76
C MET A 150 28.36 4.49 0.32
N VAL A 151 28.16 4.53 -0.99
CA VAL A 151 26.93 4.07 -1.60
C VAL A 151 26.84 2.55 -1.49
N ASN A 152 25.72 2.09 -1.00
CA ASN A 152 25.50 0.67 -0.89
C ASN A 152 25.43 0.08 -2.28
N PRO A 153 26.21 -0.97 -2.57
CA PRO A 153 26.12 -1.61 -3.89
C PRO A 153 24.72 -2.07 -4.23
N ALA A 154 23.94 -2.42 -3.22
CA ALA A 154 22.59 -2.92 -3.45
C ALA A 154 21.58 -1.81 -3.64
N MET A 155 21.94 -0.57 -3.44
CA MET A 155 20.99 0.52 -3.64
C MET A 155 20.73 0.68 -5.12
N PRO A 156 19.48 0.67 -5.58
CA PRO A 156 19.23 0.84 -7.01
C PRO A 156 19.92 2.10 -7.50
N GLU A 157 20.64 1.94 -8.62
CA GLU A 157 21.45 3.04 -9.13
C GLU A 157 20.62 4.25 -9.47
N GLN A 158 19.41 4.03 -9.99
CA GLN A 158 18.49 5.11 -10.31
C GLN A 158 18.20 5.99 -9.11
N TRP A 159 18.35 5.47 -7.89
CA TRP A 159 18.05 6.27 -6.71
C TRP A 159 19.26 7.03 -6.19
N THR A 160 20.45 6.73 -6.69
CA THR A 160 21.66 7.38 -6.21
C THR A 160 22.08 8.53 -7.10
N VAL A 161 21.26 8.87 -8.10
CA VAL A 161 21.55 10.03 -8.92
C VAL A 161 21.59 11.27 -8.05
N SER A 162 22.32 12.26 -8.50
CA SER A 162 22.45 13.49 -7.73
C SER A 162 21.10 14.18 -7.63
N LEU A 163 20.99 15.06 -6.64
CA LEU A 163 19.75 15.82 -6.51
C LEU A 163 19.50 16.66 -7.75
N GLY A 164 20.57 17.24 -8.31
CA GLY A 164 20.41 18.02 -9.52
C GLY A 164 19.97 17.17 -10.70
N GLU A 165 20.63 16.01 -10.88
CA GLU A 165 20.21 15.08 -11.92
C GLU A 165 18.75 14.67 -11.74
N SER A 166 18.39 14.24 -10.53
CA SER A 166 17.00 13.90 -10.27
C SER A 166 16.07 15.06 -10.61
N THR A 167 16.48 16.28 -10.25
CA THR A 167 15.61 17.43 -10.48
C THR A 167 15.58 17.81 -11.95
N GLU A 168 16.65 17.52 -12.70
CA GLU A 168 16.58 17.65 -14.15
C GLU A 168 15.50 16.74 -14.74
N GLN A 169 15.47 15.49 -14.28
CA GLN A 169 14.44 14.57 -14.72
C GLN A 169 13.05 15.07 -14.36
N VAL A 170 12.89 15.56 -13.13
CA VAL A 170 11.60 16.08 -12.73
C VAL A 170 11.23 17.29 -13.59
N ALA A 171 12.20 18.19 -13.83
CA ALA A 171 11.95 19.34 -14.67
C ALA A 171 11.49 18.91 -16.07
N ALA A 172 12.16 17.90 -16.64
CA ALA A 172 11.72 17.40 -17.95
C ALA A 172 10.33 16.81 -17.87
N THR A 173 10.11 15.94 -16.89
CA THR A 173 8.83 15.24 -16.75
C THR A 173 7.66 16.19 -16.66
N TYR A 174 7.80 17.29 -15.92
CA TYR A 174 6.69 18.19 -15.69
C TYR A 174 6.77 19.45 -16.54
N GLY A 175 7.63 19.45 -17.55
CA GLY A 175 7.71 20.60 -18.44
C GLY A 175 8.05 21.89 -17.75
N ILE A 176 9.03 21.89 -16.85
CA ILE A 176 9.46 23.10 -16.17
C ILE A 176 10.67 23.65 -16.90
N SER A 177 10.46 24.72 -17.64
CA SER A 177 11.49 25.21 -18.53
C SER A 177 12.56 25.95 -17.75
N ARG A 178 13.70 26.12 -18.42
CA ARG A 178 14.78 26.91 -17.89
C ARG A 178 14.30 28.33 -17.54
N ALA A 179 13.48 28.92 -18.42
CA ALA A 179 13.04 30.28 -18.18
C ALA A 179 12.11 30.33 -16.99
N GLU A 180 11.22 29.34 -16.87
CA GLU A 180 10.37 29.26 -15.70
C GLU A 180 11.20 29.10 -14.44
N GLN A 181 12.24 28.28 -14.50
CA GLN A 181 13.05 28.07 -13.31
C GLN A 181 13.78 29.34 -12.92
N ASP A 182 14.35 30.04 -13.92
CA ASP A 182 15.06 31.27 -13.62
C ASP A 182 14.12 32.34 -13.10
N ALA A 183 12.90 32.39 -13.63
CA ALA A 183 11.93 33.36 -13.13
C ALA A 183 11.63 33.12 -11.65
N PHE A 184 11.41 31.86 -11.30
CA PHE A 184 11.18 31.51 -9.90
C PHE A 184 12.42 31.81 -9.07
N ALA A 185 13.61 31.57 -9.62
CA ALA A 185 14.85 31.89 -8.90
C ALA A 185 14.99 33.40 -8.73
N LEU A 186 14.76 34.15 -9.80
CA LEU A 186 14.73 35.61 -9.71
C LEU A 186 13.75 36.08 -8.65
N ARG A 187 12.51 35.59 -8.73
CA ARG A 187 11.49 35.86 -7.73
C ARG A 187 12.05 35.65 -6.32
N SER A 188 12.73 34.52 -6.12
CA SER A 188 13.29 34.22 -4.81
C SER A 188 14.28 35.28 -4.37
N HIS A 189 15.17 35.67 -5.27
CA HIS A 189 16.18 36.65 -4.91
C HIS A 189 15.54 38.01 -4.67
N GLU A 190 14.61 38.39 -5.52
CA GLU A 190 13.96 39.68 -5.35
C GLU A 190 13.21 39.74 -4.04
N ARG A 191 12.38 38.72 -3.79
CA ARG A 191 11.60 38.71 -2.55
C ARG A 191 12.49 38.59 -1.33
N ALA A 192 13.58 37.84 -1.44
CA ALA A 192 14.45 37.72 -0.28
C ALA A 192 15.16 39.03 -0.01
N ALA A 193 15.65 39.68 -1.06
CA ALA A 193 16.32 40.96 -0.87
C ALA A 193 15.34 41.99 -0.32
N ARG A 194 14.13 41.99 -0.88
CA ARG A 194 13.11 42.95 -0.44
C ARG A 194 12.75 42.69 1.01
N ALA A 195 12.53 41.42 1.37
CA ALA A 195 12.19 41.09 2.74
C ALA A 195 13.26 41.61 3.69
N TRP A 196 14.52 41.33 3.39
CA TRP A 196 15.59 41.84 4.24
C TRP A 196 15.57 43.35 4.31
N ALA A 197 15.58 44.00 3.14
CA ALA A 197 15.57 45.46 3.04
C ALA A 197 14.46 46.07 3.89
N GLU A 198 13.26 45.52 3.83
CA GLU A 198 12.15 46.05 4.61
C GLU A 198 12.13 45.58 6.07
N GLY A 199 13.16 44.88 6.53
CA GLY A 199 13.18 44.41 7.89
C GLY A 199 12.23 43.28 8.19
N VAL A 200 11.71 42.61 7.15
CA VAL A 200 10.80 41.49 7.35
C VAL A 200 11.46 40.36 8.12
N PHE A 201 12.77 40.21 7.99
CA PHE A 201 13.43 39.11 8.69
C PHE A 201 13.99 39.52 10.03
N ASP A 202 13.86 40.80 10.39
CA ASP A 202 14.37 41.23 11.68
C ASP A 202 13.75 40.44 12.81
N ALA A 203 12.47 40.13 12.68
CA ALA A 203 11.77 39.37 13.72
C ALA A 203 12.39 38.01 13.95
N GLU A 204 12.99 37.42 12.93
CA GLU A 204 13.47 36.05 13.05
C GLU A 204 14.98 35.92 13.03
N ILE A 205 15.72 37.00 12.91
CA ILE A 205 17.15 36.87 12.72
C ILE A 205 17.88 37.10 14.03
N THR A 206 18.85 36.23 14.31
CA THR A 206 19.85 36.50 15.31
C THR A 206 21.19 36.51 14.59
N GLN A 207 22.03 37.46 14.94
CA GLN A 207 23.33 37.58 14.31
C GLN A 207 24.37 36.90 15.18
N ILE A 208 25.27 36.17 14.54
CA ILE A 208 26.39 35.58 15.25
C ILE A 208 27.36 36.70 15.59
N PRO A 209 27.68 36.94 16.86
CA PRO A 209 28.69 37.95 17.17
C PRO A 209 30.00 37.64 16.45
N GLY A 210 30.49 38.62 15.69
CA GLY A 210 31.73 38.46 14.97
C GLY A 210 31.60 37.81 13.61
N ALA A 211 30.39 37.41 13.22
CA ALA A 211 30.14 36.83 11.92
C ALA A 211 28.79 37.33 11.42
N GLU A 212 28.54 38.61 11.65
CA GLU A 212 27.30 39.22 11.23
C GLU A 212 27.18 39.26 9.71
N LEU A 213 25.96 39.11 9.25
CA LEU A 213 25.60 39.14 7.85
C LEU A 213 24.55 40.22 7.67
N GLU A 214 24.78 41.10 6.69
CA GLU A 214 23.77 42.10 6.35
C GLU A 214 22.45 41.43 6.02
N ARG A 215 22.51 40.34 5.28
CA ARG A 215 21.36 39.55 4.89
C ARG A 215 21.86 38.16 4.56
N ASP A 216 20.95 37.25 4.23
CA ASP A 216 21.39 35.92 3.81
C ASP A 216 22.41 36.05 2.68
N GLU A 217 23.56 35.43 2.89
CA GLU A 217 24.71 35.70 2.03
C GLU A 217 24.44 35.30 0.59
N SER A 218 23.60 34.31 0.36
CA SER A 218 23.39 33.83 -1.00
C SER A 218 22.46 34.73 -1.81
N ILE A 219 21.79 35.68 -1.16
CA ILE A 219 20.92 36.59 -1.89
C ILE A 219 21.80 37.43 -2.80
N ARG A 220 21.46 37.48 -4.06
CA ARG A 220 22.18 38.36 -4.96
C ARG A 220 21.22 39.31 -5.65
N GLU A 221 21.81 40.36 -6.17
CA GLU A 221 21.11 41.25 -7.08
C GLU A 221 21.29 40.58 -8.41
N THR A 222 20.25 39.92 -8.88
CA THR A 222 20.39 39.20 -10.13
C THR A 222 19.29 39.64 -11.08
N SER A 223 19.12 38.91 -12.17
CA SER A 223 18.16 39.33 -13.18
C SER A 223 17.87 38.14 -14.08
N ALA A 224 16.77 38.25 -14.83
CA ALA A 224 16.47 37.24 -15.84
C ALA A 224 17.66 37.01 -16.75
N GLU A 225 18.33 38.09 -17.13
CA GLU A 225 19.46 38.00 -18.05
C GLU A 225 20.65 37.28 -17.41
N LYS A 226 21.02 37.64 -16.17
CA LYS A 226 22.13 36.93 -15.53
C LYS A 226 21.83 35.45 -15.37
N LEU A 227 20.62 35.14 -14.92
CA LEU A 227 20.22 33.76 -14.70
C LEU A 227 20.22 32.98 -16.01
N ALA A 228 19.75 33.60 -17.10
CA ALA A 228 19.73 32.92 -18.38
C ALA A 228 21.14 32.65 -18.89
N ALA A 229 22.10 33.50 -18.54
CA ALA A 229 23.47 33.32 -19.01
C ALA A 229 24.14 32.13 -18.33
N LEU A 230 23.58 31.68 -17.21
CA LEU A 230 24.27 30.70 -16.39
C LEU A 230 24.37 29.38 -17.13
N LYS A 231 25.51 28.68 -17.01
CA LYS A 231 25.63 27.38 -17.66
C LYS A 231 24.89 26.33 -16.84
N PRO A 232 24.34 25.34 -17.52
CA PRO A 232 23.65 24.25 -16.78
C PRO A 232 24.66 23.49 -15.93
N ALA A 233 24.26 23.09 -14.72
CA ALA A 233 25.19 22.46 -13.77
C ALA A 233 25.21 20.93 -13.84
N PHE A 234 24.18 20.28 -14.42
CA PHE A 234 24.09 18.83 -14.34
C PHE A 234 24.01 18.12 -15.67
N ARG A 235 23.70 18.79 -16.76
CA ARG A 235 23.78 18.19 -18.07
C ARG A 235 24.24 19.26 -19.04
N PRO A 236 24.93 18.89 -20.11
CA PRO A 236 25.25 19.87 -21.16
C PRO A 236 24.03 20.64 -21.64
N ASP A 237 22.92 19.94 -21.85
CA ASP A 237 21.68 20.51 -22.31
C ASP A 237 20.69 20.77 -21.18
N GLY A 238 21.16 20.80 -19.93
CA GLY A 238 20.26 20.79 -18.80
C GLY A 238 19.62 22.14 -18.58
N THR A 239 18.74 22.18 -17.58
CA THR A 239 18.09 23.43 -17.21
C THR A 239 18.44 23.92 -15.82
N ILE A 240 18.94 23.05 -14.95
CA ILE A 240 19.33 23.46 -13.62
C ILE A 240 20.68 24.14 -13.69
N THR A 241 20.80 25.26 -13.00
CA THR A 241 22.04 25.99 -12.90
C THR A 241 22.33 26.23 -11.43
N ALA A 242 23.52 26.76 -11.16
CA ALA A 242 23.81 27.28 -9.84
C ALA A 242 22.84 28.39 -9.44
N GLY A 243 22.26 29.10 -10.41
CA GLY A 243 21.38 30.21 -10.14
C GLY A 243 19.95 29.83 -9.83
N ASN A 244 19.44 28.74 -10.41
CA ASN A 244 18.09 28.27 -10.12
C ASN A 244 18.09 27.02 -9.24
N ALA A 245 19.23 26.69 -8.65
CA ALA A 245 19.33 25.71 -7.58
C ALA A 245 19.66 26.46 -6.30
N SER A 246 19.21 25.92 -5.17
CA SER A 246 19.67 26.48 -3.93
C SER A 246 21.18 26.38 -3.86
N PRO A 247 21.81 27.22 -3.06
CA PRO A 247 23.24 27.04 -2.80
C PRO A 247 23.43 25.93 -1.79
N LEU A 248 24.69 25.77 -1.40
CA LEU A 248 25.11 25.07 -0.22
C LEU A 248 25.34 26.15 0.82
N ASN A 249 24.83 25.96 2.02
CA ASN A 249 24.87 27.08 2.95
C ASN A 249 25.12 26.60 4.36
N ASP A 250 25.44 27.55 5.22
CA ASP A 250 25.56 27.27 6.63
C ASP A 250 24.50 28.08 7.33
N GLY A 251 23.97 27.53 8.41
CA GLY A 251 23.01 28.27 9.15
C GLY A 251 22.34 27.38 10.15
N ALA A 252 21.72 28.00 11.14
CA ALA A 252 20.90 27.32 12.11
C ALA A 252 19.62 28.10 12.30
N ALA A 253 18.56 27.39 12.64
CA ALA A 253 17.28 27.97 13.00
C ALA A 253 16.83 27.26 14.24
N ALA A 254 16.07 27.94 15.09
CA ALA A 254 15.50 27.22 16.22
C ALA A 254 14.16 27.84 16.56
N LEU A 255 13.20 26.98 16.85
CA LEU A 255 11.84 27.38 17.19
C LEU A 255 11.60 27.01 18.63
N LEU A 256 11.07 27.96 19.38
CA LEU A 256 10.56 27.70 20.72
C LEU A 256 9.12 27.26 20.56
N ILE A 257 8.85 26.02 20.96
CA ILE A 257 7.55 25.42 20.72
C ILE A 257 6.96 25.01 22.05
N GLY A 258 5.68 25.31 22.25
CA GLY A 258 5.07 24.95 23.51
C GLY A 258 3.57 24.90 23.41
N ASP A 259 2.96 24.22 24.38
CA ASP A 259 1.52 24.28 24.53
C ASP A 259 1.15 25.60 25.17
N ALA A 260 -0.14 25.78 25.43
CA ALA A 260 -0.61 26.99 26.08
C ALA A 260 0.08 27.17 27.44
N ALA A 261 0.26 26.07 28.17
CA ALA A 261 0.95 26.17 29.46
C ALA A 261 2.35 26.73 29.29
N ALA A 262 3.11 26.21 28.31
CA ALA A 262 4.42 26.77 28.01
C ALA A 262 4.32 28.23 27.61
N ALA A 263 3.36 28.57 26.76
CA ALA A 263 3.26 29.93 26.27
C ALA A 263 3.14 30.90 27.42
N GLU A 264 2.25 30.61 28.38
CA GLU A 264 2.09 31.43 29.57
C GLU A 264 3.36 31.42 30.41
N ARG A 265 3.92 30.24 30.64
CA ARG A 265 5.14 30.11 31.43
C ARG A 265 6.27 30.95 30.86
N VAL A 266 6.40 30.94 29.53
CA VAL A 266 7.51 31.62 28.87
C VAL A 266 7.21 33.09 28.63
N GLY A 267 5.95 33.50 28.76
CA GLY A 267 5.57 34.88 28.51
C GLY A 267 5.59 35.24 27.05
N ARG A 268 5.21 34.31 26.18
CA ARG A 268 5.25 34.54 24.74
C ARG A 268 3.88 34.30 24.14
N GLU A 269 3.41 35.24 23.39
CA GLU A 269 2.19 35.02 22.65
C GLU A 269 2.53 34.17 21.45
N PRO A 270 1.85 33.04 21.26
CA PRO A 270 2.18 32.16 20.13
C PRO A 270 2.23 32.93 18.82
N LEU A 271 3.26 32.66 18.02
CA LEU A 271 3.26 33.14 16.66
C LEU A 271 2.17 32.47 15.84
N ALA A 272 2.05 31.15 15.98
CA ALA A 272 1.11 30.37 15.21
C ALA A 272 0.90 29.05 15.93
N ARG A 273 -0.26 28.44 15.68
CA ARG A 273 -0.46 27.07 16.11
C ARG A 273 0.09 26.11 15.08
N ILE A 274 0.74 25.05 15.55
CA ILE A 274 1.13 23.99 14.66
C ILE A 274 -0.08 23.07 14.59
N VAL A 275 -0.78 23.11 13.47
CA VAL A 275 -2.04 22.38 13.35
C VAL A 275 -1.80 20.95 12.95
N SER A 276 -0.90 20.72 12.00
CA SER A 276 -0.85 19.39 11.40
C SER A 276 0.48 19.24 10.70
N ARG A 277 0.77 18.00 10.36
CA ARG A 277 2.01 17.74 9.61
C ARG A 277 1.76 16.53 8.72
N GLY A 278 2.61 16.42 7.73
CA GLY A 278 2.53 15.30 6.81
C GLY A 278 3.94 14.88 6.49
N VAL A 279 4.07 13.60 6.19
CA VAL A 279 5.29 13.06 5.65
C VAL A 279 4.91 12.20 4.47
N ALA A 280 5.76 12.18 3.46
CA ALA A 280 5.51 11.31 2.34
C ALA A 280 6.86 10.91 1.79
N ALA A 281 6.84 9.87 0.97
CA ALA A 281 8.06 9.43 0.35
C ALA A 281 7.73 8.97 -1.04
N VAL A 282 8.68 9.18 -1.94
CA VAL A 282 8.52 8.93 -3.36
C VAL A 282 9.76 8.21 -3.82
N ASP A 283 9.78 7.82 -5.09
CA ASP A 283 11.02 7.34 -5.66
C ASP A 283 12.11 8.36 -5.40
N PRO A 284 13.26 7.94 -4.90
CA PRO A 284 14.35 8.90 -4.65
C PRO A 284 14.67 9.76 -5.85
N ASP A 285 14.43 9.25 -7.06
CA ASP A 285 14.83 10.02 -8.24
C ASP A 285 13.77 11.06 -8.60
N VAL A 286 12.66 11.11 -7.87
CA VAL A 286 11.74 12.25 -8.01
C VAL A 286 11.59 12.96 -6.66
N PHE A 287 12.63 12.94 -5.83
CA PHE A 287 12.54 13.53 -4.49
C PHE A 287 12.00 14.95 -4.50
N GLY A 288 12.27 15.70 -5.58
CA GLY A 288 11.77 17.05 -5.66
C GLY A 288 10.29 17.16 -5.34
N ILE A 289 9.52 16.14 -5.71
CA ILE A 289 8.08 16.18 -5.52
C ILE A 289 7.65 15.40 -4.29
N GLY A 290 8.62 14.94 -3.48
CA GLY A 290 8.30 14.34 -2.20
C GLY A 290 7.30 15.08 -1.34
N PRO A 291 7.33 16.43 -1.32
CA PRO A 291 6.37 17.17 -0.47
C PRO A 291 4.94 17.10 -0.95
N VAL A 292 4.69 16.76 -2.21
CA VAL A 292 3.34 16.92 -2.78
C VAL A 292 2.31 16.22 -1.92
N GLN A 293 2.52 14.93 -1.69
CA GLN A 293 1.58 14.19 -0.86
C GLN A 293 1.68 14.61 0.61
N ALA A 294 2.88 14.97 1.07
CA ALA A 294 3.03 15.34 2.47
C ALA A 294 2.18 16.56 2.78
N ALA A 295 2.20 17.57 1.90
CA ALA A 295 1.36 18.75 2.05
C ALA A 295 -0.12 18.41 1.98
N GLU A 296 -0.52 17.55 1.03
CA GLU A 296 -1.91 17.14 0.95
C GLU A 296 -2.36 16.50 2.25
N ILE A 297 -1.52 15.64 2.82
CA ILE A 297 -1.81 15.03 4.12
C ILE A 297 -1.98 16.10 5.19
N ALA A 298 -0.99 16.99 5.33
CA ALA A 298 -1.06 18.01 6.36
C ALA A 298 -2.31 18.87 6.18
N LEU A 299 -2.62 19.23 4.93
CA LEU A 299 -3.82 20.03 4.66
C LEU A 299 -5.07 19.27 5.09
N ARG A 300 -5.17 18.01 4.67
CA ARG A 300 -6.32 17.20 5.05
C ARG A 300 -6.43 17.10 6.56
N ARG A 301 -5.30 16.88 7.24
CA ARG A 301 -5.35 16.73 8.68
C ARG A 301 -5.72 18.04 9.36
N ALA A 302 -5.38 19.16 8.74
CA ALA A 302 -5.77 20.46 9.28
C ALA A 302 -7.21 20.79 8.95
N GLY A 303 -7.84 20.01 8.08
CA GLY A 303 -9.19 20.27 7.64
C GLY A 303 -9.28 21.37 6.61
N ILE A 304 -8.19 21.72 5.95
CA ILE A 304 -8.20 22.85 5.02
C ILE A 304 -7.75 22.38 3.65
N GLY A 305 -7.96 23.27 2.68
CA GLY A 305 -7.54 23.04 1.32
C GLY A 305 -6.49 24.07 0.95
N TRP A 306 -5.98 23.90 -0.27
CA TRP A 306 -5.05 24.89 -0.80
C TRP A 306 -5.69 26.28 -0.79
N ASP A 307 -7.01 26.32 -0.99
CA ASP A 307 -7.83 27.54 -0.89
C ASP A 307 -7.50 28.37 0.32
N ASP A 308 -7.34 27.71 1.46
CA ASP A 308 -7.38 28.38 2.74
C ASP A 308 -6.06 28.95 3.16
N LEU A 309 -5.02 28.65 2.41
CA LEU A 309 -3.69 29.07 2.80
C LEU A 309 -3.51 30.49 2.37
N SER A 310 -2.94 31.26 3.26
CA SER A 310 -2.47 32.56 2.85
C SER A 310 -0.97 32.59 2.63
N VAL A 311 -0.20 31.67 3.19
CA VAL A 311 1.23 31.61 2.92
C VAL A 311 1.63 30.16 2.73
N VAL A 312 2.52 29.93 1.78
CA VAL A 312 3.16 28.63 1.60
C VAL A 312 4.67 28.85 1.63
N GLU A 313 5.34 28.11 2.48
CA GLU A 313 6.79 28.08 2.48
C GLU A 313 7.17 26.74 1.89
N LEU A 314 7.58 26.77 0.64
CA LEU A 314 8.00 25.60 -0.11
C LEU A 314 9.50 25.68 -0.24
N ASN A 315 10.22 24.78 0.42
CA ASN A 315 11.66 24.92 0.40
C ASN A 315 12.17 24.82 -1.02
N GLU A 316 12.98 25.79 -1.41
CA GLU A 316 13.46 25.87 -2.79
C GLU A 316 14.79 25.12 -2.95
N ALA A 317 14.71 23.79 -2.93
CA ALA A 317 15.91 23.02 -3.24
C ALA A 317 16.40 23.36 -4.64
N PHE A 318 15.47 23.43 -5.58
CA PHE A 318 15.71 23.81 -6.95
C PHE A 318 14.45 24.50 -7.42
N ALA A 319 14.62 25.54 -8.24
CA ALA A 319 13.47 26.15 -8.87
C ALA A 319 12.61 25.09 -9.53
N ALA A 320 13.23 24.17 -10.26
CA ALA A 320 12.48 23.15 -10.98
C ALA A 320 11.75 22.23 -10.02
N GLN A 321 12.40 21.86 -8.91
CA GLN A 321 11.72 21.07 -7.89
C GLN A 321 10.51 21.82 -7.34
N SER A 322 10.70 23.09 -6.99
CA SER A 322 9.58 23.82 -6.41
C SER A 322 8.47 23.99 -7.43
N LEU A 323 8.85 24.31 -8.66
CA LEU A 323 7.84 24.50 -9.70
C LEU A 323 7.10 23.21 -9.97
N ALA A 324 7.78 22.07 -9.92
CA ALA A 324 7.08 20.81 -10.10
C ALA A 324 6.07 20.58 -8.99
N CYS A 325 6.44 20.87 -7.76
CA CYS A 325 5.46 20.79 -6.68
C CYS A 325 4.26 21.68 -6.97
N LEU A 326 4.51 22.93 -7.37
CA LEU A 326 3.39 23.81 -7.71
C LEU A 326 2.52 23.21 -8.80
N LYS A 327 3.12 22.75 -9.91
CA LYS A 327 2.30 22.12 -10.94
C LYS A 327 1.43 21.00 -10.38
N LEU A 328 1.99 20.18 -9.48
CA LEU A 328 1.22 19.12 -8.86
C LEU A 328 0.32 19.59 -7.73
N TRP A 329 0.33 20.88 -7.42
CA TRP A 329 -0.60 21.47 -6.47
C TRP A 329 -1.42 22.50 -7.24
N PRO A 330 -2.22 22.07 -8.22
CA PRO A 330 -2.83 23.06 -9.14
C PRO A 330 -3.75 24.03 -8.43
N ASP A 331 -4.35 23.62 -7.32
CA ASP A 331 -5.19 24.51 -6.53
C ASP A 331 -4.40 25.53 -5.73
N LEU A 332 -3.09 25.40 -5.66
CA LEU A 332 -2.29 26.36 -4.92
C LEU A 332 -2.00 27.56 -5.81
N ASP A 333 -2.21 28.74 -5.27
CA ASP A 333 -1.83 29.93 -5.98
C ASP A 333 -0.33 30.11 -5.81
N PRO A 334 0.45 30.01 -6.89
CA PRO A 334 1.91 30.08 -6.78
C PRO A 334 2.34 31.38 -6.14
N GLU A 335 1.46 32.37 -6.27
CA GLU A 335 1.78 33.73 -5.82
C GLU A 335 2.02 33.78 -4.32
N ILE A 336 1.35 32.90 -3.56
CA ILE A 336 1.48 32.95 -2.11
C ILE A 336 2.68 32.16 -1.60
N VAL A 337 3.39 31.51 -2.50
CA VAL A 337 4.53 30.68 -2.14
C VAL A 337 5.74 31.56 -1.92
N ASN A 338 6.41 31.37 -0.78
CA ASN A 338 7.67 32.02 -0.45
C ASN A 338 7.63 33.54 -0.65
N PRO A 339 6.68 34.23 -0.01
CA PRO A 339 6.53 35.68 -0.23
C PRO A 339 7.79 36.46 0.07
N ASN A 340 8.64 35.94 0.95
CA ASN A 340 9.88 36.59 1.31
C ASN A 340 11.09 35.88 0.71
N GLY A 341 10.88 35.18 -0.39
CA GLY A 341 11.94 34.47 -1.04
C GLY A 341 12.09 33.09 -0.45
N GLY A 342 12.92 32.29 -1.10
CA GLY A 342 13.17 30.98 -0.54
C GLY A 342 14.61 30.62 -0.70
N ALA A 343 14.88 29.33 -0.54
CA ALA A 343 16.23 28.84 -0.34
C ALA A 343 17.16 29.14 -1.49
N ILE A 344 16.64 29.31 -2.70
CA ILE A 344 17.50 29.65 -3.84
C ILE A 344 18.35 30.86 -3.49
N ALA A 345 17.74 31.84 -2.85
CA ALA A 345 18.43 33.05 -2.47
C ALA A 345 18.84 33.04 -1.02
N ILE A 346 17.98 32.52 -0.15
CA ILE A 346 18.26 32.58 1.28
C ILE A 346 19.32 31.55 1.64
N GLY A 347 19.43 30.50 0.85
CA GLY A 347 20.35 29.44 1.15
C GLY A 347 19.62 28.23 1.73
N HIS A 348 20.31 27.10 1.68
CA HIS A 348 19.71 25.81 2.02
C HIS A 348 20.70 25.00 2.85
N PRO A 349 20.96 25.45 4.07
CA PRO A 349 21.78 24.65 4.98
C PRO A 349 20.84 23.57 5.47
N LEU A 350 21.00 22.40 4.85
CA LEU A 350 20.03 21.31 4.92
C LEU A 350 19.24 21.25 6.22
N GLY A 351 19.92 20.95 7.32
CA GLY A 351 19.21 20.77 8.57
C GLY A 351 18.41 21.99 8.99
N ALA A 352 18.94 23.18 8.71
CA ALA A 352 18.27 24.40 9.17
C ALA A 352 17.02 24.71 8.35
N SER A 353 17.00 24.33 7.07
CA SER A 353 15.98 24.86 6.16
C SER A 353 14.57 24.53 6.63
N GLY A 354 14.32 23.26 6.92
CA GLY A 354 12.98 22.87 7.32
C GLY A 354 12.51 23.54 8.58
N ALA A 355 13.43 23.93 9.46
CA ALA A 355 13.02 24.68 10.62
C ALA A 355 12.85 26.15 10.26
N ARG A 356 13.79 26.68 9.48
CA ARG A 356 13.66 28.04 9.03
C ARG A 356 12.30 28.28 8.41
N ILE A 357 11.86 27.40 7.50
CA ILE A 357 10.68 27.79 6.76
C ILE A 357 9.46 27.69 7.67
N VAL A 358 9.47 26.77 8.63
CA VAL A 358 8.38 26.77 9.59
C VAL A 358 8.44 28.03 10.44
N GLY A 359 9.63 28.41 10.88
CA GLY A 359 9.73 29.58 11.72
C GLY A 359 9.34 30.84 10.97
N THR A 360 9.80 30.96 9.72
CA THR A 360 9.47 32.17 8.98
C THR A 360 8.00 32.18 8.55
N LEU A 361 7.41 31.00 8.32
CA LEU A 361 5.98 30.91 8.08
C LEU A 361 5.19 31.45 9.27
N ALA A 362 5.60 31.07 10.48
CA ALA A 362 4.95 31.57 11.69
C ALA A 362 5.07 33.07 11.80
N HIS A 363 6.27 33.59 11.55
CA HIS A 363 6.43 35.03 11.59
C HIS A 363 5.59 35.72 10.55
N GLU A 364 5.52 35.14 9.35
CA GLU A 364 4.77 35.77 8.27
C GLU A 364 3.29 35.79 8.57
N LEU A 365 2.81 34.70 9.12
CA LEU A 365 1.45 34.60 9.52
C LEU A 365 1.24 35.65 10.59
N HIS A 366 2.22 35.82 11.46
CA HIS A 366 2.09 36.81 12.50
C HIS A 366 1.99 38.21 11.89
N ARG A 367 2.83 38.50 10.92
CA ARG A 367 2.84 39.77 10.27
C ARG A 367 1.53 40.05 9.61
N ARG A 368 0.96 38.99 9.05
CA ARG A 368 -0.28 39.13 8.31
C ARG A 368 -1.48 39.16 9.24
N GLY A 369 -1.27 39.11 10.55
CA GLY A 369 -2.37 39.09 11.49
C GLY A 369 -3.11 37.79 11.55
N GLY A 370 -2.54 36.73 10.98
CA GLY A 370 -3.06 35.39 11.14
C GLY A 370 -3.31 34.73 9.82
N GLY A 371 -3.90 33.54 9.88
CA GLY A 371 -4.21 32.77 8.70
C GLY A 371 -3.58 31.40 8.74
N TRP A 372 -3.86 30.63 7.69
CA TRP A 372 -3.33 29.31 7.52
C TRP A 372 -2.07 29.39 6.70
N GLY A 373 -1.05 28.69 7.15
CA GLY A 373 0.19 28.58 6.39
C GLY A 373 0.57 27.12 6.26
N LEU A 374 1.25 26.83 5.17
CA LEU A 374 1.80 25.50 4.95
C LEU A 374 3.29 25.67 4.69
N ALA A 375 4.10 24.88 5.38
CA ALA A 375 5.51 24.74 5.04
C ALA A 375 5.74 23.33 4.53
N ALA A 376 6.52 23.21 3.46
CA ALA A 376 6.73 21.94 2.83
C ALA A 376 8.18 21.90 2.39
N ILE A 377 8.79 20.72 2.49
CA ILE A 377 10.19 20.64 2.14
C ILE A 377 10.42 19.29 1.49
N CYS A 378 11.14 19.30 0.36
CA CYS A 378 11.52 18.06 -0.27
C CYS A 378 12.79 17.56 0.38
N ILE A 379 12.96 16.25 0.30
CA ILE A 379 14.05 15.60 0.97
C ILE A 379 14.77 14.65 0.05
N GLY A 380 16.09 14.68 0.09
CA GLY A 380 16.97 14.05 -0.86
C GLY A 380 16.83 12.63 -1.31
N VAL A 381 16.41 11.72 -0.47
CA VAL A 381 16.27 10.34 -0.91
C VAL A 381 14.82 9.99 -1.23
N GLY A 382 14.07 11.00 -1.67
CA GLY A 382 12.66 10.78 -2.00
C GLY A 382 11.71 10.93 -0.84
N GLN A 383 11.83 12.01 -0.07
CA GLN A 383 10.82 12.23 0.95
C GLN A 383 10.34 13.67 0.89
N GLY A 384 9.32 13.94 1.70
CA GLY A 384 8.79 15.28 1.80
C GLY A 384 8.09 15.38 3.13
N LEU A 385 8.16 16.56 3.71
CA LEU A 385 7.50 16.86 4.96
C LEU A 385 6.68 18.11 4.77
N ALA A 386 5.60 18.21 5.50
CA ALA A 386 4.83 19.43 5.45
C ALA A 386 4.29 19.69 6.84
N VAL A 387 4.12 20.97 7.13
CA VAL A 387 3.51 21.43 8.36
C VAL A 387 2.49 22.49 7.99
N VAL A 388 1.29 22.35 8.55
CA VAL A 388 0.28 23.41 8.52
C VAL A 388 0.35 24.18 9.81
N LEU A 389 0.46 25.49 9.70
CA LEU A 389 0.35 26.40 10.80
C LEU A 389 -0.94 27.18 10.67
N HIS A 390 -1.47 27.56 11.82
CA HIS A 390 -2.51 28.57 11.83
C HIS A 390 -2.25 29.56 12.94
N ARG A 391 -2.32 30.83 12.61
CA ARG A 391 -2.44 31.85 13.62
C ARG A 391 -3.88 32.32 13.63
N MET B 1 -17.57 -5.25 9.24
CA MET B 1 -18.01 -4.48 8.07
C MET B 1 -17.26 -3.16 7.94
N THR B 2 -16.73 -2.88 6.74
CA THR B 2 -15.85 -1.75 6.51
C THR B 2 -16.50 -0.80 5.52
N ASP B 3 -16.45 0.51 5.82
CA ASP B 3 -16.97 1.48 4.88
C ASP B 3 -16.11 1.53 3.64
N VAL B 4 -16.73 1.83 2.52
CA VAL B 4 -16.10 1.72 1.21
C VAL B 4 -16.33 3.01 0.45
N TYR B 5 -15.29 3.50 -0.18
CA TYR B 5 -15.30 4.82 -0.78
C TYR B 5 -14.89 4.73 -2.23
N ILE B 6 -15.52 5.54 -3.06
CA ILE B 6 -14.99 5.80 -4.38
C ILE B 6 -13.91 6.85 -4.20
N LEU B 7 -12.65 6.44 -4.36
CA LEU B 7 -11.54 7.38 -4.24
C LEU B 7 -11.35 8.19 -5.51
N ASP B 8 -11.64 7.61 -6.66
CA ASP B 8 -11.50 8.32 -7.91
C ASP B 8 -12.31 7.55 -8.94
N ALA B 9 -12.75 8.27 -9.96
CA ALA B 9 -13.54 7.67 -11.02
C ALA B 9 -13.12 8.35 -12.29
N VAL B 10 -12.73 7.56 -13.27
CA VAL B 10 -12.29 8.12 -14.53
C VAL B 10 -12.83 7.29 -15.67
N ARG B 11 -12.91 7.92 -16.83
CA ARG B 11 -13.34 7.20 -17.98
C ARG B 11 -12.92 7.90 -19.24
N THR B 12 -12.71 7.11 -20.28
CA THR B 12 -12.54 7.69 -21.57
C THR B 12 -13.81 8.42 -21.95
N PRO B 13 -13.72 9.41 -22.84
CA PRO B 13 -14.90 9.80 -23.59
C PRO B 13 -15.36 8.55 -24.30
N PHE B 14 -16.65 8.49 -24.60
CA PHE B 14 -17.15 7.30 -25.26
C PHE B 14 -17.19 7.54 -26.76
N GLY B 15 -16.62 6.59 -27.52
CA GLY B 15 -16.67 6.67 -28.96
C GLY B 15 -17.98 6.12 -29.49
N ARG B 16 -18.41 6.65 -30.62
CA ARG B 16 -19.61 6.02 -31.15
C ARG B 16 -19.23 4.75 -31.90
N TYR B 17 -20.24 3.98 -32.29
CA TYR B 17 -20.00 2.75 -32.99
C TYR B 17 -19.20 3.01 -34.27
N GLY B 18 -18.09 2.28 -34.44
CA GLY B 18 -17.22 2.54 -35.59
C GLY B 18 -16.59 3.90 -35.57
N GLY B 19 -16.57 4.57 -34.43
CA GLY B 19 -16.15 5.96 -34.35
C GLY B 19 -14.74 6.12 -33.82
N ALA B 20 -14.56 7.13 -32.97
CA ALA B 20 -13.22 7.60 -32.66
C ALA B 20 -12.41 6.60 -31.85
N LEU B 21 -13.04 5.72 -31.07
CA LEU B 21 -12.28 4.72 -30.34
C LEU B 21 -12.38 3.34 -30.98
N SER B 22 -12.98 3.23 -32.16
CA SER B 22 -13.20 1.93 -32.77
C SER B 22 -11.89 1.25 -33.15
N GLY B 23 -10.79 1.98 -33.19
CA GLY B 23 -9.48 1.42 -33.42
C GLY B 23 -8.76 0.99 -32.17
N ILE B 24 -9.37 1.23 -31.01
CA ILE B 24 -8.74 0.93 -29.74
C ILE B 24 -9.29 -0.38 -29.25
N ARG B 25 -8.41 -1.37 -29.10
CA ARG B 25 -8.80 -2.66 -28.56
C ARG B 25 -9.45 -2.47 -27.20
N PRO B 26 -10.46 -3.27 -26.86
CA PRO B 26 -11.09 -3.10 -25.53
C PRO B 26 -10.13 -3.34 -24.38
N ASP B 27 -9.19 -4.29 -24.51
CA ASP B 27 -8.23 -4.47 -23.43
C ASP B 27 -7.37 -3.21 -23.27
N ASP B 28 -7.09 -2.51 -24.37
CA ASP B 28 -6.34 -1.26 -24.27
C ASP B 28 -7.20 -0.15 -23.66
N LEU B 29 -8.50 -0.12 -23.99
CA LEU B 29 -9.40 0.82 -23.32
C LEU B 29 -9.37 0.61 -21.83
N ALA B 30 -9.46 -0.64 -21.40
CA ALA B 30 -9.42 -0.96 -19.98
C ALA B 30 -8.06 -0.60 -19.40
N ALA B 31 -7.00 -1.07 -20.06
CA ALA B 31 -5.65 -0.69 -19.65
C ALA B 31 -5.52 0.82 -19.53
N HIS B 32 -6.14 1.56 -20.45
CA HIS B 32 -5.95 3.01 -20.43
C HIS B 32 -6.54 3.64 -19.17
N VAL B 33 -7.77 3.24 -18.79
CA VAL B 33 -8.36 3.88 -17.62
C VAL B 33 -7.60 3.46 -16.38
N LEU B 34 -7.00 2.27 -16.41
CA LEU B 34 -6.12 1.88 -15.33
C LEU B 34 -4.92 2.80 -15.28
N ARG B 35 -4.26 2.97 -16.42
CA ARG B 35 -3.19 3.97 -16.54
C ARG B 35 -3.65 5.31 -16.01
N ALA B 36 -4.83 5.74 -16.43
CA ALA B 36 -5.36 7.03 -15.99
C ALA B 36 -5.53 7.07 -14.48
N LEU B 37 -6.13 6.03 -13.91
CA LEU B 37 -6.25 5.95 -12.45
C LEU B 37 -4.88 6.15 -11.78
N ALA B 38 -3.86 5.44 -12.26
CA ALA B 38 -2.54 5.57 -11.64
C ALA B 38 -1.98 6.97 -11.83
N GLU B 39 -2.21 7.55 -13.00
CA GLU B 39 -1.74 8.86 -13.31
C GLU B 39 -2.39 9.91 -12.44
N ARG B 40 -3.69 9.78 -12.28
CA ARG B 40 -4.51 10.68 -11.51
C ARG B 40 -4.20 10.69 -10.04
N SER B 41 -3.69 9.58 -9.54
CA SER B 41 -3.37 9.48 -8.14
C SER B 41 -1.92 9.09 -7.92
N PRO B 42 -1.02 10.07 -7.83
CA PRO B 42 0.40 9.74 -7.64
C PRO B 42 0.65 8.97 -6.36
N GLY B 43 -0.15 9.20 -5.32
CA GLY B 43 -0.10 8.39 -4.11
C GLY B 43 -0.55 6.96 -4.29
N LEU B 44 -1.21 6.65 -5.40
CA LEU B 44 -1.59 5.28 -5.70
C LEU B 44 -0.37 4.51 -6.19
N ASP B 45 0.09 3.60 -5.37
CA ASP B 45 0.98 2.57 -5.87
C ASP B 45 0.10 1.45 -6.39
N PRO B 46 0.11 1.17 -7.69
CA PRO B 46 -0.73 0.11 -8.24
C PRO B 46 -0.59 -1.22 -7.54
N ALA B 47 0.60 -1.54 -7.04
CA ALA B 47 0.79 -2.76 -6.26
C ALA B 47 -0.15 -2.82 -5.05
N ALA B 48 -0.59 -1.68 -4.55
CA ALA B 48 -1.53 -1.69 -3.43
C ALA B 48 -2.94 -2.08 -3.85
N VAL B 49 -3.23 -2.15 -5.15
CA VAL B 49 -4.56 -2.52 -5.59
C VAL B 49 -4.72 -4.02 -5.34
N ASP B 50 -5.72 -4.37 -4.53
CA ASP B 50 -5.88 -5.77 -4.11
C ASP B 50 -6.56 -6.60 -5.18
N ASP B 51 -7.36 -5.98 -6.02
CA ASP B 51 -8.05 -6.70 -7.07
C ASP B 51 -8.53 -5.66 -8.05
N VAL B 52 -8.58 -6.06 -9.31
CA VAL B 52 -9.12 -5.24 -10.40
C VAL B 52 -10.35 -5.94 -10.94
N PHE B 53 -11.48 -5.29 -10.86
CA PHE B 53 -12.74 -5.79 -11.37
C PHE B 53 -13.07 -5.01 -12.63
N PHE B 54 -13.40 -5.71 -13.69
CA PHE B 54 -13.86 -5.04 -14.89
C PHE B 54 -15.15 -5.71 -15.33
N GLY B 55 -16.17 -4.88 -15.51
CA GLY B 55 -17.36 -5.33 -16.19
C GLY B 55 -17.09 -5.32 -17.69
N ASP B 56 -17.63 -6.32 -18.35
CA ASP B 56 -17.42 -6.47 -19.79
C ASP B 56 -18.54 -7.40 -20.25
N ALA B 57 -19.43 -6.88 -21.07
CA ALA B 57 -20.59 -7.61 -21.53
C ALA B 57 -20.24 -8.58 -22.64
N ASN B 58 -19.03 -8.53 -23.17
CA ASN B 58 -18.67 -9.35 -24.31
C ASN B 58 -17.47 -10.21 -23.97
N GLY B 59 -16.29 -9.70 -24.27
CA GLY B 59 -15.11 -10.46 -23.96
C GLY B 59 -14.75 -11.51 -24.99
N ALA B 60 -15.56 -11.68 -26.02
CA ALA B 60 -15.19 -12.67 -27.04
C ALA B 60 -14.04 -12.17 -27.90
N GLY B 61 -13.87 -10.86 -28.02
CA GLY B 61 -12.84 -10.30 -28.88
C GLY B 61 -11.51 -10.09 -28.21
N GLU B 62 -10.94 -8.90 -28.39
CA GLU B 62 -9.58 -8.69 -27.93
C GLU B 62 -9.51 -8.57 -26.42
N ASP B 63 -10.67 -8.41 -25.77
CA ASP B 63 -10.75 -8.38 -24.32
C ASP B 63 -10.99 -9.76 -23.73
N ASN B 64 -10.66 -10.80 -24.48
CA ASN B 64 -10.91 -12.16 -24.03
C ASN B 64 -9.98 -12.54 -22.89
N ARG B 65 -10.37 -13.60 -22.20
CA ARG B 65 -9.61 -14.24 -21.13
C ARG B 65 -9.26 -13.27 -20.01
N ASN B 66 -10.31 -12.62 -19.52
CA ASN B 66 -10.25 -11.85 -18.29
C ASN B 66 -9.56 -10.52 -18.55
N VAL B 67 -10.31 -9.60 -19.17
CA VAL B 67 -9.77 -8.29 -19.55
C VAL B 67 -9.27 -7.52 -18.34
N ALA B 68 -9.86 -7.71 -17.16
CA ALA B 68 -9.36 -6.99 -15.98
C ALA B 68 -7.90 -7.33 -15.76
N ARG B 69 -7.58 -8.60 -15.79
CA ARG B 69 -6.22 -9.05 -15.61
C ARG B 69 -5.31 -8.58 -16.75
N MET B 70 -5.79 -8.71 -17.97
CA MET B 70 -5.02 -8.28 -19.10
C MET B 70 -4.75 -6.79 -18.99
N ALA B 71 -5.78 -6.05 -18.60
CA ALA B 71 -5.68 -4.63 -18.51
C ALA B 71 -4.66 -4.20 -17.50
N ALA B 72 -4.64 -4.84 -16.36
CA ALA B 72 -3.64 -4.49 -15.34
C ALA B 72 -2.23 -4.72 -15.89
N LEU B 73 -2.05 -5.83 -16.59
CA LEU B 73 -0.74 -6.13 -17.18
C LEU B 73 -0.39 -5.11 -18.25
N LEU B 74 -1.36 -4.79 -19.11
CA LEU B 74 -1.15 -3.83 -20.17
C LEU B 74 -0.91 -2.44 -19.63
N ALA B 75 -1.55 -2.11 -18.50
CA ALA B 75 -1.35 -0.81 -17.88
C ALA B 75 0.02 -0.68 -17.24
N GLY B 76 0.82 -1.74 -17.27
CA GLY B 76 2.12 -1.72 -16.62
C GLY B 76 2.05 -1.85 -15.12
N TRP B 77 0.98 -2.43 -14.60
CA TRP B 77 0.86 -2.63 -13.18
C TRP B 77 1.59 -3.90 -12.78
N PRO B 78 1.97 -4.00 -11.51
CA PRO B 78 2.68 -5.20 -11.07
C PRO B 78 1.85 -6.42 -11.38
N THR B 79 2.53 -7.49 -11.76
CA THR B 79 1.83 -8.74 -11.99
C THR B 79 1.19 -9.27 -10.74
N SER B 80 1.50 -8.70 -9.57
CA SER B 80 0.87 -9.11 -8.34
C SER B 80 -0.55 -8.60 -8.20
N VAL B 81 -1.00 -7.74 -9.11
CA VAL B 81 -2.36 -7.21 -9.03
C VAL B 81 -3.33 -8.16 -9.72
N PRO B 82 -4.24 -8.76 -8.97
CA PRO B 82 -5.20 -9.67 -9.59
C PRO B 82 -6.27 -8.91 -10.34
N GLY B 83 -6.92 -9.62 -11.23
CA GLY B 83 -8.02 -9.05 -11.95
C GLY B 83 -9.06 -10.09 -12.24
N VAL B 84 -10.30 -9.64 -12.22
CA VAL B 84 -11.45 -10.50 -12.52
C VAL B 84 -12.41 -9.69 -13.38
N THR B 85 -13.02 -10.39 -14.32
CA THR B 85 -13.93 -9.78 -15.25
C THR B 85 -15.32 -10.31 -14.95
N LEU B 86 -16.28 -9.43 -15.01
CA LEU B 86 -17.63 -9.77 -14.61
C LEU B 86 -18.56 -9.39 -15.74
N ASN B 87 -19.54 -10.24 -15.95
CA ASN B 87 -20.51 -10.08 -17.01
C ASN B 87 -21.86 -10.10 -16.32
N ARG B 88 -22.45 -8.94 -16.12
CA ARG B 88 -23.89 -8.95 -15.96
C ARG B 88 -24.41 -8.06 -17.06
N LEU B 89 -24.13 -8.47 -18.30
CA LEU B 89 -24.36 -7.75 -19.53
C LEU B 89 -24.24 -6.24 -19.34
N CYS B 90 -25.35 -5.55 -19.59
CA CYS B 90 -25.36 -4.09 -19.61
C CYS B 90 -24.96 -3.48 -18.29
N GLY B 91 -25.13 -4.21 -17.20
CA GLY B 91 -24.82 -3.69 -15.88
C GLY B 91 -23.46 -4.09 -15.39
N SER B 92 -22.64 -4.71 -16.24
CA SER B 92 -21.40 -5.31 -15.78
C SER B 92 -20.51 -4.28 -15.10
N GLY B 93 -20.51 -3.04 -15.59
CA GLY B 93 -19.67 -2.05 -14.98
C GLY B 93 -20.12 -1.70 -13.58
N MET B 94 -21.42 -1.86 -13.31
CA MET B 94 -21.84 -1.56 -11.96
C MET B 94 -21.69 -2.79 -11.10
N GLU B 95 -21.86 -3.98 -11.71
CA GLU B 95 -21.48 -5.20 -11.03
C GLU B 95 -20.05 -5.13 -10.56
N SER B 96 -19.12 -4.64 -11.41
CA SER B 96 -17.74 -4.61 -10.93
C SER B 96 -17.60 -3.63 -9.78
N VAL B 97 -18.32 -2.50 -9.82
CA VAL B 97 -18.30 -1.60 -8.66
C VAL B 97 -18.75 -2.35 -7.42
N ILE B 98 -19.90 -3.02 -7.54
CA ILE B 98 -20.45 -3.79 -6.43
C ILE B 98 -19.48 -4.86 -5.98
N ALA B 99 -18.87 -5.56 -6.95
CA ALA B 99 -17.95 -6.63 -6.59
C ALA B 99 -16.78 -6.08 -5.78
N ALA B 100 -16.18 -4.98 -6.26
CA ALA B 100 -15.08 -4.36 -5.53
C ALA B 100 -15.56 -3.85 -4.18
N ASN B 101 -16.72 -3.19 -4.19
CA ASN B 101 -17.34 -2.72 -2.96
C ASN B 101 -17.43 -3.84 -1.93
N ARG B 102 -17.90 -5.02 -2.37
CA ARG B 102 -18.07 -6.11 -1.43
C ARG B 102 -16.72 -6.61 -0.96
N ALA B 103 -15.76 -6.71 -1.88
CA ALA B 103 -14.44 -7.20 -1.51
C ALA B 103 -13.86 -6.34 -0.40
N ILE B 104 -14.03 -5.02 -0.51
CA ILE B 104 -13.51 -4.14 0.52
C ILE B 104 -14.38 -4.20 1.77
N ALA B 105 -15.71 -4.23 1.58
CA ALA B 105 -16.60 -4.20 2.74
C ALA B 105 -16.30 -5.36 3.69
N VAL B 106 -16.01 -6.55 3.13
CA VAL B 106 -15.73 -7.72 3.96
C VAL B 106 -14.28 -7.78 4.39
N GLY B 107 -13.46 -6.82 4.00
CA GLY B 107 -12.09 -6.87 4.38
C GLY B 107 -11.21 -7.76 3.53
N ASP B 108 -11.75 -8.36 2.45
CA ASP B 108 -10.87 -9.09 1.52
C ASP B 108 -9.96 -8.16 0.76
N ALA B 109 -10.30 -6.88 0.71
CA ALA B 109 -9.51 -5.91 -0.01
C ALA B 109 -9.57 -4.63 0.77
N SER B 110 -8.51 -3.83 0.62
CA SER B 110 -8.51 -2.46 1.08
C SER B 110 -8.67 -1.49 -0.07
N LEU B 111 -8.14 -1.85 -1.23
CA LEU B 111 -8.07 -0.95 -2.36
C LEU B 111 -8.40 -1.79 -3.59
N ALA B 112 -9.34 -1.32 -4.39
CA ALA B 112 -9.68 -2.11 -5.56
C ALA B 112 -9.98 -1.17 -6.70
N VAL B 113 -9.94 -1.70 -7.92
CA VAL B 113 -10.39 -0.97 -9.08
C VAL B 113 -11.62 -1.68 -9.59
N ALA B 114 -12.66 -0.91 -9.82
CA ALA B 114 -13.85 -1.42 -10.48
C ALA B 114 -13.95 -0.66 -11.78
N GLY B 115 -13.73 -1.37 -12.87
CA GLY B 115 -13.83 -0.80 -14.19
C GLY B 115 -14.98 -1.43 -14.94
N GLY B 116 -15.27 -0.81 -16.08
CA GLY B 116 -16.13 -1.41 -17.08
C GLY B 116 -15.56 -1.01 -18.41
N VAL B 117 -15.68 -1.88 -19.39
CA VAL B 117 -15.15 -1.61 -20.72
C VAL B 117 -16.03 -2.32 -21.73
N GLU B 118 -16.28 -1.66 -22.85
CA GLU B 118 -16.90 -2.32 -23.97
C GLU B 118 -16.33 -1.69 -25.21
N SER B 119 -15.89 -2.52 -26.14
CA SER B 119 -15.66 -2.06 -27.49
C SER B 119 -16.76 -2.73 -28.29
N MET B 120 -17.88 -2.05 -28.44
CA MET B 120 -18.92 -2.63 -29.26
C MET B 120 -18.52 -2.56 -30.74
N SER B 121 -17.72 -1.56 -31.10
CA SER B 121 -17.20 -1.48 -32.47
C SER B 121 -16.46 -2.75 -32.83
N ARG B 122 -15.57 -3.21 -31.94
CA ARG B 122 -14.73 -4.36 -32.19
C ARG B 122 -15.30 -5.63 -31.62
N ALA B 123 -16.57 -5.63 -31.25
CA ALA B 123 -17.25 -6.88 -30.95
C ALA B 123 -17.06 -7.84 -32.12
N PRO B 124 -16.38 -8.95 -31.95
CA PRO B 124 -16.09 -9.83 -33.08
C PRO B 124 -17.29 -10.71 -33.44
N TRP B 125 -17.05 -11.52 -34.47
CA TRP B 125 -17.92 -12.63 -34.77
C TRP B 125 -17.52 -13.83 -33.96
N VAL B 126 -18.50 -14.69 -33.72
CA VAL B 126 -18.27 -15.96 -33.08
C VAL B 126 -18.83 -17.01 -34.01
N LEU B 127 -18.03 -18.02 -34.27
CA LEU B 127 -18.44 -19.15 -35.13
C LEU B 127 -18.42 -20.42 -34.29
N PRO B 128 -19.56 -21.04 -34.03
CA PRO B 128 -19.55 -22.34 -33.35
C PRO B 128 -18.78 -23.37 -34.16
N LYS B 129 -18.11 -24.22 -33.45
CA LYS B 129 -17.41 -25.35 -34.05
C LYS B 129 -18.38 -26.50 -34.30
N PRO B 130 -18.20 -27.24 -35.41
CA PRO B 130 -19.01 -28.43 -35.62
C PRO B 130 -18.63 -29.53 -34.65
N ALA B 131 -19.64 -30.27 -34.17
CA ALA B 131 -19.40 -31.43 -33.33
C ALA B 131 -18.85 -32.61 -34.13
N GLN B 132 -19.03 -32.60 -35.44
CA GLN B 132 -18.59 -33.70 -36.27
C GLN B 132 -17.78 -33.13 -37.42
N GLY B 133 -16.95 -33.96 -38.01
CA GLY B 133 -16.17 -33.52 -39.14
C GLY B 133 -17.05 -33.25 -40.34
N PHE B 134 -16.51 -32.50 -41.29
CA PHE B 134 -17.18 -32.16 -42.55
C PHE B 134 -18.66 -31.83 -42.31
N PRO B 135 -18.96 -30.81 -41.52
CA PRO B 135 -20.35 -30.35 -41.46
C PRO B 135 -20.79 -29.99 -42.86
N THR B 136 -22.01 -30.30 -43.19
CA THR B 136 -22.44 -29.99 -44.52
C THR B 136 -23.18 -28.71 -44.68
N GLY B 137 -23.90 -28.30 -43.65
CA GLY B 137 -24.72 -27.12 -43.74
C GLY B 137 -24.15 -25.75 -43.48
N HIS B 138 -24.92 -24.76 -43.88
CA HIS B 138 -24.60 -23.37 -43.67
C HIS B 138 -24.69 -23.12 -42.17
N GLU B 139 -23.74 -22.37 -41.63
CA GLU B 139 -23.70 -21.95 -40.25
C GLU B 139 -23.89 -20.44 -40.15
N THR B 140 -24.28 -20.02 -38.96
CA THR B 140 -24.37 -18.61 -38.65
C THR B 140 -23.07 -18.15 -38.02
N LEU B 141 -22.51 -17.09 -38.58
CA LEU B 141 -21.42 -16.36 -37.97
C LEU B 141 -22.07 -15.30 -37.11
N TYR B 142 -22.04 -15.48 -35.80
CA TYR B 142 -22.77 -14.60 -34.90
C TYR B 142 -21.97 -13.33 -34.66
N SER B 143 -22.59 -12.19 -34.85
CA SER B 143 -22.00 -10.95 -34.41
C SER B 143 -22.28 -10.82 -32.93
N THR B 144 -21.25 -10.47 -32.16
CA THR B 144 -21.41 -10.26 -30.74
C THR B 144 -21.75 -8.82 -30.43
N THR B 145 -22.02 -8.01 -31.46
CA THR B 145 -22.23 -6.59 -31.25
C THR B 145 -23.51 -6.32 -30.49
N LEU B 146 -24.57 -7.05 -30.81
CA LEU B 146 -25.90 -6.65 -30.43
C LEU B 146 -26.74 -7.91 -30.29
N GLY B 147 -27.49 -7.98 -29.21
CA GLY B 147 -28.58 -8.89 -29.12
C GLY B 147 -28.18 -10.34 -28.89
N TRP B 148 -29.20 -11.18 -29.02
CA TRP B 148 -29.04 -12.60 -28.76
C TRP B 148 -28.27 -13.27 -29.88
N ARG B 149 -27.55 -14.31 -29.50
CA ARG B 149 -26.78 -15.06 -30.47
C ARG B 149 -26.63 -16.46 -29.91
N MET B 150 -26.56 -17.44 -30.80
CA MET B 150 -26.43 -18.81 -30.34
C MET B 150 -27.54 -19.08 -29.32
N VAL B 151 -28.76 -18.68 -29.67
CA VAL B 151 -29.87 -18.76 -28.73
C VAL B 151 -30.19 -20.20 -28.44
N ASN B 152 -30.40 -20.48 -27.17
CA ASN B 152 -30.79 -21.81 -26.77
C ASN B 152 -32.21 -22.07 -27.23
N PRO B 153 -32.48 -23.20 -27.89
CA PRO B 153 -33.84 -23.48 -28.36
C PRO B 153 -34.84 -23.54 -27.22
N ALA B 154 -34.42 -24.03 -26.07
CA ALA B 154 -35.27 -24.10 -24.89
C ALA B 154 -35.51 -22.73 -24.28
N MET B 155 -34.83 -21.69 -24.72
CA MET B 155 -35.06 -20.40 -24.11
C MET B 155 -36.41 -19.87 -24.60
N PRO B 156 -37.34 -19.54 -23.70
CA PRO B 156 -38.61 -18.99 -24.13
C PRO B 156 -38.42 -17.84 -25.10
N GLU B 157 -39.09 -17.95 -26.25
CA GLU B 157 -38.96 -16.97 -27.33
C GLU B 157 -39.30 -15.56 -26.86
N GLN B 158 -40.27 -15.43 -25.96
CA GLN B 158 -40.66 -14.10 -25.52
C GLN B 158 -39.51 -13.41 -24.80
N TRP B 159 -38.58 -14.17 -24.24
CA TRP B 159 -37.43 -13.57 -23.58
C TRP B 159 -36.30 -13.22 -24.52
N THR B 160 -36.32 -13.72 -25.76
CA THR B 160 -35.21 -13.48 -26.68
C THR B 160 -35.50 -12.38 -27.67
N VAL B 161 -36.55 -11.60 -27.43
CA VAL B 161 -36.78 -10.43 -28.24
C VAL B 161 -35.62 -9.46 -28.08
N SER B 162 -35.44 -8.63 -29.08
CA SER B 162 -34.44 -7.60 -29.03
C SER B 162 -34.70 -6.67 -27.85
N LEU B 163 -33.65 -6.00 -27.41
CA LEU B 163 -33.84 -5.02 -26.34
C LEU B 163 -34.80 -3.94 -26.79
N GLY B 164 -34.70 -3.52 -28.05
CA GLY B 164 -35.65 -2.53 -28.56
C GLY B 164 -37.08 -3.04 -28.57
N GLU B 165 -37.29 -4.28 -29.03
CA GLU B 165 -38.63 -4.84 -29.00
C GLU B 165 -39.15 -4.92 -27.57
N SER B 166 -38.32 -5.42 -26.66
CA SER B 166 -38.72 -5.46 -25.26
C SER B 166 -39.10 -4.07 -24.79
N THR B 167 -38.28 -3.09 -25.17
CA THR B 167 -38.54 -1.76 -24.67
C THR B 167 -39.79 -1.14 -25.31
N GLU B 168 -40.06 -1.46 -26.58
CA GLU B 168 -41.37 -1.14 -27.15
C GLU B 168 -42.50 -1.68 -26.30
N GLN B 169 -42.42 -2.96 -25.91
CA GLN B 169 -43.48 -3.50 -25.05
C GLN B 169 -43.56 -2.73 -23.74
N VAL B 170 -42.40 -2.44 -23.15
CA VAL B 170 -42.42 -1.69 -21.89
C VAL B 170 -42.99 -0.30 -22.12
N ALA B 171 -42.62 0.34 -23.24
CA ALA B 171 -43.18 1.65 -23.55
C ALA B 171 -44.70 1.57 -23.70
N ALA B 172 -45.19 0.53 -24.37
CA ALA B 172 -46.63 0.38 -24.53
C ALA B 172 -47.29 0.14 -23.19
N THR B 173 -46.72 -0.78 -22.40
CA THR B 173 -47.30 -1.13 -21.11
C THR B 173 -47.36 0.08 -20.20
N TYR B 174 -46.29 0.88 -20.18
CA TYR B 174 -46.23 2.01 -19.26
C TYR B 174 -46.62 3.33 -19.91
N GLY B 175 -47.18 3.30 -21.12
CA GLY B 175 -47.67 4.52 -21.73
C GLY B 175 -46.59 5.54 -21.93
N ILE B 176 -45.40 5.11 -22.36
CA ILE B 176 -44.31 6.03 -22.61
C ILE B 176 -44.40 6.38 -24.09
N SER B 177 -44.93 7.56 -24.36
CA SER B 177 -45.19 7.94 -25.73
C SER B 177 -43.88 8.30 -26.42
N ARG B 178 -43.95 8.33 -27.75
CA ARG B 178 -42.82 8.77 -28.55
C ARG B 178 -42.36 10.16 -28.12
N ALA B 179 -43.30 11.06 -27.85
CA ALA B 179 -42.91 12.43 -27.53
C ALA B 179 -42.15 12.50 -26.21
N GLU B 180 -42.62 11.76 -25.19
CA GLU B 180 -41.89 11.74 -23.93
C GLU B 180 -40.51 11.13 -24.11
N GLN B 181 -40.40 10.08 -24.92
CA GLN B 181 -39.10 9.49 -25.21
C GLN B 181 -38.16 10.51 -25.82
N ASP B 182 -38.63 11.18 -26.88
CA ASP B 182 -37.80 12.13 -27.58
C ASP B 182 -37.48 13.32 -26.69
N ALA B 183 -38.45 13.77 -25.89
CA ALA B 183 -38.15 14.83 -24.91
C ALA B 183 -37.04 14.36 -23.98
N PHE B 184 -37.10 13.10 -23.56
CA PHE B 184 -36.07 12.58 -22.67
C PHE B 184 -34.75 12.43 -23.42
N ALA B 185 -34.80 11.98 -24.67
CA ALA B 185 -33.58 11.87 -25.47
C ALA B 185 -32.98 13.24 -25.71
N LEU B 186 -33.81 14.21 -26.06
CA LEU B 186 -33.30 15.55 -26.31
C LEU B 186 -32.61 16.10 -25.08
N ARG B 187 -33.25 15.92 -23.93
CA ARG B 187 -32.67 16.43 -22.70
C ARG B 187 -31.33 15.77 -22.44
N SER B 188 -31.21 14.47 -22.77
CA SER B 188 -29.95 13.78 -22.57
C SER B 188 -28.85 14.45 -23.39
N HIS B 189 -29.13 14.72 -24.66
CA HIS B 189 -28.15 15.39 -25.49
C HIS B 189 -27.87 16.80 -24.97
N GLU B 190 -28.92 17.51 -24.58
CA GLU B 190 -28.75 18.88 -24.12
C GLU B 190 -27.88 18.93 -22.87
N ARG B 191 -28.23 18.13 -21.85
CA ARG B 191 -27.44 18.14 -20.62
C ARG B 191 -26.05 17.58 -20.85
N ALA B 192 -25.91 16.52 -21.64
CA ALA B 192 -24.56 15.99 -21.86
C ALA B 192 -23.68 17.02 -22.56
N ALA B 193 -24.23 17.67 -23.57
CA ALA B 193 -23.47 18.67 -24.27
C ALA B 193 -23.13 19.82 -23.33
N ARG B 194 -24.10 20.28 -22.54
CA ARG B 194 -23.81 21.38 -21.63
C ARG B 194 -22.78 21.00 -20.59
N ALA B 195 -22.96 19.84 -19.99
CA ALA B 195 -21.98 19.34 -19.03
C ALA B 195 -20.57 19.31 -19.63
N TRP B 196 -20.44 18.81 -20.86
CA TRP B 196 -19.13 18.81 -21.49
C TRP B 196 -18.60 20.23 -21.65
N ALA B 197 -19.41 21.12 -22.22
CA ALA B 197 -18.96 22.49 -22.51
C ALA B 197 -18.59 23.23 -21.22
N GLU B 198 -19.32 22.98 -20.14
CA GLU B 198 -19.04 23.67 -18.89
C GLU B 198 -17.96 22.98 -18.07
N GLY B 199 -17.30 21.96 -18.60
CA GLY B 199 -16.20 21.31 -17.92
C GLY B 199 -16.61 20.30 -16.86
N VAL B 200 -17.90 19.94 -16.80
CA VAL B 200 -18.39 19.04 -15.77
C VAL B 200 -17.70 17.69 -15.82
N PHE B 201 -17.37 17.21 -17.02
CA PHE B 201 -16.73 15.92 -17.15
C PHE B 201 -15.21 15.98 -17.09
N ASP B 202 -14.63 17.17 -16.97
CA ASP B 202 -13.18 17.26 -16.95
C ASP B 202 -12.60 16.44 -15.82
N ALA B 203 -13.29 16.43 -14.68
CA ALA B 203 -12.85 15.68 -13.52
C ALA B 203 -12.83 14.18 -13.75
N GLU B 204 -13.59 13.66 -14.73
CA GLU B 204 -13.76 12.21 -14.78
C GLU B 204 -13.26 11.65 -16.09
N ILE B 205 -12.65 12.49 -16.94
CA ILE B 205 -12.28 12.09 -18.29
C ILE B 205 -10.77 11.86 -18.38
N THR B 206 -10.40 10.75 -18.98
CA THR B 206 -9.07 10.56 -19.50
C THR B 206 -9.17 10.42 -21.01
N GLN B 207 -8.29 11.12 -21.72
CA GLN B 207 -8.24 11.06 -23.17
C GLN B 207 -7.29 9.96 -23.62
N ILE B 208 -7.71 9.18 -24.62
CA ILE B 208 -6.86 8.16 -25.23
C ILE B 208 -5.88 8.92 -26.11
N PRO B 209 -4.57 8.81 -25.90
CA PRO B 209 -3.63 9.48 -26.81
C PRO B 209 -3.86 9.03 -28.24
N GLY B 210 -3.85 9.99 -29.17
CA GLY B 210 -4.07 9.70 -30.56
C GLY B 210 -5.52 9.42 -30.93
N ALA B 211 -6.42 9.43 -29.96
CA ALA B 211 -7.83 9.16 -30.18
C ALA B 211 -8.64 10.04 -29.26
N GLU B 212 -8.23 11.30 -29.17
CA GLU B 212 -8.90 12.24 -28.30
C GLU B 212 -10.28 12.54 -28.86
N LEU B 213 -11.18 12.90 -27.97
CA LEU B 213 -12.53 13.25 -28.32
C LEU B 213 -12.87 14.51 -27.54
N GLU B 214 -13.41 15.50 -28.23
CA GLU B 214 -13.77 16.75 -27.57
C GLU B 214 -14.89 16.52 -26.58
N ARG B 215 -15.74 15.55 -26.85
CA ARG B 215 -16.78 15.13 -25.93
C ARG B 215 -17.17 13.72 -26.36
N ASP B 216 -18.02 13.08 -25.55
CA ASP B 216 -18.59 11.82 -25.99
C ASP B 216 -19.13 11.97 -27.40
N GLU B 217 -18.75 11.03 -28.24
CA GLU B 217 -18.95 11.16 -29.68
C GLU B 217 -20.41 11.05 -30.06
N SER B 218 -21.24 10.40 -29.25
CA SER B 218 -22.63 10.28 -29.63
C SER B 218 -23.44 11.51 -29.29
N ILE B 219 -22.87 12.44 -28.54
CA ILE B 219 -23.57 13.67 -28.23
C ILE B 219 -23.76 14.44 -29.53
N ARG B 220 -24.98 14.90 -29.76
CA ARG B 220 -25.30 15.70 -30.93
C ARG B 220 -25.97 17.00 -30.47
N GLU B 221 -25.78 18.06 -31.26
CA GLU B 221 -26.76 19.14 -31.23
C GLU B 221 -27.92 18.66 -32.07
N THR B 222 -28.97 18.23 -31.41
CA THR B 222 -30.15 17.79 -32.09
C THR B 222 -31.30 18.66 -31.62
N SER B 223 -32.52 18.24 -31.95
CA SER B 223 -33.69 19.03 -31.67
C SER B 223 -34.90 18.11 -31.61
N ALA B 224 -35.95 18.60 -30.96
CA ALA B 224 -37.19 17.84 -30.89
C ALA B 224 -37.69 17.46 -32.28
N GLU B 225 -37.61 18.39 -33.23
CA GLU B 225 -38.05 18.06 -34.58
C GLU B 225 -37.15 17.01 -35.22
N LYS B 226 -35.84 17.13 -35.01
CA LYS B 226 -34.91 16.13 -35.53
C LYS B 226 -35.23 14.73 -34.98
N LEU B 227 -35.44 14.63 -33.67
CA LEU B 227 -35.80 13.34 -33.06
C LEU B 227 -37.18 12.89 -33.50
N ALA B 228 -38.12 13.83 -33.61
CA ALA B 228 -39.46 13.47 -34.05
C ALA B 228 -39.47 12.95 -35.48
N ALA B 229 -38.50 13.35 -36.30
CA ALA B 229 -38.48 12.93 -37.68
C ALA B 229 -37.89 11.54 -37.86
N LEU B 230 -37.28 10.94 -36.83
CA LEU B 230 -36.65 9.65 -37.01
C LEU B 230 -37.68 8.54 -37.16
N LYS B 231 -37.32 7.54 -37.95
CA LYS B 231 -38.22 6.42 -38.12
C LYS B 231 -38.06 5.41 -36.98
N PRO B 232 -39.15 4.73 -36.61
CA PRO B 232 -39.05 3.73 -35.55
C PRO B 232 -38.15 2.60 -35.99
N ALA B 233 -37.30 2.14 -35.06
CA ALA B 233 -36.29 1.14 -35.39
C ALA B 233 -36.73 -0.30 -35.14
N PHE B 234 -37.78 -0.51 -34.36
CA PHE B 234 -38.14 -1.87 -33.97
C PHE B 234 -39.54 -2.27 -34.37
N ARG B 235 -40.43 -1.33 -34.64
CA ARG B 235 -41.76 -1.62 -35.14
C ARG B 235 -42.12 -0.53 -36.14
N PRO B 236 -42.87 -0.87 -37.19
CA PRO B 236 -43.29 0.17 -38.15
C PRO B 236 -44.09 1.29 -37.48
N ASP B 237 -44.93 0.92 -36.53
CA ASP B 237 -45.67 1.86 -35.71
C ASP B 237 -44.97 2.17 -34.42
N GLY B 238 -43.67 1.93 -34.35
CA GLY B 238 -42.97 1.99 -33.08
C GLY B 238 -42.77 3.40 -32.57
N THR B 239 -42.24 3.47 -31.34
CA THR B 239 -41.86 4.72 -30.70
C THR B 239 -40.37 4.84 -30.47
N ILE B 240 -39.65 3.71 -30.41
CA ILE B 240 -38.21 3.71 -30.21
C ILE B 240 -37.56 3.97 -31.55
N THR B 241 -36.56 4.85 -31.55
CA THR B 241 -35.79 5.22 -32.72
C THR B 241 -34.33 5.16 -32.35
N ALA B 242 -33.48 5.40 -33.35
CA ALA B 242 -32.07 5.54 -33.04
C ALA B 242 -31.80 6.77 -32.20
N GLY B 243 -32.70 7.74 -32.19
CA GLY B 243 -32.45 8.95 -31.47
C GLY B 243 -32.86 8.86 -30.01
N ASN B 244 -33.87 8.06 -29.69
CA ASN B 244 -34.29 7.91 -28.30
C ASN B 244 -33.86 6.57 -27.71
N ALA B 245 -33.02 5.82 -28.42
CA ALA B 245 -32.33 4.67 -27.88
C ALA B 245 -30.88 5.06 -27.66
N SER B 246 -30.21 4.35 -26.76
CA SER B 246 -28.79 4.56 -26.63
C SER B 246 -28.12 4.14 -27.94
N PRO B 247 -26.94 4.66 -28.21
CA PRO B 247 -26.15 4.14 -29.33
C PRO B 247 -25.45 2.87 -28.87
N LEU B 248 -24.67 2.31 -29.78
CA LEU B 248 -23.67 1.31 -29.47
C LEU B 248 -22.36 2.06 -29.38
N ASN B 249 -21.53 1.76 -28.39
CA ASN B 249 -20.40 2.63 -28.17
C ASN B 249 -19.19 1.88 -27.69
N ASP B 250 -18.05 2.57 -27.72
CA ASP B 250 -16.81 2.11 -27.15
C ASP B 250 -16.42 3.02 -26.01
N GLY B 251 -15.81 2.44 -25.00
CA GLY B 251 -15.34 3.25 -23.90
C GLY B 251 -15.01 2.37 -22.72
N ALA B 252 -14.33 2.98 -21.78
CA ALA B 252 -13.98 2.29 -20.57
C ALA B 252 -14.11 3.29 -19.44
N ALA B 253 -14.39 2.77 -18.27
CA ALA B 253 -14.41 3.59 -17.09
C ALA B 253 -13.78 2.78 -15.99
N ALA B 254 -13.21 3.46 -15.01
CA ALA B 254 -12.60 2.72 -13.92
C ALA B 254 -12.70 3.58 -12.68
N LEU B 255 -13.06 2.96 -11.59
CA LEU B 255 -13.17 3.66 -10.34
C LEU B 255 -12.12 3.10 -9.40
N LEU B 256 -11.47 4.00 -8.68
CA LEU B 256 -10.58 3.61 -7.60
C LEU B 256 -11.42 3.56 -6.35
N ILE B 257 -11.44 2.40 -5.71
CA ILE B 257 -12.33 2.16 -4.59
C ILE B 257 -11.50 1.64 -3.44
N GLY B 258 -11.70 2.23 -2.26
CA GLY B 258 -10.95 1.78 -1.11
C GLY B 258 -11.73 1.99 0.17
N ASP B 259 -11.20 1.41 1.24
CA ASP B 259 -11.71 1.77 2.56
C ASP B 259 -11.05 3.09 2.97
N ALA B 260 -11.40 3.58 4.17
CA ALA B 260 -10.79 4.82 4.66
C ALA B 260 -9.28 4.71 4.66
N ALA B 261 -8.75 3.58 5.11
CA ALA B 261 -7.30 3.38 5.13
C ALA B 261 -6.70 3.54 3.73
N ALA B 262 -7.29 2.87 2.73
CA ALA B 262 -6.79 3.00 1.37
C ALA B 262 -6.88 4.44 0.88
N ALA B 263 -7.94 5.15 1.27
CA ALA B 263 -8.05 6.54 0.87
C ALA B 263 -6.83 7.34 1.30
N GLU B 264 -6.36 7.14 2.53
CA GLU B 264 -5.19 7.89 3.00
C GLU B 264 -3.91 7.38 2.34
N ARG B 265 -3.73 6.07 2.27
CA ARG B 265 -2.65 5.46 1.53
C ARG B 265 -2.45 6.12 0.17
N VAL B 266 -3.53 6.14 -0.60
CA VAL B 266 -3.50 6.64 -1.96
C VAL B 266 -3.40 8.15 -1.98
N GLY B 267 -3.72 8.82 -0.87
CA GLY B 267 -3.66 10.26 -0.83
C GLY B 267 -4.83 10.91 -1.50
N ARG B 268 -6.03 10.36 -1.30
CA ARG B 268 -7.19 10.89 -2.00
C ARG B 268 -8.41 10.98 -1.11
N GLU B 269 -9.07 12.12 -1.17
CA GLU B 269 -10.31 12.32 -0.46
C GLU B 269 -11.42 11.66 -1.25
N PRO B 270 -12.18 10.76 -0.63
CA PRO B 270 -13.24 10.05 -1.37
C PRO B 270 -14.19 11.03 -2.05
N LEU B 271 -14.57 10.69 -3.29
CA LEU B 271 -15.68 11.39 -3.92
C LEU B 271 -16.96 11.11 -3.16
N ALA B 272 -17.14 9.87 -2.74
CA ALA B 272 -18.40 9.49 -2.10
C ALA B 272 -18.21 8.13 -1.49
N ARG B 273 -19.12 7.80 -0.60
CA ARG B 273 -19.12 6.53 0.06
C ARG B 273 -20.11 5.65 -0.68
N ILE B 274 -19.70 4.43 -0.98
CA ILE B 274 -20.65 3.48 -1.53
C ILE B 274 -21.43 2.94 -0.34
N VAL B 275 -22.71 3.27 -0.25
CA VAL B 275 -23.49 2.86 0.91
C VAL B 275 -24.11 1.50 0.69
N SER B 276 -24.71 1.31 -0.47
CA SER B 276 -25.52 0.13 -0.66
C SER B 276 -25.64 -0.16 -2.14
N ARG B 277 -26.16 -1.34 -2.40
CA ARG B 277 -26.27 -1.92 -3.72
C ARG B 277 -27.57 -2.70 -3.71
N GLY B 278 -28.08 -2.92 -4.90
CA GLY B 278 -29.26 -3.71 -5.07
C GLY B 278 -29.15 -4.38 -6.42
N VAL B 279 -29.74 -5.56 -6.49
CA VAL B 279 -29.84 -6.30 -7.74
C VAL B 279 -31.26 -6.82 -7.85
N ALA B 280 -31.76 -6.86 -9.06
CA ALA B 280 -33.09 -7.39 -9.29
C ALA B 280 -33.08 -7.97 -10.68
N ALA B 281 -33.98 -8.90 -10.89
CA ALA B 281 -34.17 -9.47 -12.21
C ALA B 281 -35.66 -9.52 -12.44
N VAL B 282 -36.04 -9.37 -13.70
CA VAL B 282 -37.43 -9.36 -14.11
C VAL B 282 -37.56 -10.26 -15.32
N ASP B 283 -38.80 -10.49 -15.75
CA ASP B 283 -38.97 -11.11 -17.05
C ASP B 283 -38.07 -10.44 -18.06
N PRO B 284 -37.29 -11.20 -18.81
CA PRO B 284 -36.39 -10.59 -19.78
C PRO B 284 -37.09 -9.65 -20.72
N ASP B 285 -38.37 -9.88 -21.01
CA ASP B 285 -39.06 -9.05 -22.00
C ASP B 285 -39.48 -7.70 -21.44
N VAL B 286 -39.20 -7.43 -20.16
CA VAL B 286 -39.36 -6.09 -19.64
C VAL B 286 -38.07 -5.66 -18.94
N PHE B 287 -36.93 -6.08 -19.49
CA PHE B 287 -35.65 -5.83 -18.83
C PHE B 287 -35.44 -4.37 -18.48
N GLY B 288 -36.05 -3.45 -19.21
CA GLY B 288 -35.81 -2.04 -18.98
C GLY B 288 -36.20 -1.56 -17.60
N ILE B 289 -37.14 -2.25 -16.96
CA ILE B 289 -37.55 -1.92 -15.61
C ILE B 289 -36.89 -2.82 -14.60
N GLY B 290 -35.95 -3.66 -15.05
CA GLY B 290 -35.06 -4.40 -14.20
C GLY B 290 -34.57 -3.63 -12.99
N PRO B 291 -34.17 -2.36 -13.15
CA PRO B 291 -33.56 -1.64 -12.01
C PRO B 291 -34.55 -1.18 -10.99
N VAL B 292 -35.84 -1.15 -11.31
CA VAL B 292 -36.84 -0.57 -10.42
C VAL B 292 -36.71 -1.15 -9.02
N GLN B 293 -36.81 -2.47 -8.92
CA GLN B 293 -36.67 -3.11 -7.63
C GLN B 293 -35.24 -3.00 -7.13
N ALA B 294 -34.24 -3.04 -8.04
CA ALA B 294 -32.87 -2.96 -7.56
C ALA B 294 -32.63 -1.64 -6.86
N ALA B 295 -33.15 -0.55 -7.42
CA ALA B 295 -33.03 0.74 -6.77
C ALA B 295 -33.76 0.76 -5.43
N GLU B 296 -34.97 0.19 -5.38
CA GLU B 296 -35.70 0.16 -4.10
C GLU B 296 -34.87 -0.53 -3.04
N ILE B 297 -34.30 -1.68 -3.41
CA ILE B 297 -33.47 -2.45 -2.48
C ILE B 297 -32.30 -1.60 -2.00
N ALA B 298 -31.60 -0.99 -2.94
CA ALA B 298 -30.43 -0.21 -2.55
C ALA B 298 -30.84 0.93 -1.63
N LEU B 299 -31.93 1.60 -1.95
CA LEU B 299 -32.36 2.77 -1.14
C LEU B 299 -32.66 2.31 0.29
N ARG B 300 -33.43 1.24 0.38
CA ARG B 300 -33.79 0.67 1.69
C ARG B 300 -32.51 0.30 2.45
N ARG B 301 -31.58 -0.37 1.78
CA ARG B 301 -30.34 -0.75 2.48
C ARG B 301 -29.60 0.50 2.92
N ALA B 302 -29.70 1.56 2.13
CA ALA B 302 -29.06 2.80 2.53
C ALA B 302 -29.85 3.54 3.59
N GLY B 303 -31.06 3.11 3.89
CA GLY B 303 -31.83 3.77 4.92
C GLY B 303 -32.40 5.08 4.47
N ILE B 304 -32.56 5.28 3.17
CA ILE B 304 -33.05 6.54 2.64
C ILE B 304 -34.20 6.24 1.69
N GLY B 305 -34.87 7.30 1.27
CA GLY B 305 -35.93 7.21 0.30
C GLY B 305 -35.62 8.09 -0.90
N TRP B 306 -36.51 8.00 -1.88
CA TRP B 306 -36.35 8.75 -3.11
C TRP B 306 -36.13 10.23 -2.85
N ASP B 307 -36.87 10.82 -1.91
CA ASP B 307 -36.72 12.23 -1.58
C ASP B 307 -35.33 12.57 -1.08
N ASP B 308 -34.61 11.60 -0.51
CA ASP B 308 -33.28 11.87 0.03
C ASP B 308 -32.23 12.02 -1.04
N LEU B 309 -32.53 11.62 -2.27
CA LEU B 309 -31.56 11.64 -3.35
C LEU B 309 -31.37 13.06 -3.86
N SER B 310 -30.14 13.42 -4.10
CA SER B 310 -29.92 14.65 -4.82
C SER B 310 -29.48 14.40 -6.26
N VAL B 311 -29.02 13.17 -6.59
CA VAL B 311 -28.68 12.81 -7.97
C VAL B 311 -29.15 11.39 -8.23
N VAL B 312 -29.77 11.17 -9.38
CA VAL B 312 -30.06 9.83 -9.86
C VAL B 312 -29.36 9.65 -11.20
N GLU B 313 -28.53 8.62 -11.29
CA GLU B 313 -27.94 8.23 -12.57
C GLU B 313 -28.69 7.00 -13.00
N LEU B 314 -29.61 7.18 -13.93
CA LEU B 314 -30.40 6.08 -14.44
C LEU B 314 -29.89 5.83 -15.85
N ASN B 315 -29.25 4.70 -16.07
CA ASN B 315 -28.66 4.49 -17.37
C ASN B 315 -29.74 4.46 -18.44
N GLU B 316 -29.49 5.20 -19.52
CA GLU B 316 -30.46 5.41 -20.58
C GLU B 316 -30.20 4.45 -21.74
N ALA B 317 -30.47 3.17 -21.49
CA ALA B 317 -30.50 2.22 -22.59
C ALA B 317 -31.46 2.69 -23.65
N PHE B 318 -32.62 3.15 -23.22
CA PHE B 318 -33.66 3.68 -24.08
C PHE B 318 -34.38 4.75 -23.28
N ALA B 319 -34.81 5.81 -23.96
CA ALA B 319 -35.62 6.80 -23.26
C ALA B 319 -36.84 6.13 -22.65
N ALA B 320 -37.50 5.27 -23.43
CA ALA B 320 -38.69 4.57 -22.96
C ALA B 320 -38.39 3.76 -21.71
N GLN B 321 -37.25 3.09 -21.71
CA GLN B 321 -36.86 2.24 -20.58
C GLN B 321 -36.65 3.10 -19.34
N SER B 322 -35.87 4.17 -19.49
CA SER B 322 -35.62 5.06 -18.38
C SER B 322 -36.93 5.69 -17.89
N LEU B 323 -37.76 6.17 -18.82
CA LEU B 323 -39.02 6.77 -18.42
C LEU B 323 -39.90 5.76 -17.69
N ALA B 324 -39.88 4.51 -18.13
CA ALA B 324 -40.70 3.50 -17.47
C ALA B 324 -40.20 3.27 -16.05
N CYS B 325 -38.88 3.24 -15.86
CA CYS B 325 -38.34 3.12 -14.52
C CYS B 325 -38.83 4.27 -13.66
N LEU B 326 -38.74 5.48 -14.21
CA LEU B 326 -39.14 6.66 -13.48
C LEU B 326 -40.62 6.63 -13.16
N LYS B 327 -41.42 6.05 -14.06
CA LYS B 327 -42.84 5.92 -13.79
C LYS B 327 -43.11 4.95 -12.65
N LEU B 328 -42.26 3.95 -12.48
CA LEU B 328 -42.41 3.03 -11.36
C LEU B 328 -41.77 3.55 -10.08
N TRP B 329 -41.05 4.63 -10.14
CA TRP B 329 -40.53 5.18 -8.90
C TRP B 329 -41.34 6.38 -8.48
N PRO B 330 -41.28 6.82 -7.21
CA PRO B 330 -41.90 8.11 -6.86
C PRO B 330 -41.35 9.20 -7.76
N ASP B 331 -42.14 10.24 -7.97
CA ASP B 331 -41.68 11.34 -8.79
C ASP B 331 -40.32 11.83 -8.28
N LEU B 332 -39.37 11.90 -9.19
CA LEU B 332 -38.05 12.42 -8.91
C LEU B 332 -38.00 13.80 -9.57
N ASP B 333 -37.32 14.73 -8.92
CA ASP B 333 -37.15 16.04 -9.54
C ASP B 333 -36.36 15.86 -10.83
N PRO B 334 -36.94 16.21 -11.99
CA PRO B 334 -36.25 15.98 -13.26
C PRO B 334 -34.82 16.46 -13.25
N GLU B 335 -34.54 17.55 -12.55
CA GLU B 335 -33.21 18.11 -12.57
C GLU B 335 -32.17 17.14 -12.02
N ILE B 336 -32.59 16.18 -11.20
CA ILE B 336 -31.63 15.31 -10.55
C ILE B 336 -31.42 13.99 -11.29
N VAL B 337 -32.26 13.66 -12.26
CA VAL B 337 -32.11 12.41 -13.00
C VAL B 337 -31.21 12.69 -14.19
N ASN B 338 -30.05 12.05 -14.20
CA ASN B 338 -29.07 12.25 -15.27
C ASN B 338 -28.84 13.74 -15.49
N PRO B 339 -28.40 14.46 -14.46
CA PRO B 339 -28.28 15.92 -14.59
C PRO B 339 -27.32 16.33 -15.68
N ASN B 340 -26.35 15.47 -16.02
CA ASN B 340 -25.37 15.76 -17.06
C ASN B 340 -25.61 14.92 -18.31
N GLY B 341 -26.85 14.51 -18.52
CA GLY B 341 -27.18 13.66 -19.63
C GLY B 341 -26.95 12.22 -19.27
N GLY B 342 -27.25 11.35 -20.23
CA GLY B 342 -27.06 9.94 -20.04
C GLY B 342 -26.68 9.21 -21.31
N ALA B 343 -26.84 7.89 -21.29
CA ALA B 343 -26.26 7.07 -22.34
C ALA B 343 -26.86 7.36 -23.71
N ILE B 344 -28.07 7.92 -23.78
CA ILE B 344 -28.61 8.21 -25.11
C ILE B 344 -27.67 9.12 -25.86
N ALA B 345 -27.11 10.11 -25.17
CA ALA B 345 -26.19 11.06 -25.75
C ALA B 345 -24.74 10.66 -25.50
N ILE B 346 -24.44 10.18 -24.30
CA ILE B 346 -23.07 9.92 -23.93
C ILE B 346 -22.59 8.62 -24.55
N GLY B 347 -23.50 7.71 -24.84
CA GLY B 347 -23.11 6.42 -25.35
C GLY B 347 -23.26 5.34 -24.29
N HIS B 348 -23.36 4.11 -24.76
CA HIS B 348 -23.65 2.97 -23.88
C HIS B 348 -22.74 1.80 -24.25
N PRO B 349 -21.46 1.94 -23.98
CA PRO B 349 -20.58 0.80 -24.18
C PRO B 349 -20.82 -0.08 -22.98
N LEU B 350 -21.58 -1.15 -23.24
CA LEU B 350 -22.24 -1.94 -22.21
C LEU B 350 -21.41 -2.06 -20.94
N GLY B 351 -20.28 -2.77 -21.00
CA GLY B 351 -19.49 -3.00 -19.81
C GLY B 351 -19.12 -1.72 -19.09
N ALA B 352 -18.94 -0.63 -19.83
CA ALA B 352 -18.46 0.61 -19.23
C ALA B 352 -19.58 1.39 -18.55
N SER B 353 -20.82 1.31 -19.04
CA SER B 353 -21.86 2.25 -18.63
C SER B 353 -22.09 2.21 -17.13
N GLY B 354 -22.22 1.01 -16.57
CA GLY B 354 -22.54 0.90 -15.15
C GLY B 354 -21.42 1.41 -14.28
N ALA B 355 -20.17 1.30 -14.73
CA ALA B 355 -19.10 1.91 -13.96
C ALA B 355 -19.13 3.42 -14.15
N ARG B 356 -19.32 3.87 -15.39
CA ARG B 356 -19.38 5.31 -15.66
C ARG B 356 -20.43 5.99 -14.78
N ILE B 357 -21.63 5.43 -14.72
CA ILE B 357 -22.66 6.19 -14.03
C ILE B 357 -22.44 6.17 -12.52
N VAL B 358 -21.82 5.12 -11.97
CA VAL B 358 -21.42 5.20 -10.57
C VAL B 358 -20.33 6.25 -10.41
N GLY B 359 -19.33 6.23 -11.29
CA GLY B 359 -18.25 7.18 -11.20
C GLY B 359 -18.73 8.60 -11.34
N THR B 360 -19.59 8.85 -12.33
CA THR B 360 -20.05 10.21 -12.52
C THR B 360 -21.06 10.61 -11.45
N LEU B 361 -21.79 9.64 -10.91
CA LEU B 361 -22.62 9.92 -9.73
C LEU B 361 -21.75 10.44 -8.59
N ALA B 362 -20.61 9.79 -8.37
CA ALA B 362 -19.70 10.20 -7.31
C ALA B 362 -19.16 11.60 -7.56
N HIS B 363 -18.70 11.87 -8.79
CA HIS B 363 -18.22 13.20 -9.12
C HIS B 363 -19.31 14.22 -8.94
N GLU B 364 -20.52 13.90 -9.35
CA GLU B 364 -21.61 14.85 -9.22
C GLU B 364 -21.91 15.14 -7.76
N LEU B 365 -21.84 14.10 -6.92
CA LEU B 365 -22.09 14.34 -5.51
C LEU B 365 -20.99 15.24 -4.94
N HIS B 366 -19.76 15.04 -5.40
CA HIS B 366 -18.65 15.89 -5.02
C HIS B 366 -18.87 17.33 -5.49
N ARG B 367 -19.33 17.53 -6.73
CA ARG B 367 -19.64 18.88 -7.20
C ARG B 367 -20.73 19.53 -6.36
N ARG B 368 -21.69 18.74 -5.86
CA ARG B 368 -22.75 19.32 -5.05
C ARG B 368 -22.42 19.43 -3.59
N GLY B 369 -21.17 19.13 -3.22
CA GLY B 369 -20.76 19.27 -1.85
C GLY B 369 -21.48 18.31 -0.92
N GLY B 370 -21.87 17.15 -1.44
CA GLY B 370 -22.43 16.12 -0.58
C GLY B 370 -23.81 15.74 -1.01
N GLY B 371 -24.28 14.60 -0.53
CA GLY B 371 -25.65 14.19 -0.78
C GLY B 371 -25.75 12.73 -1.10
N TRP B 372 -26.98 12.25 -1.26
CA TRP B 372 -27.25 10.86 -1.61
C TRP B 372 -27.43 10.76 -3.11
N GLY B 373 -26.79 9.75 -3.68
CA GLY B 373 -26.93 9.48 -5.10
C GLY B 373 -27.33 8.04 -5.32
N LEU B 374 -28.11 7.82 -6.37
CA LEU B 374 -28.50 6.50 -6.82
C LEU B 374 -28.05 6.36 -8.26
N ALA B 375 -27.37 5.28 -8.54
CA ALA B 375 -27.08 4.89 -9.90
C ALA B 375 -27.86 3.60 -10.13
N ALA B 376 -28.54 3.52 -11.26
CA ALA B 376 -29.30 2.32 -11.57
C ALA B 376 -29.19 2.02 -13.05
N ILE B 377 -29.04 0.75 -13.37
CA ILE B 377 -28.81 0.37 -14.74
C ILE B 377 -29.67 -0.84 -15.07
N CYS B 378 -30.41 -0.78 -16.16
CA CYS B 378 -31.12 -1.96 -16.61
C CYS B 378 -30.17 -2.85 -17.39
N ILE B 379 -30.54 -4.14 -17.44
CA ILE B 379 -29.74 -5.18 -18.06
C ILE B 379 -30.64 -6.01 -18.98
N GLY B 380 -29.94 -6.39 -20.02
CA GLY B 380 -30.56 -7.34 -20.92
C GLY B 380 -30.71 -8.69 -20.26
N VAL B 381 -31.84 -9.27 -20.68
CA VAL B 381 -32.30 -10.57 -20.15
C VAL B 381 -32.93 -10.32 -18.81
N GLY B 382 -33.13 -9.04 -18.57
CA GLY B 382 -34.02 -8.77 -17.42
C GLY B 382 -33.33 -8.65 -16.10
N GLN B 383 -32.34 -7.78 -16.00
CA GLN B 383 -31.80 -7.56 -14.68
C GLN B 383 -31.67 -6.06 -14.44
N GLY B 384 -31.28 -5.73 -13.22
CA GLY B 384 -31.09 -4.36 -12.85
C GLY B 384 -30.13 -4.30 -11.69
N LEU B 385 -29.27 -3.31 -11.71
CA LEU B 385 -28.37 -3.05 -10.61
C LEU B 385 -28.57 -1.63 -10.16
N ALA B 386 -28.28 -1.41 -8.90
CA ALA B 386 -28.37 -0.07 -8.35
C ALA B 386 -27.29 0.02 -7.29
N VAL B 387 -26.74 1.22 -7.18
CA VAL B 387 -25.77 1.58 -6.17
C VAL B 387 -26.23 2.89 -5.57
N VAL B 388 -26.20 2.98 -4.26
CA VAL B 388 -26.45 4.22 -3.56
C VAL B 388 -25.12 4.74 -3.06
N LEU B 389 -24.82 5.97 -3.41
CA LEU B 389 -23.65 6.68 -2.91
C LEU B 389 -24.07 7.74 -1.92
N HIS B 390 -23.17 8.08 -1.03
CA HIS B 390 -23.37 9.21 -0.15
C HIS B 390 -22.06 9.94 0.02
N ARG B 391 -22.10 11.24 -0.22
CA ARG B 391 -20.98 12.07 0.10
C ARG B 391 -21.36 12.87 1.32
N MET C 1 -21.08 -8.68 9.75
CA MET C 1 -20.88 -9.68 8.70
C MET C 1 -21.32 -11.10 9.04
N THR C 2 -22.13 -11.64 8.16
CA THR C 2 -22.86 -12.86 8.43
C THR C 2 -22.01 -14.07 8.04
N ASP C 3 -22.13 -15.14 8.83
CA ASP C 3 -21.54 -16.41 8.43
C ASP C 3 -22.17 -16.90 7.14
N VAL C 4 -21.37 -17.53 6.31
CA VAL C 4 -21.82 -17.99 5.01
C VAL C 4 -21.52 -19.46 4.88
N TYR C 5 -22.51 -20.21 4.41
CA TYR C 5 -22.42 -21.66 4.36
C TYR C 5 -22.60 -22.16 2.94
N ILE C 6 -21.88 -23.22 2.65
CA ILE C 6 -22.22 -24.06 1.50
C ILE C 6 -23.34 -24.98 1.95
N LEU C 7 -24.54 -24.73 1.43
CA LEU C 7 -25.70 -25.54 1.74
C LEU C 7 -25.71 -26.82 0.92
N ASP C 8 -25.25 -26.75 -0.32
CA ASP C 8 -25.22 -27.91 -1.17
C ASP C 8 -24.19 -27.64 -2.24
N ALA C 9 -23.70 -28.71 -2.83
CA ALA C 9 -22.68 -28.62 -3.86
C ALA C 9 -22.92 -29.79 -4.78
N VAL C 10 -23.05 -29.49 -6.07
CA VAL C 10 -23.37 -30.48 -7.06
C VAL C 10 -22.57 -30.17 -8.31
N ARG C 11 -22.34 -31.20 -9.09
CA ARG C 11 -21.69 -31.02 -10.36
C ARG C 11 -22.10 -32.14 -11.27
N THR C 12 -21.90 -31.90 -12.55
CA THR C 12 -21.96 -32.99 -13.48
C THR C 12 -20.67 -33.76 -13.37
N PRO C 13 -20.67 -35.03 -13.76
CA PRO C 13 -19.43 -35.67 -14.15
C PRO C 13 -18.81 -34.76 -15.20
N PHE C 14 -17.51 -34.78 -15.30
CA PHE C 14 -16.84 -33.97 -16.30
C PHE C 14 -16.57 -34.83 -17.53
N GLY C 15 -16.95 -34.32 -18.69
CA GLY C 15 -16.73 -35.02 -19.93
C GLY C 15 -15.36 -34.67 -20.44
N ARG C 16 -14.74 -35.60 -21.16
CA ARG C 16 -13.48 -35.17 -21.73
C ARG C 16 -13.75 -34.34 -22.99
N TYR C 17 -12.70 -33.72 -23.50
CA TYR C 17 -12.85 -32.86 -24.66
C TYR C 17 -13.43 -33.67 -25.81
N GLY C 18 -14.50 -33.16 -26.43
CA GLY C 18 -15.13 -33.88 -27.52
C GLY C 18 -15.83 -35.14 -27.04
N GLY C 19 -16.03 -35.25 -25.74
CA GLY C 19 -16.45 -36.45 -25.09
C GLY C 19 -17.90 -36.43 -24.72
N ALA C 20 -18.23 -37.12 -23.63
CA ALA C 20 -19.61 -37.46 -23.36
C ALA C 20 -20.49 -36.25 -23.13
N LEU C 21 -19.92 -35.11 -22.76
CA LEU C 21 -20.72 -33.91 -22.57
C LEU C 21 -20.57 -32.93 -23.71
N SER C 22 -19.79 -33.28 -24.73
CA SER C 22 -19.47 -32.34 -25.79
C SER C 22 -20.69 -31.93 -26.62
N GLY C 23 -21.78 -32.67 -26.53
CA GLY C 23 -23.01 -32.25 -27.16
C GLY C 23 -23.90 -31.36 -26.30
N ILE C 24 -23.46 -30.96 -25.12
CA ILE C 24 -24.33 -30.22 -24.22
C ILE C 24 -23.81 -28.79 -24.21
N ARG C 25 -24.65 -27.88 -24.67
CA ARG C 25 -24.31 -26.46 -24.64
C ARG C 25 -23.90 -26.06 -23.23
N PRO C 26 -22.86 -25.26 -23.06
CA PRO C 26 -22.49 -24.84 -21.70
C PRO C 26 -23.62 -24.13 -20.97
N ASP C 27 -24.48 -23.37 -21.65
CA ASP C 27 -25.59 -22.78 -20.88
C ASP C 27 -26.51 -23.87 -20.36
N ASP C 28 -26.60 -24.98 -21.09
CA ASP C 28 -27.40 -26.11 -20.62
C ASP C 28 -26.70 -26.86 -19.48
N LEU C 29 -25.37 -26.99 -19.54
CA LEU C 29 -24.64 -27.56 -18.40
C LEU C 29 -24.89 -26.75 -17.13
N ALA C 30 -24.76 -25.43 -17.23
CA ALA C 30 -25.06 -24.57 -16.10
C ALA C 30 -26.51 -24.72 -15.67
N ALA C 31 -27.43 -24.73 -16.63
CA ALA C 31 -28.84 -24.88 -16.25
C ALA C 31 -29.06 -26.22 -15.56
N HIS C 32 -28.34 -27.25 -16.00
CA HIS C 32 -28.56 -28.56 -15.39
C HIS C 32 -28.19 -28.55 -13.91
N VAL C 33 -27.05 -27.97 -13.56
CA VAL C 33 -26.63 -28.05 -12.16
C VAL C 33 -27.53 -27.18 -11.30
N LEU C 34 -28.10 -26.11 -11.88
CA LEU C 34 -29.13 -25.33 -11.20
C LEU C 34 -30.36 -26.19 -10.96
N ARG C 35 -30.84 -26.85 -12.00
CA ARG C 35 -31.96 -27.77 -11.85
C ARG C 35 -31.64 -28.81 -10.78
N ALA C 36 -30.42 -29.34 -10.81
CA ALA C 36 -30.04 -30.34 -9.84
C ALA C 36 -30.03 -29.75 -8.44
N LEU C 37 -29.52 -28.52 -8.28
CA LEU C 37 -29.58 -27.92 -6.96
C LEU C 37 -31.02 -27.83 -6.46
N ALA C 38 -31.94 -27.41 -7.35
CA ALA C 38 -33.33 -27.30 -6.92
C ALA C 38 -33.93 -28.67 -6.65
N GLU C 39 -33.57 -29.68 -7.44
CA GLU C 39 -34.11 -31.02 -7.19
C GLU C 39 -33.62 -31.59 -5.86
N ARG C 40 -32.35 -31.37 -5.57
CA ARG C 40 -31.65 -31.84 -4.38
C ARG C 40 -32.14 -31.27 -3.05
N SER C 41 -32.62 -30.03 -3.10
CA SER C 41 -33.08 -29.27 -1.95
C SER C 41 -34.56 -28.97 -2.16
N PRO C 42 -35.45 -29.86 -1.75
CA PRO C 42 -36.88 -29.61 -1.96
C PRO C 42 -37.36 -28.37 -1.25
N GLY C 43 -36.69 -27.97 -0.16
CA GLY C 43 -37.07 -26.75 0.53
C GLY C 43 -36.59 -25.49 -0.14
N LEU C 44 -35.75 -25.62 -1.17
CA LEU C 44 -35.31 -24.49 -1.97
C LEU C 44 -36.45 -24.05 -2.86
N ASP C 45 -37.00 -22.89 -2.59
CA ASP C 45 -37.84 -22.23 -3.57
C ASP C 45 -36.86 -21.43 -4.41
N PRO C 46 -36.71 -21.71 -5.71
CA PRO C 46 -35.69 -20.96 -6.48
C PRO C 46 -35.91 -19.47 -6.41
N ALA C 47 -37.15 -19.01 -6.15
CA ALA C 47 -37.34 -17.57 -5.99
C ALA C 47 -36.52 -17.02 -4.85
N ALA C 48 -36.11 -17.87 -3.90
CA ALA C 48 -35.30 -17.43 -2.78
C ALA C 48 -33.86 -17.14 -3.18
N VAL C 49 -33.42 -17.58 -4.36
CA VAL C 49 -32.05 -17.33 -4.78
C VAL C 49 -31.90 -15.85 -5.08
N ASP C 50 -30.96 -15.18 -4.40
CA ASP C 50 -30.80 -13.75 -4.53
C ASP C 50 -29.88 -13.41 -5.68
N ASP C 51 -28.99 -14.32 -6.02
CA ASP C 51 -28.11 -14.09 -7.13
C ASP C 51 -27.49 -15.42 -7.51
N VAL C 52 -27.21 -15.56 -8.79
CA VAL C 52 -26.55 -16.74 -9.34
C VAL C 52 -25.23 -16.26 -9.90
N PHE C 53 -24.14 -16.82 -9.39
CA PHE C 53 -22.78 -16.49 -9.81
C PHE C 53 -22.26 -17.69 -10.56
N PHE C 54 -21.81 -17.49 -11.78
CA PHE C 54 -21.21 -18.58 -12.53
C PHE C 54 -19.85 -18.13 -13.01
N GLY C 55 -18.86 -18.95 -12.70
CA GLY C 55 -17.58 -18.81 -13.31
C GLY C 55 -17.63 -19.42 -14.69
N ASP C 56 -16.97 -18.73 -15.61
CA ASP C 56 -16.93 -19.18 -16.99
C ASP C 56 -15.74 -18.49 -17.60
N ALA C 57 -14.74 -19.29 -17.99
CA ALA C 57 -13.50 -18.76 -18.52
C ALA C 57 -13.64 -18.33 -19.96
N ASN C 58 -14.73 -18.71 -20.62
CA ASN C 58 -14.88 -18.44 -22.03
C ASN C 58 -16.13 -17.60 -22.24
N GLY C 59 -17.24 -18.24 -22.54
CA GLY C 59 -18.48 -17.49 -22.69
C GLY C 59 -18.68 -16.92 -24.06
N ALA C 60 -17.75 -17.13 -24.99
CA ALA C 60 -17.99 -16.66 -26.34
C ALA C 60 -19.00 -17.52 -27.06
N GLY C 61 -19.20 -18.76 -26.60
CA GLY C 61 -20.07 -19.69 -27.28
C GLY C 61 -21.51 -19.63 -26.82
N GLU C 62 -22.12 -20.80 -26.65
CA GLU C 62 -23.53 -20.87 -26.30
C GLU C 62 -23.79 -20.31 -24.92
N ASP C 63 -22.75 -20.17 -24.10
CA ASP C 63 -22.86 -19.58 -22.77
C ASP C 63 -22.69 -18.08 -22.81
N ASN C 64 -22.83 -17.47 -23.98
CA ASN C 64 -22.60 -16.04 -24.08
C ASN C 64 -23.70 -15.25 -23.38
N ARG C 65 -23.37 -14.00 -23.11
CA ARG C 65 -24.32 -13.00 -22.63
C ARG C 65 -24.85 -13.35 -21.25
N ASN C 66 -23.91 -13.67 -20.35
CA ASN C 66 -24.17 -13.87 -18.94
C ASN C 66 -24.85 -15.21 -18.70
N VAL C 67 -24.05 -16.28 -18.77
CA VAL C 67 -24.56 -17.64 -18.67
C VAL C 67 -25.24 -17.88 -17.34
N ALA C 68 -24.81 -17.22 -16.26
CA ALA C 68 -25.46 -17.39 -14.97
C ALA C 68 -26.94 -17.06 -15.08
N ARG C 69 -27.26 -15.92 -15.69
CA ARG C 69 -28.65 -15.52 -15.90
C ARG C 69 -29.35 -16.46 -16.87
N MET C 70 -28.70 -16.74 -18.00
CA MET C 70 -29.24 -17.68 -18.96
C MET C 70 -29.60 -19.00 -18.28
N ALA C 71 -28.65 -19.50 -17.48
CA ALA C 71 -28.82 -20.78 -16.80
C ALA C 71 -30.04 -20.76 -15.91
N ALA C 72 -30.21 -19.69 -15.13
CA ALA C 72 -31.34 -19.62 -14.21
C ALA C 72 -32.65 -19.63 -14.96
N LEU C 73 -32.72 -18.88 -16.07
CA LEU C 73 -33.92 -18.91 -16.89
C LEU C 73 -34.12 -20.30 -17.47
N LEU C 74 -33.05 -20.89 -18.02
CA LEU C 74 -33.14 -22.21 -18.63
C LEU C 74 -33.48 -23.28 -17.62
N ALA C 75 -33.08 -23.09 -16.36
CA ALA C 75 -33.41 -24.04 -15.31
C ALA C 75 -34.87 -23.94 -14.88
N GLY C 76 -35.64 -23.02 -15.47
CA GLY C 76 -37.03 -22.92 -15.06
C GLY C 76 -37.21 -22.10 -13.82
N TRP C 77 -36.15 -21.43 -13.38
CA TRP C 77 -36.22 -20.59 -12.20
C TRP C 77 -36.96 -19.31 -12.51
N PRO C 78 -37.52 -18.67 -11.49
CA PRO C 78 -38.26 -17.44 -11.73
C PRO C 78 -37.35 -16.42 -12.37
N THR C 79 -37.96 -15.59 -13.22
CA THR C 79 -37.22 -14.52 -13.86
C THR C 79 -36.66 -13.54 -12.85
N SER C 80 -37.05 -13.67 -11.58
CA SER C 80 -36.58 -12.80 -10.52
C SER C 80 -35.17 -13.15 -10.07
N VAL C 81 -34.63 -14.29 -10.51
CA VAL C 81 -33.33 -14.76 -10.06
C VAL C 81 -32.24 -14.10 -10.92
N PRO C 82 -31.46 -13.19 -10.36
CA PRO C 82 -30.41 -12.56 -11.16
C PRO C 82 -29.25 -13.51 -11.32
N GLY C 83 -28.43 -13.20 -12.30
CA GLY C 83 -27.28 -14.01 -12.57
C GLY C 83 -26.15 -13.14 -13.04
N VAL C 84 -24.95 -13.48 -12.60
CA VAL C 84 -23.75 -12.78 -13.03
C VAL C 84 -22.69 -13.82 -13.35
N THR C 85 -21.95 -13.56 -14.41
CA THR C 85 -20.93 -14.47 -14.87
C THR C 85 -19.59 -13.85 -14.61
N LEU C 86 -18.69 -14.63 -14.04
CA LEU C 86 -17.40 -14.10 -13.68
C LEU C 86 -16.31 -14.83 -14.42
N ASN C 87 -15.28 -14.09 -14.76
CA ASN C 87 -14.15 -14.68 -15.47
C ASN C 87 -12.89 -14.35 -14.68
N ARG C 88 -12.39 -15.33 -13.94
CA ARG C 88 -11.00 -15.21 -13.55
C ARG C 88 -10.32 -16.44 -14.09
N LEU C 89 -10.41 -16.59 -15.42
CA LEU C 89 -10.02 -17.77 -16.19
C LEU C 89 -10.25 -19.06 -15.42
N CYS C 90 -9.17 -19.78 -15.11
CA CYS C 90 -9.28 -21.13 -14.55
C CYS C 90 -9.84 -21.10 -13.13
N GLY C 91 -9.77 -19.95 -12.46
CA GLY C 91 -10.29 -19.82 -11.11
C GLY C 91 -11.70 -19.29 -11.07
N SER C 92 -12.32 -19.08 -12.24
CA SER C 92 -13.63 -18.46 -12.30
C SER C 92 -14.64 -19.15 -11.39
N GLY C 93 -14.60 -20.48 -11.34
CA GLY C 93 -15.56 -21.19 -10.51
C GLY C 93 -15.37 -20.90 -9.04
N MET C 94 -14.13 -20.63 -8.63
CA MET C 94 -13.93 -20.31 -7.25
C MET C 94 -14.18 -18.82 -7.01
N GLU C 95 -13.79 -17.99 -7.98
CA GLU C 95 -14.19 -16.58 -7.93
C GLU C 95 -15.68 -16.47 -7.70
N SER C 96 -16.46 -17.33 -8.36
CA SER C 96 -17.89 -17.17 -8.24
C SER C 96 -18.36 -17.57 -6.84
N VAL C 97 -17.75 -18.62 -6.26
CA VAL C 97 -17.99 -18.93 -4.85
C VAL C 97 -17.67 -17.72 -3.99
N ILE C 98 -16.53 -17.10 -4.23
CA ILE C 98 -16.12 -15.97 -3.42
C ILE C 98 -17.07 -14.81 -3.63
N ALA C 99 -17.50 -14.60 -4.88
CA ALA C 99 -18.47 -13.55 -5.14
C ALA C 99 -19.73 -13.78 -4.33
N ALA C 100 -20.26 -15.00 -4.39
CA ALA C 100 -21.49 -15.34 -3.68
C ALA C 100 -21.27 -15.18 -2.19
N ASN C 101 -20.14 -15.68 -1.71
CA ASN C 101 -19.76 -15.60 -0.31
C ASN C 101 -19.81 -14.15 0.16
N ARG C 102 -19.18 -13.26 -0.60
CA ARG C 102 -19.13 -11.87 -0.22
C ARG C 102 -20.52 -11.25 -0.24
N ALA C 103 -21.31 -11.56 -1.27
CA ALA C 103 -22.65 -11.01 -1.37
C ALA C 103 -23.46 -11.35 -0.14
N ILE C 104 -23.39 -12.61 0.32
CA ILE C 104 -24.14 -12.98 1.50
C ILE C 104 -23.49 -12.41 2.75
N ALA C 105 -22.17 -12.45 2.82
CA ALA C 105 -21.48 -12.01 4.02
C ALA C 105 -21.81 -10.55 4.33
N VAL C 106 -21.89 -9.69 3.31
CA VAL C 106 -22.26 -8.29 3.51
C VAL C 106 -23.76 -8.11 3.67
N GLY C 107 -24.55 -9.17 3.51
CA GLY C 107 -25.97 -8.99 3.64
C GLY C 107 -26.68 -8.53 2.38
N ASP C 108 -25.97 -8.44 1.25
CA ASP C 108 -26.65 -8.16 -0.01
C ASP C 108 -27.50 -9.32 -0.46
N ALA C 109 -27.21 -10.51 0.03
CA ALA C 109 -27.93 -11.71 -0.35
C ALA C 109 -27.99 -12.58 0.89
N SER C 110 -29.00 -13.43 0.92
CA SER C 110 -29.05 -14.46 1.94
C SER C 110 -28.73 -15.81 1.34
N LEU C 111 -29.25 -16.05 0.13
CA LEU C 111 -29.12 -17.31 -0.55
C LEU C 111 -28.62 -17.03 -1.96
N ALA C 112 -27.64 -17.80 -2.40
CA ALA C 112 -27.06 -17.55 -3.71
C ALA C 112 -26.61 -18.88 -4.25
N VAL C 113 -26.42 -18.91 -5.57
CA VAL C 113 -25.75 -20.02 -6.22
C VAL C 113 -24.42 -19.52 -6.72
N ALA C 114 -23.38 -20.29 -6.45
CA ALA C 114 -22.09 -20.04 -7.04
C ALA C 114 -21.75 -21.28 -7.83
N GLY C 115 -21.70 -21.15 -9.14
CA GLY C 115 -21.41 -22.27 -10.01
C GLY C 115 -20.21 -21.96 -10.87
N GLY C 116 -19.81 -22.96 -11.62
CA GLY C 116 -18.84 -22.75 -12.66
C GLY C 116 -19.23 -23.67 -13.78
N VAL C 117 -19.01 -23.19 -14.99
CA VAL C 117 -19.32 -24.01 -16.14
C VAL C 117 -18.24 -23.78 -17.16
N GLU C 118 -17.87 -24.86 -17.86
CA GLU C 118 -17.07 -24.74 -19.07
C GLU C 118 -17.45 -25.85 -20.00
N SER C 119 -17.69 -25.49 -21.24
CA SER C 119 -17.70 -26.43 -22.36
C SER C 119 -16.47 -26.10 -23.19
N MET C 120 -15.37 -26.75 -22.88
CA MET C 120 -14.17 -26.55 -23.67
C MET C 120 -14.30 -27.20 -25.05
N SER C 121 -15.05 -28.29 -25.14
CA SER C 121 -15.38 -28.87 -26.45
C SER C 121 -15.99 -27.83 -27.36
N ARG C 122 -17.04 -27.18 -26.90
CA ARG C 122 -17.84 -26.30 -27.74
C ARG C 122 -17.35 -24.87 -27.72
N ALA C 123 -16.13 -24.64 -27.24
CA ALA C 123 -15.46 -23.35 -27.29
C ALA C 123 -15.45 -22.90 -28.74
N PRO C 124 -16.16 -21.85 -29.09
CA PRO C 124 -16.27 -21.51 -30.52
C PRO C 124 -15.02 -20.88 -31.07
N TRP C 125 -15.10 -20.57 -32.35
CA TRP C 125 -14.14 -19.72 -33.02
C TRP C 125 -14.57 -18.27 -32.87
N VAL C 126 -13.58 -17.39 -32.92
CA VAL C 126 -13.84 -15.97 -32.89
C VAL C 126 -13.13 -15.36 -34.08
N LEU C 127 -13.87 -14.57 -34.85
CA LEU C 127 -13.32 -13.86 -35.99
C LEU C 127 -13.45 -12.37 -35.78
N PRO C 128 -12.36 -11.63 -35.59
CA PRO C 128 -12.49 -10.18 -35.45
C PRO C 128 -13.12 -9.58 -36.69
N LYS C 129 -13.86 -8.50 -36.48
CA LYS C 129 -14.42 -7.78 -37.61
C LYS C 129 -13.36 -6.90 -38.26
N PRO C 130 -13.41 -6.74 -39.58
CA PRO C 130 -12.53 -5.77 -40.23
C PRO C 130 -13.00 -4.36 -39.91
N ALA C 131 -12.03 -3.48 -39.63
CA ALA C 131 -12.33 -2.07 -39.45
C ALA C 131 -12.74 -1.40 -40.75
N GLN C 132 -12.43 -2.01 -41.89
CA GLN C 132 -12.68 -1.44 -43.20
C GLN C 132 -13.34 -2.50 -44.06
N GLY C 133 -14.10 -2.04 -45.06
CA GLY C 133 -14.73 -2.97 -45.97
C GLY C 133 -13.70 -3.68 -46.83
N PHE C 134 -14.13 -4.80 -47.41
CA PHE C 134 -13.34 -5.58 -48.35
C PHE C 134 -11.89 -5.78 -47.90
N PRO C 135 -11.66 -6.32 -46.70
CA PRO C 135 -10.29 -6.66 -46.33
C PRO C 135 -9.75 -7.64 -47.34
N THR C 136 -8.42 -7.68 -47.49
CA THR C 136 -7.81 -8.40 -48.60
C THR C 136 -7.07 -9.66 -48.21
N GLY C 137 -6.50 -9.73 -47.02
CA GLY C 137 -5.59 -10.82 -46.72
C GLY C 137 -6.28 -11.97 -46.00
N HIS C 138 -5.53 -13.06 -45.85
CA HIS C 138 -6.00 -14.17 -45.04
C HIS C 138 -6.12 -13.71 -43.59
N GLU C 139 -7.15 -14.18 -42.90
CA GLU C 139 -7.39 -13.80 -41.52
C GLU C 139 -7.20 -15.02 -40.61
N THR C 140 -6.99 -14.74 -39.35
CA THR C 140 -6.99 -15.80 -38.36
C THR C 140 -8.38 -15.94 -37.78
N LEU C 141 -8.88 -17.16 -37.82
CA LEU C 141 -10.07 -17.54 -37.07
C LEU C 141 -9.54 -18.10 -35.76
N TYR C 142 -9.73 -17.37 -34.67
CA TYR C 142 -9.20 -17.81 -33.38
C TYR C 142 -10.10 -18.84 -32.74
N SER C 143 -9.51 -19.95 -32.35
CA SER C 143 -10.15 -20.90 -31.48
C SER C 143 -10.12 -20.40 -30.05
N THR C 144 -11.24 -20.52 -29.36
CA THR C 144 -11.31 -20.12 -27.96
C THR C 144 -11.07 -21.29 -27.02
N THR C 145 -10.56 -22.38 -27.54
CA THR C 145 -10.44 -23.59 -26.76
C THR C 145 -9.34 -23.47 -25.73
N LEU C 146 -8.20 -22.93 -26.13
CA LEU C 146 -7.05 -22.99 -25.26
C LEU C 146 -6.12 -21.84 -25.58
N GLY C 147 -5.46 -21.34 -24.56
CA GLY C 147 -4.37 -20.46 -24.79
C GLY C 147 -4.80 -19.06 -25.19
N TRP C 148 -3.80 -18.33 -25.63
CA TRP C 148 -3.96 -16.93 -25.98
C TRP C 148 -4.56 -16.79 -27.37
N ARG C 149 -5.32 -15.72 -27.55
CA ARG C 149 -5.91 -15.40 -28.83
C ARG C 149 -6.09 -13.90 -28.91
N MET C 150 -6.08 -13.39 -30.14
CA MET C 150 -6.04 -11.96 -30.42
C MET C 150 -5.14 -11.27 -29.41
N VAL C 151 -3.91 -11.77 -29.35
CA VAL C 151 -2.92 -11.27 -28.40
C VAL C 151 -2.61 -9.82 -28.68
N ASN C 152 -2.66 -9.03 -27.63
CA ASN C 152 -2.25 -7.64 -27.69
C ASN C 152 -0.77 -7.54 -28.05
N PRO C 153 -0.42 -6.79 -29.08
CA PRO C 153 1.01 -6.62 -29.41
C PRO C 153 1.81 -6.01 -28.27
N ALA C 154 1.15 -5.31 -27.35
CA ALA C 154 1.89 -4.73 -26.23
C ALA C 154 2.00 -5.68 -25.04
N MET C 155 1.31 -6.80 -25.07
CA MET C 155 1.43 -7.74 -23.96
C MET C 155 2.84 -8.30 -23.98
N PRO C 156 3.61 -8.16 -22.90
CA PRO C 156 4.92 -8.82 -22.84
C PRO C 156 4.86 -10.25 -23.32
N GLU C 157 5.75 -10.52 -24.26
CA GLU C 157 5.87 -11.84 -24.86
C GLU C 157 6.03 -12.91 -23.80
N GLN C 158 6.82 -12.64 -22.75
CA GLN C 158 7.07 -13.66 -21.75
C GLN C 158 5.79 -14.09 -21.05
N TRP C 159 4.78 -13.23 -21.01
CA TRP C 159 3.56 -13.56 -20.31
C TRP C 159 2.56 -14.31 -21.17
N THR C 160 2.73 -14.33 -22.49
CA THR C 160 1.79 -15.02 -23.36
C THR C 160 2.18 -16.46 -23.61
N VAL C 161 3.17 -17.00 -22.90
CA VAL C 161 3.57 -18.36 -23.18
C VAL C 161 2.42 -19.29 -22.81
N SER C 162 2.38 -20.45 -23.47
CA SER C 162 1.34 -21.40 -23.17
C SER C 162 1.37 -21.80 -21.71
N LEU C 163 0.21 -22.25 -21.21
CA LEU C 163 0.16 -22.71 -19.83
C LEU C 163 1.15 -23.84 -19.61
N GLY C 164 1.26 -24.76 -20.57
CA GLY C 164 2.20 -25.85 -20.44
C GLY C 164 3.65 -25.38 -20.44
N GLU C 165 3.99 -24.45 -21.32
CA GLU C 165 5.33 -23.89 -21.35
C GLU C 165 5.67 -23.21 -20.03
N SER C 166 4.74 -22.37 -19.53
CA SER C 166 4.95 -21.76 -18.23
C SER C 166 5.16 -22.83 -17.15
N THR C 167 4.40 -23.92 -17.22
CA THR C 167 4.53 -24.92 -16.19
C THR C 167 5.84 -25.68 -16.33
N GLU C 168 6.31 -25.89 -17.57
CA GLU C 168 7.67 -26.42 -17.75
C GLU C 168 8.69 -25.54 -17.04
N GLN C 169 8.59 -24.24 -17.25
CA GLN C 169 9.46 -23.31 -16.56
C GLN C 169 9.36 -23.49 -15.05
N VAL C 170 8.12 -23.61 -14.55
CA VAL C 170 7.94 -23.77 -13.11
C VAL C 170 8.45 -25.13 -12.67
N ALA C 171 8.23 -26.17 -13.48
CA ALA C 171 8.76 -27.49 -13.16
C ALA C 171 10.27 -27.44 -12.99
N ALA C 172 10.96 -26.85 -13.98
CA ALA C 172 12.41 -26.74 -13.91
C ALA C 172 12.83 -25.97 -12.66
N THR C 173 12.17 -24.83 -12.42
CA THR C 173 12.59 -23.90 -11.38
C THR C 173 12.49 -24.53 -10.00
N TYR C 174 11.46 -25.36 -9.78
CA TYR C 174 11.22 -25.94 -8.48
C TYR C 174 11.63 -27.41 -8.43
N GLY C 175 12.32 -27.88 -9.47
CA GLY C 175 12.80 -29.24 -9.50
C GLY C 175 11.69 -30.26 -9.43
N ILE C 176 10.58 -30.02 -10.12
CA ILE C 176 9.52 -31.01 -10.18
C ILE C 176 9.86 -31.97 -11.31
N SER C 177 10.25 -33.19 -10.94
CA SER C 177 10.73 -34.13 -11.92
C SER C 177 9.57 -34.75 -12.69
N ARG C 178 9.91 -35.29 -13.86
CA ARG C 178 8.93 -36.02 -14.66
C ARG C 178 8.34 -37.17 -13.85
N ALA C 179 9.17 -37.92 -13.14
CA ALA C 179 8.63 -39.03 -12.36
C ALA C 179 7.73 -38.52 -11.25
N GLU C 180 8.10 -37.39 -10.64
CA GLU C 180 7.27 -36.83 -9.58
C GLU C 180 5.92 -36.39 -10.14
N GLN C 181 5.94 -35.74 -11.31
CA GLN C 181 4.69 -35.32 -11.93
C GLN C 181 3.81 -36.52 -12.23
N ASP C 182 4.39 -37.56 -12.85
CA ASP C 182 3.63 -38.74 -13.21
C ASP C 182 3.16 -39.50 -11.99
N ALA C 183 3.94 -39.51 -10.91
CA ALA C 183 3.45 -40.09 -9.67
C ALA C 183 2.23 -39.34 -9.18
N PHE C 184 2.31 -38.01 -9.22
CA PHE C 184 1.16 -37.20 -8.82
C PHE C 184 -0.01 -37.40 -9.78
N ALA C 185 0.25 -37.48 -11.08
CA ALA C 185 -0.82 -37.77 -12.02
C ALA C 185 -1.40 -39.16 -11.79
N LEU C 186 -0.54 -40.14 -11.52
CA LEU C 186 -1.06 -41.48 -11.28
C LEU C 186 -1.98 -41.48 -10.07
N ARG C 187 -1.53 -40.83 -9.00
CA ARG C 187 -2.33 -40.77 -7.79
C ARG C 187 -3.68 -40.11 -8.05
N SER C 188 -3.70 -39.06 -8.89
CA SER C 188 -4.96 -38.42 -9.25
C SER C 188 -5.93 -39.43 -9.85
N HIS C 189 -5.46 -40.22 -10.82
CA HIS C 189 -6.35 -41.21 -11.42
C HIS C 189 -6.78 -42.25 -10.41
N GLU C 190 -5.85 -42.74 -9.60
CA GLU C 190 -6.21 -43.81 -8.68
C GLU C 190 -7.23 -43.31 -7.66
N ARG C 191 -6.97 -42.15 -7.06
CA ARG C 191 -7.90 -41.63 -6.05
C ARG C 191 -9.25 -41.28 -6.67
N ALA C 192 -9.24 -40.67 -7.85
CA ALA C 192 -10.51 -40.33 -8.50
C ALA C 192 -11.29 -41.59 -8.84
N ALA C 193 -10.63 -42.59 -9.44
CA ALA C 193 -11.33 -43.83 -9.76
C ALA C 193 -11.82 -44.50 -8.49
N ARG C 194 -11.01 -44.50 -7.45
CA ARG C 194 -11.45 -45.12 -6.20
C ARG C 194 -12.62 -44.35 -5.61
N ALA C 195 -12.54 -43.00 -5.60
CA ALA C 195 -13.64 -42.22 -5.07
C ALA C 195 -14.93 -42.53 -5.79
N TRP C 196 -14.88 -42.55 -7.13
CA TRP C 196 -16.07 -42.91 -7.89
C TRP C 196 -16.57 -44.29 -7.50
N ALA C 197 -15.68 -45.28 -7.54
CA ALA C 197 -16.08 -46.66 -7.26
C ALA C 197 -16.67 -46.80 -5.85
N GLU C 198 -16.14 -46.06 -4.89
CA GLU C 198 -16.61 -46.19 -3.51
C GLU C 198 -17.80 -45.29 -3.21
N GLY C 199 -18.37 -44.63 -4.22
CA GLY C 199 -19.52 -43.79 -4.02
C GLY C 199 -19.22 -42.41 -3.47
N VAL C 200 -17.93 -42.04 -3.39
CA VAL C 200 -17.53 -40.80 -2.72
C VAL C 200 -18.09 -39.59 -3.44
N PHE C 201 -18.24 -39.68 -4.75
CA PHE C 201 -18.75 -38.56 -5.51
C PHE C 201 -20.25 -38.59 -5.68
N ASP C 202 -20.94 -39.63 -5.22
CA ASP C 202 -22.38 -39.68 -5.39
C ASP C 202 -23.05 -38.52 -4.67
N ALA C 203 -22.44 -38.01 -3.60
CA ALA C 203 -23.05 -36.90 -2.90
C ALA C 203 -23.06 -35.64 -3.76
N GLU C 204 -22.12 -35.51 -4.69
CA GLU C 204 -21.97 -34.25 -5.38
C GLU C 204 -22.34 -34.31 -6.85
N ILE C 205 -22.76 -35.46 -7.34
CA ILE C 205 -22.92 -35.67 -8.78
C ILE C 205 -24.38 -35.55 -9.18
N THR C 206 -24.60 -34.85 -10.29
CA THR C 206 -25.85 -34.92 -11.01
C THR C 206 -25.54 -35.38 -12.43
N GLN C 207 -26.32 -36.33 -12.90
CA GLN C 207 -26.17 -36.87 -14.24
C GLN C 207 -26.98 -36.02 -15.20
N ILE C 208 -26.42 -35.77 -16.37
CA ILE C 208 -27.12 -35.15 -17.48
C ILE C 208 -27.97 -36.23 -18.14
N PRO C 209 -29.30 -36.14 -18.14
CA PRO C 209 -30.09 -37.15 -18.84
C PRO C 209 -29.69 -37.26 -20.31
N GLY C 210 -29.56 -38.50 -20.79
CA GLY C 210 -29.10 -38.73 -22.14
C GLY C 210 -27.62 -38.57 -22.34
N ALA C 211 -26.92 -38.05 -21.33
CA ALA C 211 -25.48 -37.89 -21.40
C ALA C 211 -24.85 -38.36 -20.09
N GLU C 212 -25.41 -39.41 -19.51
CA GLU C 212 -24.86 -39.89 -18.25
C GLU C 212 -23.45 -40.39 -18.43
N LEU C 213 -22.71 -40.32 -17.33
CA LEU C 213 -21.33 -40.76 -17.24
C LEU C 213 -21.16 -41.61 -15.99
N GLU C 214 -20.58 -42.79 -16.17
CA GLU C 214 -20.31 -43.68 -15.05
C GLU C 214 -19.36 -43.01 -14.06
N ARG C 215 -18.37 -42.30 -14.57
CA ARG C 215 -17.46 -41.49 -13.75
C ARG C 215 -16.94 -40.35 -14.61
N ASP C 216 -16.12 -39.48 -14.00
CA ASP C 216 -15.51 -38.42 -14.77
C ASP C 216 -14.76 -39.03 -15.93
N GLU C 217 -15.03 -38.52 -17.13
CA GLU C 217 -14.60 -39.23 -18.33
C GLU C 217 -13.09 -39.25 -18.49
N SER C 218 -12.39 -38.25 -17.99
CA SER C 218 -10.94 -38.26 -18.14
C SER C 218 -10.25 -39.20 -17.17
N ILE C 219 -10.99 -39.86 -16.27
CA ILE C 219 -10.36 -40.80 -15.35
C ILE C 219 -9.97 -42.04 -16.14
N ARG C 220 -8.74 -42.47 -16.00
CA ARG C 220 -8.23 -43.66 -16.65
C ARG C 220 -7.72 -44.64 -15.61
N GLU C 221 -7.79 -45.94 -15.95
CA GLU C 221 -6.93 -46.96 -15.35
C GLU C 221 -5.56 -46.82 -16.01
N THR C 222 -4.56 -46.39 -15.26
CA THR C 222 -3.27 -46.10 -15.86
C THR C 222 -2.18 -46.59 -14.89
N SER C 223 -0.93 -46.21 -15.18
CA SER C 223 0.19 -46.78 -14.48
C SER C 223 1.37 -45.84 -14.64
N ALA C 224 2.37 -46.00 -13.76
CA ALA C 224 3.59 -45.23 -13.91
C ALA C 224 4.25 -45.49 -15.28
N GLU C 225 4.16 -46.74 -15.77
CA GLU C 225 4.73 -47.06 -17.07
C GLU C 225 4.06 -46.26 -18.17
N LYS C 226 2.73 -46.37 -18.25
CA LYS C 226 1.99 -45.62 -19.25
C LYS C 226 2.29 -44.15 -19.19
N LEU C 227 2.36 -43.58 -17.97
CA LEU C 227 2.66 -42.15 -17.86
C LEU C 227 4.08 -41.83 -18.29
N ALA C 228 5.05 -42.65 -17.88
CA ALA C 228 6.44 -42.36 -18.24
C ALA C 228 6.69 -42.55 -19.73
N ALA C 229 5.88 -43.39 -20.38
CA ALA C 229 6.02 -43.64 -21.81
C ALA C 229 5.59 -42.45 -22.66
N LEU C 230 4.75 -41.56 -22.12
CA LEU C 230 4.16 -40.50 -22.92
C LEU C 230 5.20 -39.48 -23.38
N LYS C 231 5.00 -38.97 -24.59
CA LYS C 231 5.90 -37.95 -25.11
C LYS C 231 5.63 -36.62 -24.42
N PRO C 232 6.64 -35.77 -24.28
CA PRO C 232 6.40 -34.44 -23.73
C PRO C 232 5.53 -33.62 -24.68
N ALA C 233 4.71 -32.75 -24.11
CA ALA C 233 3.74 -32.03 -24.90
C ALA C 233 4.21 -30.64 -25.30
N PHE C 234 5.11 -30.02 -24.54
CA PHE C 234 5.43 -28.62 -24.75
C PHE C 234 6.90 -28.37 -25.04
N ARG C 235 7.76 -29.36 -24.85
CA ARG C 235 9.17 -29.23 -25.18
C ARG C 235 9.64 -30.57 -25.69
N PRO C 236 10.58 -30.60 -26.65
CA PRO C 236 11.15 -31.89 -27.04
C PRO C 236 11.74 -32.63 -25.86
N ASP C 237 12.43 -31.91 -24.98
CA ASP C 237 13.03 -32.43 -23.76
C ASP C 237 12.16 -32.21 -22.53
N GLY C 238 10.88 -31.92 -22.70
CA GLY C 238 10.04 -31.49 -21.61
C GLY C 238 9.68 -32.58 -20.62
N THR C 239 9.00 -32.15 -19.56
CA THR C 239 8.44 -33.04 -18.57
C THR C 239 6.92 -33.10 -18.60
N ILE C 240 6.26 -32.07 -19.14
CA ILE C 240 4.80 -32.05 -19.13
C ILE C 240 4.30 -32.90 -20.28
N THR C 241 3.34 -33.76 -20.00
CA THR C 241 2.73 -34.60 -21.01
C THR C 241 1.23 -34.45 -20.91
N ALA C 242 0.53 -35.04 -21.89
CA ALA C 242 -0.92 -35.16 -21.79
C ALA C 242 -1.33 -35.90 -20.53
N GLY C 243 -0.42 -36.68 -19.97
CA GLY C 243 -0.76 -37.55 -18.86
C GLY C 243 -0.64 -36.86 -17.52
N ASN C 244 0.34 -35.96 -17.38
CA ASN C 244 0.53 -35.26 -16.13
C ASN C 244 0.02 -33.83 -16.18
N ALA C 245 -0.76 -33.50 -17.21
CA ALA C 245 -1.49 -32.26 -17.32
C ALA C 245 -2.97 -32.58 -17.23
N SER C 246 -3.74 -31.61 -16.72
CA SER C 246 -5.16 -31.77 -16.77
C SER C 246 -5.59 -31.89 -18.23
N PRO C 247 -6.72 -32.53 -18.49
CA PRO C 247 -7.30 -32.50 -19.83
C PRO C 247 -8.00 -31.15 -20.07
N LEU C 248 -8.63 -31.06 -21.22
CA LEU C 248 -9.63 -30.04 -21.52
C LEU C 248 -10.96 -30.73 -21.34
N ASN C 249 -11.91 -30.07 -20.70
CA ASN C 249 -13.10 -30.81 -20.31
C ASN C 249 -14.33 -29.95 -20.35
N ASP C 250 -15.45 -30.62 -20.21
CA ASP C 250 -16.76 -30.01 -20.19
C ASP C 250 -17.37 -30.35 -18.85
N GLY C 251 -17.96 -29.36 -18.22
CA GLY C 251 -18.68 -29.69 -17.01
C GLY C 251 -19.25 -28.45 -16.39
N ALA C 252 -20.05 -28.67 -15.38
CA ALA C 252 -20.59 -27.58 -14.59
C ALA C 252 -20.64 -28.05 -13.16
N ALA C 253 -20.50 -27.11 -12.26
CA ALA C 253 -20.63 -27.35 -10.85
C ALA C 253 -21.42 -26.19 -10.29
N ALA C 254 -22.16 -26.44 -9.23
CA ALA C 254 -22.93 -25.35 -8.66
C ALA C 254 -23.09 -25.62 -7.18
N LEU C 255 -22.89 -24.58 -6.41
CA LEU C 255 -23.01 -24.66 -4.97
C LEU C 255 -24.13 -23.76 -4.54
N LEU C 256 -24.95 -24.26 -3.66
CA LEU C 256 -25.98 -23.47 -3.03
C LEU C 256 -25.36 -22.89 -1.78
N ILE C 257 -25.35 -21.58 -1.70
CA ILE C 257 -24.63 -20.89 -0.65
C ILE C 257 -25.61 -19.99 0.07
N GLY C 258 -25.60 -20.04 1.40
CA GLY C 258 -26.50 -19.18 2.13
C GLY C 258 -25.95 -18.82 3.49
N ASP C 259 -26.59 -17.85 4.10
CA ASP C 259 -26.32 -17.60 5.51
C ASP C 259 -27.21 -18.55 6.31
N ALA C 260 -27.22 -18.38 7.63
CA ALA C 260 -28.03 -19.26 8.47
C ALA C 260 -29.50 -19.16 8.11
N ALA C 261 -29.97 -17.94 7.86
CA ALA C 261 -31.38 -17.76 7.50
C ALA C 261 -31.70 -18.53 6.23
N ALA C 262 -30.82 -18.44 5.22
CA ALA C 262 -30.99 -19.23 4.02
C ALA C 262 -31.01 -20.72 4.34
N ALA C 263 -30.05 -21.17 5.17
CA ALA C 263 -30.01 -22.59 5.51
C ALA C 263 -31.33 -23.03 6.11
N GLU C 264 -31.90 -22.20 6.99
CA GLU C 264 -33.21 -22.49 7.58
C GLU C 264 -34.32 -22.42 6.53
N ARG C 265 -34.35 -21.33 5.76
CA ARG C 265 -35.30 -21.20 4.67
C ARG C 265 -35.28 -22.41 3.73
N VAL C 266 -34.09 -22.83 3.33
CA VAL C 266 -33.96 -23.90 2.36
C VAL C 266 -34.13 -25.26 3.03
N GLY C 267 -34.03 -25.31 4.35
CA GLY C 267 -34.16 -26.55 5.06
C GLY C 267 -32.97 -27.46 4.86
N ARG C 268 -31.79 -26.89 4.76
CA ARG C 268 -30.60 -27.69 4.60
C ARG C 268 -29.49 -27.42 5.61
N GLU C 269 -28.94 -28.49 6.16
CA GLU C 269 -27.77 -28.41 7.01
C GLU C 269 -26.55 -28.02 6.17
N PRO C 270 -25.83 -26.96 6.54
CA PRO C 270 -24.60 -26.60 5.83
C PRO C 270 -23.66 -27.78 5.72
N LEU C 271 -23.10 -27.97 4.52
CA LEU C 271 -21.94 -28.84 4.40
C LEU C 271 -20.75 -28.27 5.12
N ALA C 272 -20.57 -26.97 5.00
CA ALA C 272 -19.41 -26.33 5.61
C ALA C 272 -19.64 -24.83 5.55
N ARG C 273 -18.90 -24.15 6.39
CA ARG C 273 -18.93 -22.71 6.43
C ARG C 273 -17.80 -22.22 5.56
N ILE C 274 -18.08 -21.16 4.78
CA ILE C 274 -17.01 -20.53 4.02
C ILE C 274 -16.37 -19.53 4.98
N VAL C 275 -15.13 -19.81 5.37
CA VAL C 275 -14.50 -18.97 6.39
C VAL C 275 -13.77 -17.81 5.74
N SER C 276 -13.02 -18.08 4.70
CA SER C 276 -12.16 -17.02 4.19
C SER C 276 -11.76 -17.38 2.77
N ARG C 277 -11.11 -16.42 2.15
CA ARG C 277 -10.65 -16.62 0.80
C ARG C 277 -9.44 -15.74 0.61
N GLY C 278 -8.69 -16.09 -0.41
CA GLY C 278 -7.55 -15.31 -0.80
C GLY C 278 -7.51 -15.21 -2.31
N VAL C 279 -6.83 -14.18 -2.75
CA VAL C 279 -6.52 -14.00 -4.16
C VAL C 279 -5.08 -13.53 -4.21
N ALA C 280 -4.37 -13.99 -5.22
CA ALA C 280 -3.01 -13.56 -5.41
C ALA C 280 -2.75 -13.58 -6.90
N ALA C 281 -1.77 -12.79 -7.32
CA ALA C 281 -1.36 -12.78 -8.69
C ALA C 281 0.16 -12.81 -8.72
N VAL C 282 0.70 -13.37 -9.79
CA VAL C 282 2.12 -13.60 -9.92
C VAL C 282 2.46 -13.32 -11.38
N ASP C 283 3.75 -13.34 -11.70
CA ASP C 283 4.10 -13.21 -13.12
C ASP C 283 3.31 -14.25 -13.90
N PRO C 284 2.65 -13.85 -14.99
CA PRO C 284 1.90 -14.83 -15.80
C PRO C 284 2.68 -16.08 -16.15
N ASP C 285 3.98 -15.97 -16.36
CA ASP C 285 4.72 -17.18 -16.73
C ASP C 285 4.99 -18.09 -15.54
N VAL C 286 4.60 -17.71 -14.33
CA VAL C 286 4.67 -18.66 -13.21
C VAL C 286 3.26 -18.84 -12.64
N PHE C 287 2.26 -18.81 -13.53
CA PHE C 287 0.87 -18.86 -13.07
C PHE C 287 0.62 -20.06 -12.17
N GLY C 288 1.31 -21.17 -12.43
CA GLY C 288 1.09 -22.38 -11.69
C GLY C 288 1.19 -22.20 -10.18
N ILE C 289 2.04 -21.29 -9.72
CA ILE C 289 2.19 -21.05 -8.29
C ILE C 289 1.37 -19.85 -7.84
N GLY C 290 0.52 -19.31 -8.72
CA GLY C 290 -0.39 -18.25 -8.33
C GLY C 290 -1.15 -18.49 -7.04
N PRO C 291 -1.60 -19.73 -6.75
CA PRO C 291 -2.37 -19.96 -5.51
C PRO C 291 -1.55 -19.78 -4.25
N VAL C 292 -0.24 -19.77 -4.33
CA VAL C 292 0.52 -19.86 -3.11
C VAL C 292 0.23 -18.80 -2.09
N GLN C 293 0.31 -17.55 -2.49
CA GLN C 293 0.00 -16.49 -1.57
C GLN C 293 -1.48 -16.48 -1.27
N ALA C 294 -2.27 -16.80 -2.27
CA ALA C 294 -3.72 -16.79 -2.05
C ALA C 294 -4.10 -17.75 -0.92
N ALA C 295 -3.53 -18.95 -0.92
CA ALA C 295 -3.79 -19.88 0.17
C ALA C 295 -3.29 -19.31 1.50
N GLU C 296 -2.06 -18.77 1.49
CA GLU C 296 -1.51 -18.18 2.71
C GLU C 296 -2.42 -17.10 3.23
N ILE C 297 -2.87 -16.21 2.34
CA ILE C 297 -3.80 -15.16 2.74
C ILE C 297 -5.05 -15.77 3.33
N ALA C 298 -5.63 -16.74 2.64
CA ALA C 298 -6.88 -17.33 3.11
C ALA C 298 -6.69 -17.98 4.46
N LEU C 299 -5.56 -18.65 4.65
CA LEU C 299 -5.31 -19.31 5.92
C LEU C 299 -5.17 -18.29 7.04
N ARG C 300 -4.37 -17.25 6.79
CA ARG C 300 -4.24 -16.13 7.71
C ARG C 300 -5.60 -15.55 8.05
N ARG C 301 -6.45 -15.36 7.04
CA ARG C 301 -7.73 -14.76 7.32
C ARG C 301 -8.60 -15.69 8.13
N ALA C 302 -8.45 -17.00 7.93
CA ALA C 302 -9.20 -17.96 8.68
C ALA C 302 -8.64 -18.22 10.07
N GLY C 303 -7.47 -17.66 10.39
CA GLY C 303 -6.89 -17.86 11.71
C GLY C 303 -6.30 -19.23 11.92
N ILE C 304 -5.96 -19.93 10.84
CA ILE C 304 -5.45 -21.28 10.96
C ILE C 304 -4.14 -21.39 10.21
N GLY C 305 -3.45 -22.50 10.45
CA GLY C 305 -2.26 -22.83 9.71
C GLY C 305 -2.48 -24.08 8.87
N TRP C 306 -1.42 -24.47 8.18
CA TRP C 306 -1.47 -25.65 7.34
C TRP C 306 -1.76 -26.90 8.14
N ASP C 307 -1.23 -26.98 9.38
CA ASP C 307 -1.43 -28.14 10.26
C ASP C 307 -2.89 -28.34 10.61
N ASP C 308 -3.71 -27.30 10.52
CA ASP C 308 -5.12 -27.39 10.89
C ASP C 308 -5.98 -27.93 9.77
N LEU C 309 -5.46 -27.89 8.55
CA LEU C 309 -6.20 -28.40 7.41
C LEU C 309 -6.30 -29.90 7.50
N SER C 310 -7.51 -30.42 7.32
CA SER C 310 -7.65 -31.85 7.14
C SER C 310 -7.91 -32.24 5.69
N VAL C 311 -8.25 -31.29 4.81
CA VAL C 311 -8.38 -31.57 3.38
C VAL C 311 -7.87 -30.35 2.61
N VAL C 312 -7.13 -30.60 1.54
CA VAL C 312 -6.75 -29.54 0.62
C VAL C 312 -7.17 -29.95 -0.78
N GLU C 313 -7.95 -29.11 -1.43
CA GLU C 313 -8.22 -29.26 -2.85
C GLU C 313 -7.31 -28.27 -3.55
N LEU C 314 -6.25 -28.78 -4.13
CA LEU C 314 -5.37 -28.01 -4.98
C LEU C 314 -5.72 -28.37 -6.40
N ASN C 315 -6.20 -27.40 -7.18
CA ASN C 315 -6.64 -27.79 -8.51
C ASN C 315 -5.46 -28.22 -9.35
N GLU C 316 -5.63 -29.34 -10.04
CA GLU C 316 -4.54 -30.02 -10.74
C GLU C 316 -4.51 -29.60 -12.21
N ALA C 317 -4.13 -28.34 -12.41
CA ALA C 317 -3.88 -27.87 -13.77
C ALA C 317 -2.80 -28.71 -14.43
N PHE C 318 -1.66 -28.83 -13.78
CA PHE C 318 -0.60 -29.73 -14.20
C PHE C 318 -0.03 -30.35 -12.93
N ALA C 319 0.35 -31.61 -12.99
CA ALA C 319 1.07 -32.20 -11.87
C ALA C 319 2.21 -31.30 -11.41
N ALA C 320 2.98 -30.78 -12.37
CA ALA C 320 4.14 -29.96 -12.04
C ALA C 320 3.73 -28.72 -11.29
N GLN C 321 2.71 -28.03 -11.81
CA GLN C 321 2.14 -26.86 -11.16
C GLN C 321 1.71 -27.18 -9.73
N SER C 322 0.95 -28.25 -9.57
CA SER C 322 0.42 -28.64 -8.27
C SER C 322 1.54 -28.95 -7.30
N LEU C 323 2.49 -29.76 -7.76
CA LEU C 323 3.66 -30.11 -6.94
C LEU C 323 4.47 -28.87 -6.60
N ALA C 324 4.60 -27.93 -7.54
CA ALA C 324 5.30 -26.68 -7.20
C ALA C 324 4.57 -25.93 -6.10
N CYS C 325 3.24 -25.90 -6.14
CA CYS C 325 2.50 -25.27 -5.05
C CYS C 325 2.79 -25.96 -3.73
N LEU C 326 2.76 -27.28 -3.70
CA LEU C 326 3.02 -27.99 -2.45
C LEU C 326 4.42 -27.70 -1.93
N LYS C 327 5.41 -27.63 -2.82
CA LYS C 327 6.77 -27.31 -2.40
C LYS C 327 6.82 -25.92 -1.76
N LEU C 328 6.11 -24.96 -2.33
CA LEU C 328 6.10 -23.62 -1.75
C LEU C 328 5.22 -23.51 -0.52
N TRP C 329 4.47 -24.56 -0.18
CA TRP C 329 3.75 -24.71 1.07
C TRP C 329 4.41 -25.82 1.88
N PRO C 330 5.65 -25.66 2.35
CA PRO C 330 6.32 -26.79 3.00
C PRO C 330 5.53 -27.41 4.16
N ASP C 331 4.78 -26.59 4.90
CA ASP C 331 4.08 -27.08 6.08
C ASP C 331 2.88 -27.96 5.77
N LEU C 332 2.45 -28.03 4.52
CA LEU C 332 1.28 -28.81 4.18
C LEU C 332 1.64 -30.28 4.01
N ASP C 333 0.83 -31.14 4.60
CA ASP C 333 0.93 -32.58 4.35
C ASP C 333 0.40 -32.85 2.95
N PRO C 334 1.22 -33.35 2.03
CA PRO C 334 0.71 -33.64 0.68
C PRO C 334 -0.29 -34.79 0.61
N GLU C 335 -0.40 -35.63 1.65
CA GLU C 335 -1.34 -36.76 1.57
C GLU C 335 -2.78 -36.38 1.85
N ILE C 336 -3.04 -35.20 2.43
CA ILE C 336 -4.41 -34.69 2.53
C ILE C 336 -4.80 -33.86 1.32
N VAL C 337 -3.93 -33.78 0.30
CA VAL C 337 -4.20 -33.01 -0.90
C VAL C 337 -4.96 -33.88 -1.89
N ASN C 338 -6.08 -33.37 -2.39
CA ASN C 338 -6.89 -34.06 -3.40
C ASN C 338 -7.12 -35.52 -3.03
N PRO C 339 -7.70 -35.81 -1.86
CA PRO C 339 -7.84 -37.21 -1.42
C PRO C 339 -8.63 -38.06 -2.39
N ASN C 340 -9.50 -37.46 -3.19
CA ASN C 340 -10.30 -38.13 -4.19
C ASN C 340 -9.81 -37.83 -5.60
N GLY C 341 -8.53 -37.50 -5.75
CA GLY C 341 -7.97 -37.17 -7.03
C GLY C 341 -8.28 -35.74 -7.39
N GLY C 342 -7.78 -35.33 -8.55
CA GLY C 342 -8.08 -34.00 -9.01
C GLY C 342 -8.22 -33.88 -10.50
N ALA C 343 -8.04 -32.63 -10.96
CA ALA C 343 -8.37 -32.27 -12.33
C ALA C 343 -7.57 -33.04 -13.36
N ILE C 344 -6.34 -33.47 -13.04
CA ILE C 344 -5.60 -34.34 -13.97
C ILE C 344 -6.49 -35.50 -14.40
N ALA C 345 -7.12 -36.17 -13.44
CA ALA C 345 -8.01 -37.28 -13.78
C ALA C 345 -9.46 -36.86 -13.92
N ILE C 346 -9.93 -35.98 -13.04
CA ILE C 346 -11.35 -35.66 -13.04
C ILE C 346 -11.71 -34.76 -14.21
N GLY C 347 -10.76 -34.00 -14.71
CA GLY C 347 -11.01 -33.06 -15.76
C GLY C 347 -11.02 -31.63 -15.24
N HIS C 348 -10.76 -30.71 -16.15
CA HIS C 348 -10.53 -29.30 -15.85
C HIS C 348 -11.31 -28.42 -16.81
N PRO C 349 -12.65 -28.48 -16.75
CA PRO C 349 -13.44 -27.52 -17.50
C PRO C 349 -13.32 -26.22 -16.76
N LEU C 350 -12.51 -25.31 -17.31
CA LEU C 350 -11.95 -24.18 -16.57
C LEU C 350 -12.94 -23.58 -15.59
N GLY C 351 -14.06 -23.07 -16.10
CA GLY C 351 -15.00 -22.35 -15.25
C GLY C 351 -15.57 -23.20 -14.13
N ALA C 352 -15.78 -24.49 -14.38
CA ALA C 352 -16.38 -25.35 -13.36
C ALA C 352 -15.39 -25.74 -12.27
N SER C 353 -14.11 -25.83 -12.61
CA SER C 353 -13.14 -26.44 -11.70
C SER C 353 -13.10 -25.77 -10.34
N GLY C 354 -12.97 -24.44 -10.31
CA GLY C 354 -12.88 -23.78 -9.03
C GLY C 354 -14.13 -23.95 -8.20
N ALA C 355 -15.29 -24.09 -8.85
CA ALA C 355 -16.50 -24.38 -8.12
C ALA C 355 -16.48 -25.82 -7.62
N ARG C 356 -16.13 -26.76 -8.50
CA ARG C 356 -16.09 -28.16 -8.13
C ARG C 356 -15.26 -28.38 -6.88
N ILE C 357 -14.08 -27.79 -6.83
CA ILE C 357 -13.17 -28.20 -5.78
C ILE C 357 -13.61 -27.60 -4.47
N VAL C 358 -14.23 -26.42 -4.49
CA VAL C 358 -14.84 -25.93 -3.26
C VAL C 358 -16.01 -26.82 -2.88
N GLY C 359 -16.82 -27.18 -3.86
CA GLY C 359 -17.96 -28.02 -3.57
C GLY C 359 -17.55 -29.39 -3.04
N THR C 360 -16.53 -29.99 -3.65
CA THR C 360 -16.12 -31.32 -3.21
C THR C 360 -15.33 -31.25 -1.91
N LEU C 361 -14.61 -30.15 -1.70
CA LEU C 361 -14.01 -29.89 -0.39
C LEU C 361 -15.07 -29.92 0.70
N ALA C 362 -16.20 -29.24 0.45
CA ALA C 362 -17.27 -29.20 1.42
C ALA C 362 -17.81 -30.59 1.69
N HIS C 363 -18.02 -31.37 0.63
CA HIS C 363 -18.50 -32.74 0.80
C HIS C 363 -17.46 -33.57 1.54
N GLU C 364 -16.19 -33.38 1.22
CA GLU C 364 -15.15 -34.15 1.88
C GLU C 364 -15.13 -33.85 3.36
N LEU C 365 -15.19 -32.56 3.73
CA LEU C 365 -15.23 -32.21 5.14
C LEU C 365 -16.47 -32.79 5.81
N HIS C 366 -17.58 -32.86 5.08
CA HIS C 366 -18.76 -33.53 5.57
C HIS C 366 -18.51 -35.00 5.80
N ARG C 367 -17.85 -35.67 4.85
CA ARG C 367 -17.51 -37.08 5.04
C ARG C 367 -16.59 -37.27 6.24
N ARG C 368 -15.63 -36.37 6.41
CA ARG C 368 -14.69 -36.55 7.51
C ARG C 368 -15.25 -36.15 8.85
N GLY C 369 -16.53 -35.76 8.92
CA GLY C 369 -17.09 -35.35 10.18
C GLY C 369 -16.59 -34.01 10.66
N GLY C 370 -16.13 -33.17 9.75
CA GLY C 370 -15.77 -31.80 10.08
C GLY C 370 -14.30 -31.54 9.86
N GLY C 371 -13.92 -30.29 10.07
CA GLY C 371 -12.54 -29.90 9.95
C GLY C 371 -12.36 -28.74 9.02
N TRP C 372 -11.10 -28.33 8.90
CA TRP C 372 -10.72 -27.18 8.09
C TRP C 372 -10.33 -27.67 6.71
N GLY C 373 -10.83 -26.98 5.69
CA GLY C 373 -10.52 -27.34 4.32
C GLY C 373 -10.00 -26.12 3.57
N LEU C 374 -9.08 -26.38 2.66
CA LEU C 374 -8.56 -25.34 1.80
C LEU C 374 -8.76 -25.79 0.37
N ALA C 375 -9.34 -24.93 -0.44
CA ALA C 375 -9.36 -25.15 -1.88
C ALA C 375 -8.55 -24.04 -2.51
N ALA C 376 -7.73 -24.39 -3.48
CA ALA C 376 -6.83 -23.44 -4.11
C ALA C 376 -6.76 -23.78 -5.58
N ILE C 377 -6.69 -22.75 -6.41
CA ILE C 377 -6.71 -22.98 -7.85
C ILE C 377 -5.80 -21.96 -8.50
N CYS C 378 -4.87 -22.45 -9.33
CA CYS C 378 -4.08 -21.51 -10.10
C CYS C 378 -4.86 -21.09 -11.32
N ILE C 379 -4.51 -19.90 -11.79
CA ILE C 379 -5.18 -19.25 -12.91
C ILE C 379 -4.13 -18.90 -13.96
N GLY C 380 -4.49 -19.06 -15.23
CA GLY C 380 -3.57 -18.94 -16.33
C GLY C 380 -2.72 -17.72 -16.61
N VAL C 381 -3.21 -16.52 -16.37
CA VAL C 381 -2.42 -15.35 -16.65
C VAL C 381 -1.69 -14.85 -15.40
N GLY C 382 -1.39 -15.79 -14.50
CA GLY C 382 -0.68 -15.48 -13.28
C GLY C 382 -1.55 -15.15 -12.10
N GLN C 383 -2.54 -15.97 -11.78
CA GLN C 383 -3.33 -15.63 -10.60
C GLN C 383 -3.60 -16.91 -9.81
N GLY C 384 -4.18 -16.73 -8.64
CA GLY C 384 -4.56 -17.85 -7.81
C GLY C 384 -5.65 -17.43 -6.87
N LEU C 385 -6.53 -18.37 -6.55
CA LEU C 385 -7.62 -18.14 -5.64
C LEU C 385 -7.56 -19.23 -4.60
N ALA C 386 -8.00 -18.90 -3.40
CA ALA C 386 -8.09 -19.91 -2.37
C ALA C 386 -9.32 -19.60 -1.55
N VAL C 387 -9.94 -20.66 -1.09
CA VAL C 387 -11.08 -20.60 -0.19
C VAL C 387 -10.79 -21.53 0.96
N VAL C 388 -11.08 -21.07 2.17
CA VAL C 388 -10.97 -21.90 3.35
C VAL C 388 -12.37 -22.18 3.85
N LEU C 389 -12.64 -23.47 4.06
CA LEU C 389 -13.90 -23.98 4.56
C LEU C 389 -13.69 -24.57 5.94
N HIS C 390 -14.71 -24.47 6.77
CA HIS C 390 -14.71 -25.19 8.03
C HIS C 390 -16.07 -25.81 8.23
N ARG C 391 -16.08 -27.10 8.50
CA ARG C 391 -17.27 -27.76 8.99
C ARG C 391 -17.07 -28.05 10.47
N MET D 1 -5.89 10.51 22.06
CA MET D 1 -4.70 9.72 22.39
C MET D 1 -4.82 8.22 22.13
N THR D 2 -4.32 7.82 20.96
CA THR D 2 -4.46 6.45 20.50
C THR D 2 -3.50 5.52 21.22
N ASP D 3 -4.00 4.33 21.56
CA ASP D 3 -3.15 3.32 22.18
C ASP D 3 -2.16 2.83 21.14
N VAL D 4 -0.92 2.59 21.55
CA VAL D 4 0.15 2.23 20.64
C VAL D 4 0.81 0.94 21.13
N TYR D 5 0.99 0.00 20.21
CA TYR D 5 1.46 -1.33 20.54
C TYR D 5 2.77 -1.65 19.83
N ILE D 6 3.57 -2.49 20.47
CA ILE D 6 4.65 -3.19 19.80
C ILE D 6 4.02 -4.42 19.17
N LEU D 7 3.98 -4.46 17.83
CA LEU D 7 3.37 -5.57 17.12
C LEU D 7 4.39 -6.66 16.86
N ASP D 8 5.65 -6.29 16.78
CA ASP D 8 6.74 -7.23 16.68
C ASP D 8 8.01 -6.50 17.06
N ALA D 9 9.00 -7.29 17.47
CA ALA D 9 10.31 -6.74 17.81
C ALA D 9 11.33 -7.79 17.41
N VAL D 10 12.27 -7.40 16.55
CA VAL D 10 13.29 -8.31 16.10
C VAL D 10 14.64 -7.62 16.19
N ARG D 11 15.69 -8.41 16.25
CA ARG D 11 17.03 -7.86 16.16
C ARG D 11 17.95 -8.92 15.58
N THR D 12 19.06 -8.44 15.04
CA THR D 12 20.15 -9.34 14.77
C THR D 12 20.77 -9.75 16.10
N PRO D 13 21.45 -10.87 16.13
CA PRO D 13 22.42 -11.07 17.20
C PRO D 13 23.38 -9.89 17.15
N PHE D 14 24.03 -9.58 18.25
CA PHE D 14 25.02 -8.51 18.23
C PHE D 14 26.41 -9.11 18.12
N GLY D 15 27.14 -8.67 17.10
CA GLY D 15 28.51 -9.08 16.95
C GLY D 15 29.44 -8.19 17.75
N ARG D 16 30.58 -8.74 18.15
CA ARG D 16 31.44 -7.83 18.87
C ARG D 16 32.18 -6.94 17.88
N TYR D 17 32.99 -6.06 18.45
CA TYR D 17 33.75 -5.13 17.64
C TYR D 17 34.75 -5.91 16.81
N GLY D 18 34.80 -5.61 15.51
CA GLY D 18 35.66 -6.36 14.62
C GLY D 18 35.24 -7.79 14.44
N GLY D 19 34.04 -8.15 14.90
CA GLY D 19 33.55 -9.51 15.02
C GLY D 19 32.66 -9.94 13.87
N ALA D 20 31.71 -10.83 14.19
CA ALA D 20 30.96 -11.56 13.17
C ALA D 20 30.09 -10.67 12.30
N LEU D 21 29.71 -9.48 12.77
CA LEU D 21 28.88 -8.58 11.99
C LEU D 21 29.69 -7.41 11.46
N SER D 22 31.00 -7.44 11.68
CA SER D 22 31.83 -6.31 11.33
C SER D 22 31.96 -6.12 9.83
N GLY D 23 31.60 -7.12 9.05
CA GLY D 23 31.55 -7.03 7.61
C GLY D 23 30.22 -6.55 7.08
N ILE D 24 29.25 -6.32 7.95
CA ILE D 24 27.92 -5.93 7.50
C ILE D 24 27.81 -4.41 7.64
N ARG D 25 27.58 -3.74 6.51
CA ARG D 25 27.36 -2.30 6.58
C ARG D 25 26.19 -1.99 7.53
N PRO D 26 26.27 -0.91 8.31
CA PRO D 26 25.14 -0.58 9.20
C PRO D 26 23.83 -0.38 8.45
N ASP D 27 23.86 0.11 7.22
CA ASP D 27 22.57 0.25 6.53
C ASP D 27 22.02 -1.11 6.15
N ASP D 28 22.90 -2.06 5.84
CA ASP D 28 22.42 -3.42 5.63
C ASP D 28 21.95 -4.07 6.91
N LEU D 29 22.60 -3.77 8.04
CA LEU D 29 22.09 -4.23 9.33
C LEU D 29 20.67 -3.72 9.54
N ALA D 30 20.47 -2.42 9.34
CA ALA D 30 19.14 -1.84 9.46
C ALA D 30 18.20 -2.43 8.42
N ALA D 31 18.66 -2.55 7.17
CA ALA D 31 17.81 -3.13 6.14
C ALA D 31 17.44 -4.57 6.50
N HIS D 32 18.37 -5.29 7.12
CA HIS D 32 18.07 -6.67 7.47
C HIS D 32 16.91 -6.77 8.44
N VAL D 33 16.97 -6.02 9.55
CA VAL D 33 15.90 -6.13 10.54
C VAL D 33 14.57 -5.68 9.92
N LEU D 34 14.61 -4.78 8.94
CA LEU D 34 13.39 -4.43 8.22
C LEU D 34 12.89 -5.63 7.42
N ARG D 35 13.79 -6.28 6.68
CA ARG D 35 13.38 -7.46 5.95
C ARG D 35 12.81 -8.51 6.89
N ALA D 36 13.40 -8.61 8.08
CA ALA D 36 12.94 -9.60 9.04
C ALA D 36 11.55 -9.25 9.56
N LEU D 37 11.31 -7.96 9.84
CA LEU D 37 9.98 -7.54 10.26
C LEU D 37 8.96 -7.92 9.20
N ALA D 38 9.28 -7.69 7.92
CA ALA D 38 8.39 -8.07 6.85
C ALA D 38 8.22 -9.59 6.79
N GLU D 39 9.33 -10.32 6.90
CA GLU D 39 9.23 -11.77 6.80
C GLU D 39 8.43 -12.33 7.97
N ARG D 40 8.60 -11.74 9.15
CA ARG D 40 7.99 -12.25 10.36
C ARG D 40 6.47 -12.03 10.40
N SER D 41 5.99 -10.99 9.73
CA SER D 41 4.55 -10.68 9.69
C SER D 41 4.08 -10.70 8.25
N PRO D 42 3.67 -11.86 7.71
CA PRO D 42 3.19 -11.88 6.32
C PRO D 42 1.94 -11.05 6.11
N GLY D 43 1.20 -10.71 7.18
CA GLY D 43 0.10 -9.78 7.02
C GLY D 43 0.53 -8.34 6.83
N LEU D 44 1.81 -8.05 7.05
CA LEU D 44 2.38 -6.72 6.87
C LEU D 44 2.63 -6.46 5.39
N ASP D 45 1.90 -5.52 4.84
CA ASP D 45 2.28 -4.87 3.61
C ASP D 45 3.23 -3.76 4.03
N PRO D 46 4.51 -3.81 3.65
CA PRO D 46 5.44 -2.76 4.08
C PRO D 46 4.99 -1.36 3.70
N ALA D 47 4.26 -1.22 2.59
CA ALA D 47 3.72 0.09 2.19
C ALA D 47 2.79 0.67 3.24
N ALA D 48 2.22 -0.18 4.11
CA ALA D 48 1.41 0.29 5.23
C ALA D 48 2.23 0.94 6.33
N VAL D 49 3.54 0.80 6.31
CA VAL D 49 4.35 1.47 7.32
C VAL D 49 4.37 2.95 7.01
N ASP D 50 3.96 3.77 7.97
CA ASP D 50 3.83 5.20 7.72
C ASP D 50 5.14 5.92 7.91
N ASP D 51 6.02 5.38 8.72
CA ASP D 51 7.30 6.01 8.94
C ASP D 51 8.21 4.98 9.56
N VAL D 52 9.47 5.05 9.17
CA VAL D 52 10.49 4.17 9.72
C VAL D 52 11.45 5.05 10.49
N PHE D 53 11.58 4.78 11.78
CA PHE D 53 12.47 5.50 12.64
C PHE D 53 13.65 4.61 12.96
N PHE D 54 14.85 5.15 12.85
CA PHE D 54 16.01 4.38 13.26
C PHE D 54 16.87 5.24 14.14
N GLY D 55 17.18 4.71 15.32
CA GLY D 55 18.19 5.30 16.13
C GLY D 55 19.55 4.91 15.58
N ASP D 56 20.44 5.88 15.54
CA ASP D 56 21.81 5.62 15.08
C ASP D 56 22.66 6.69 15.73
N ALA D 57 23.66 6.27 16.50
CA ALA D 57 24.45 7.24 17.23
C ALA D 57 25.58 7.79 16.39
N ASN D 58 25.82 7.18 15.24
CA ASN D 58 26.90 7.63 14.39
C ASN D 58 26.37 8.15 13.06
N GLY D 59 26.24 7.29 12.08
CA GLY D 59 25.71 7.72 10.79
C GLY D 59 26.74 8.33 9.87
N ALA D 60 27.95 8.47 10.37
CA ALA D 60 29.03 9.00 9.58
C ALA D 60 29.44 8.07 8.44
N GLY D 61 29.35 6.77 8.68
CA GLY D 61 29.79 5.84 7.68
C GLY D 61 28.74 5.42 6.70
N GLU D 62 28.63 4.11 6.49
CA GLU D 62 27.75 3.56 5.47
C GLU D 62 26.29 3.79 5.78
N ASP D 63 25.97 4.16 7.02
CA ASP D 63 24.61 4.45 7.40
C ASP D 63 24.33 5.94 7.27
N ASN D 64 25.13 6.63 6.49
CA ASN D 64 24.93 8.06 6.36
C ASN D 64 23.67 8.39 5.57
N ARG D 65 23.25 9.65 5.72
CA ARG D 65 22.18 10.24 4.95
C ARG D 65 20.85 9.53 5.21
N ASN D 66 20.58 9.33 6.50
CA ASN D 66 19.27 8.91 6.97
C ASN D 66 19.13 7.42 6.73
N VAL D 67 19.74 6.66 7.63
CA VAL D 67 19.82 5.22 7.45
C VAL D 67 18.43 4.60 7.49
N ALA D 68 17.48 5.22 8.21
CA ALA D 68 16.14 4.65 8.28
C ALA D 68 15.54 4.57 6.89
N ARG D 69 15.62 5.67 6.15
CA ARG D 69 15.17 5.68 4.77
C ARG D 69 15.98 4.73 3.92
N MET D 70 17.32 4.84 3.98
CA MET D 70 18.18 3.94 3.23
C MET D 70 17.81 2.49 3.48
N ALA D 71 17.55 2.13 4.73
CA ALA D 71 17.23 0.75 5.08
C ALA D 71 15.91 0.32 4.48
N ALA D 72 14.90 1.19 4.54
CA ALA D 72 13.62 0.82 3.94
C ALA D 72 13.82 0.51 2.48
N LEU D 73 14.59 1.35 1.78
CA LEU D 73 14.83 1.15 0.36
C LEU D 73 15.59 -0.15 0.14
N LEU D 74 16.64 -0.36 0.91
CA LEU D 74 17.47 -1.56 0.76
C LEU D 74 16.70 -2.81 1.12
N ALA D 75 15.76 -2.70 2.05
CA ALA D 75 14.90 -3.84 2.36
C ALA D 75 13.91 -4.15 1.26
N GLY D 76 13.91 -3.35 0.20
CA GLY D 76 12.94 -3.52 -0.87
C GLY D 76 11.54 -3.10 -0.49
N TRP D 77 11.42 -2.27 0.54
CA TRP D 77 10.12 -1.70 0.85
C TRP D 77 9.75 -0.64 -0.18
N PRO D 78 8.46 -0.40 -0.40
CA PRO D 78 8.05 0.63 -1.35
C PRO D 78 8.75 1.96 -1.05
N THR D 79 9.14 2.67 -2.11
CA THR D 79 9.69 3.99 -1.95
C THR D 79 8.74 4.95 -1.25
N SER D 80 7.47 4.58 -1.11
CA SER D 80 6.51 5.40 -0.39
C SER D 80 6.69 5.37 1.11
N VAL D 81 7.54 4.49 1.63
CA VAL D 81 7.72 4.35 3.08
C VAL D 81 8.77 5.38 3.51
N PRO D 82 8.41 6.37 4.31
CA PRO D 82 9.39 7.39 4.71
C PRO D 82 10.28 6.83 5.80
N GLY D 83 11.36 7.55 6.04
CA GLY D 83 12.27 7.12 7.08
C GLY D 83 12.98 8.29 7.69
N VAL D 84 13.27 8.18 8.97
CA VAL D 84 13.93 9.24 9.71
C VAL D 84 14.88 8.61 10.71
N THR D 85 16.05 9.21 10.82
CA THR D 85 17.11 8.73 11.68
C THR D 85 17.28 9.66 12.85
N LEU D 86 17.43 9.07 14.02
CA LEU D 86 17.46 9.83 15.25
C LEU D 86 18.74 9.53 16.01
N ASN D 87 19.27 10.59 16.58
CA ASN D 87 20.50 10.50 17.34
C ASN D 87 20.21 11.12 18.70
N ARG D 88 20.00 10.28 19.69
CA ARG D 88 20.21 10.71 21.05
C ARG D 88 21.26 9.76 21.60
N LEU D 89 22.41 9.71 20.90
CA LEU D 89 23.55 8.84 21.18
C LEU D 89 23.12 7.45 21.62
N CYS D 90 23.53 7.05 22.82
CA CYS D 90 23.31 5.67 23.28
C CYS D 90 21.84 5.33 23.32
N GLY D 91 21.00 6.35 23.51
CA GLY D 91 19.60 6.07 23.63
C GLY D 91 18.85 6.14 22.33
N SER D 92 19.54 6.31 21.19
CA SER D 92 18.86 6.58 19.94
C SER D 92 17.83 5.52 19.61
N GLY D 93 18.13 4.24 19.85
CA GLY D 93 17.18 3.21 19.51
C GLY D 93 15.92 3.29 20.35
N MET D 94 16.02 3.81 21.57
CA MET D 94 14.81 4.01 22.36
C MET D 94 14.14 5.31 21.95
N GLU D 95 14.95 6.35 21.70
CA GLU D 95 14.39 7.55 21.09
C GLU D 95 13.54 7.20 19.89
N SER D 96 14.01 6.28 19.04
CA SER D 96 13.23 6.01 17.83
C SER D 96 11.92 5.29 18.15
N VAL D 97 11.94 4.38 19.12
CA VAL D 97 10.69 3.80 19.62
C VAL D 97 9.75 4.91 20.07
N ILE D 98 10.25 5.82 20.89
CA ILE D 98 9.46 6.92 21.39
C ILE D 98 8.95 7.78 20.23
N ALA D 99 9.83 8.04 19.25
CA ALA D 99 9.40 8.84 18.11
C ALA D 99 8.26 8.19 17.37
N ALA D 100 8.36 6.87 17.12
CA ALA D 100 7.30 6.16 16.42
C ALA D 100 6.04 6.17 17.27
N ASN D 101 6.21 5.85 18.55
CA ASN D 101 5.13 5.86 19.53
C ASN D 101 4.35 7.15 19.45
N ARG D 102 5.07 8.27 19.45
CA ARG D 102 4.42 9.56 19.44
C ARG D 102 3.70 9.79 18.13
N ALA D 103 4.35 9.45 17.01
CA ALA D 103 3.72 9.59 15.71
C ALA D 103 2.37 8.86 15.67
N ILE D 104 2.32 7.64 16.20
CA ILE D 104 1.07 6.91 16.20
C ILE D 104 0.11 7.47 17.24
N ALA D 105 0.62 7.82 18.41
CA ALA D 105 -0.26 8.27 19.48
C ALA D 105 -1.01 9.52 19.06
N VAL D 106 -0.39 10.38 18.25
CA VAL D 106 -1.08 11.59 17.83
C VAL D 106 -1.89 11.40 16.58
N GLY D 107 -1.89 10.20 16.00
CA GLY D 107 -2.60 10.02 14.77
C GLY D 107 -1.85 10.39 13.52
N ASP D 108 -0.57 10.77 13.60
CA ASP D 108 0.18 11.01 12.37
C ASP D 108 0.50 9.73 11.64
N ALA D 109 0.45 8.61 12.35
CA ALA D 109 0.84 7.32 11.82
C ALA D 109 -0.07 6.29 12.45
N SER D 110 -0.34 5.25 11.70
CA SER D 110 -1.00 4.08 12.26
C SER D 110 0.02 2.97 12.50
N LEU D 111 0.92 2.78 11.57
CA LEU D 111 1.90 1.72 11.64
C LEU D 111 3.26 2.37 11.42
N ALA D 112 4.20 2.10 12.32
CA ALA D 112 5.54 2.63 12.22
C ALA D 112 6.54 1.53 12.54
N VAL D 113 7.76 1.69 12.05
CA VAL D 113 8.89 0.87 12.47
C VAL D 113 9.81 1.75 13.27
N ALA D 114 10.16 1.30 14.47
CA ALA D 114 11.17 1.97 15.27
C ALA D 114 12.35 1.02 15.37
N GLY D 115 13.46 1.42 14.78
CA GLY D 115 14.64 0.61 14.77
C GLY D 115 15.79 1.30 15.48
N GLY D 116 16.86 0.53 15.63
CA GLY D 116 18.10 1.06 16.11
C GLY D 116 19.17 0.29 15.40
N VAL D 117 20.26 0.96 15.05
CA VAL D 117 21.33 0.29 14.32
C VAL D 117 22.62 0.94 14.74
N GLU D 118 23.66 0.12 14.86
CA GLU D 118 25.00 0.64 15.01
C GLU D 118 25.97 -0.38 14.44
N SER D 119 26.89 0.10 13.62
CA SER D 119 28.08 -0.67 13.31
C SER D 119 29.22 0.08 13.95
N MET D 120 29.57 -0.28 15.17
CA MET D 120 30.73 0.39 15.72
C MET D 120 32.03 -0.13 15.13
N SER D 121 32.06 -1.38 14.67
CA SER D 121 33.22 -1.86 13.92
C SER D 121 33.52 -0.94 12.75
N ARG D 122 32.50 -0.62 11.96
CA ARG D 122 32.67 0.15 10.73
C ARG D 122 32.51 1.64 10.94
N ALA D 123 32.52 2.10 12.18
CA ALA D 123 32.54 3.52 12.47
C ALA D 123 33.73 4.15 11.74
N PRO D 124 33.51 5.01 10.76
CA PRO D 124 34.60 5.49 9.92
C PRO D 124 35.45 6.55 10.62
N TRP D 125 36.43 7.03 9.87
CA TRP D 125 37.21 8.17 10.27
C TRP D 125 36.52 9.40 9.70
N VAL D 126 36.63 10.52 10.38
CA VAL D 126 36.27 11.75 9.69
C VAL D 126 37.43 12.72 9.75
N LEU D 127 37.62 13.43 8.65
CA LEU D 127 38.69 14.39 8.48
C LEU D 127 38.04 15.73 8.28
N PRO D 128 38.17 16.67 9.21
CA PRO D 128 37.66 18.02 8.96
C PRO D 128 38.30 18.60 7.71
N LYS D 129 37.54 19.42 7.01
CA LYS D 129 38.08 20.03 5.82
C LYS D 129 38.85 21.30 6.16
N PRO D 130 39.91 21.59 5.40
CA PRO D 130 40.64 22.83 5.63
C PRO D 130 39.74 23.99 5.26
N ALA D 131 39.79 25.05 6.06
CA ALA D 131 39.12 26.28 5.66
C ALA D 131 39.89 27.02 4.57
N GLN D 132 41.17 26.71 4.40
CA GLN D 132 42.03 27.41 3.47
C GLN D 132 42.78 26.37 2.64
N GLY D 133 43.19 26.77 1.45
CA GLY D 133 43.97 25.89 0.63
C GLY D 133 45.30 25.55 1.26
N PHE D 134 45.86 24.42 0.82
CA PHE D 134 47.21 24.00 1.17
C PHE D 134 47.51 24.11 2.67
N PRO D 135 46.75 23.40 3.49
CA PRO D 135 47.00 23.41 4.93
C PRO D 135 48.39 22.80 5.13
N THR D 136 49.11 23.22 6.17
CA THR D 136 50.48 22.74 6.35
C THR D 136 50.88 21.79 7.48
N GLY D 137 50.12 21.78 8.56
CA GLY D 137 50.47 20.93 9.67
C GLY D 137 49.74 19.61 9.72
N HIS D 138 50.24 18.69 10.53
CA HIS D 138 49.57 17.42 10.68
C HIS D 138 48.15 17.63 11.21
N GLU D 139 47.25 16.77 10.76
CA GLU D 139 45.85 16.82 11.18
C GLU D 139 45.47 15.58 11.95
N THR D 140 44.43 15.73 12.75
CA THR D 140 43.81 14.59 13.38
C THR D 140 42.77 14.00 12.45
N LEU D 141 42.88 12.71 12.23
CA LEU D 141 41.87 11.94 11.54
C LEU D 141 41.08 11.32 12.68
N TYR D 142 39.86 11.79 12.91
CA TYR D 142 39.07 11.35 14.05
C TYR D 142 38.40 10.01 13.77
N SER D 143 38.55 9.08 14.71
CA SER D 143 37.75 7.87 14.67
C SER D 143 36.39 8.16 15.30
N THR D 144 35.34 7.64 14.69
CA THR D 144 34.00 7.81 15.23
C THR D 144 33.57 6.65 16.08
N THR D 145 34.49 5.73 16.39
CA THR D 145 34.11 4.52 17.11
C THR D 145 33.65 4.83 18.52
N LEU D 146 34.43 5.63 19.24
CA LEU D 146 34.19 5.82 20.66
C LEU D 146 34.48 7.25 21.03
N GLY D 147 33.70 7.75 21.94
CA GLY D 147 34.00 8.98 22.63
C GLY D 147 33.89 10.24 21.81
N TRP D 148 34.42 11.29 22.42
CA TRP D 148 34.40 12.62 21.85
C TRP D 148 35.39 12.72 20.70
N ARG D 149 35.06 13.59 19.76
CA ARG D 149 35.88 13.87 18.61
C ARG D 149 35.50 15.25 18.13
N MET D 150 36.47 15.98 17.59
CA MET D 150 36.21 17.31 17.09
C MET D 150 35.57 18.12 18.21
N VAL D 151 36.24 18.10 19.35
CA VAL D 151 35.67 18.61 20.58
C VAL D 151 35.60 20.12 20.52
N ASN D 152 34.46 20.66 20.90
CA ASN D 152 34.30 22.09 20.91
C ASN D 152 35.18 22.67 22.00
N PRO D 153 36.05 23.64 21.72
CA PRO D 153 36.89 24.20 22.80
C PRO D 153 36.07 24.80 23.91
N ALA D 154 34.85 25.21 23.59
CA ALA D 154 33.96 25.83 24.56
C ALA D 154 33.20 24.82 25.38
N MET D 155 33.19 23.56 24.99
CA MET D 155 32.60 22.52 25.83
C MET D 155 33.42 22.40 27.11
N PRO D 156 32.80 22.52 28.28
CA PRO D 156 33.52 22.29 29.54
C PRO D 156 34.24 20.94 29.51
N GLU D 157 35.53 20.96 29.90
CA GLU D 157 36.32 19.74 29.96
C GLU D 157 35.63 18.68 30.82
N GLN D 158 34.98 19.11 31.90
CA GLN D 158 34.31 18.18 32.81
C GLN D 158 33.31 17.31 32.06
N TRP D 159 32.69 17.86 31.02
CA TRP D 159 31.69 17.13 30.28
C TRP D 159 32.28 16.25 29.18
N THR D 160 33.55 16.41 28.84
CA THR D 160 34.15 15.60 27.76
C THR D 160 34.94 14.41 28.26
N VAL D 161 34.93 14.15 29.57
CA VAL D 161 35.59 12.95 30.05
C VAL D 161 34.97 11.74 29.36
N SER D 162 35.77 10.68 29.22
CA SER D 162 35.27 9.47 28.62
C SER D 162 34.07 8.93 29.41
N LEU D 163 33.31 8.04 28.76
CA LEU D 163 32.19 7.38 29.42
C LEU D 163 32.68 6.51 30.58
N GLY D 164 33.79 5.80 30.37
CA GLY D 164 34.34 5.01 31.47
C GLY D 164 34.74 5.85 32.65
N GLU D 165 35.45 6.96 32.40
CA GLU D 165 35.87 7.82 33.49
C GLU D 165 34.67 8.36 34.25
N SER D 166 33.65 8.82 33.51
CA SER D 166 32.43 9.30 34.14
C SER D 166 31.81 8.23 35.02
N THR D 167 31.70 7.01 34.48
CA THR D 167 31.12 5.94 35.26
C THR D 167 31.99 5.58 36.45
N GLU D 168 33.31 5.80 36.35
CA GLU D 168 34.17 5.63 37.52
C GLU D 168 33.77 6.59 38.63
N GLN D 169 33.63 7.88 38.28
CA GLN D 169 33.18 8.87 39.28
C GLN D 169 31.83 8.49 39.84
N VAL D 170 30.91 8.09 38.96
CA VAL D 170 29.59 7.65 39.41
C VAL D 170 29.73 6.43 40.31
N ALA D 171 30.55 5.44 39.89
CA ALA D 171 30.77 4.26 40.71
C ALA D 171 31.36 4.65 42.06
N ALA D 172 32.31 5.59 42.07
CA ALA D 172 32.83 6.12 43.32
C ALA D 172 31.73 6.80 44.13
N THR D 173 31.02 7.73 43.49
CA THR D 173 30.03 8.54 44.20
C THR D 173 28.93 7.67 44.83
N TYR D 174 28.56 6.57 44.18
CA TYR D 174 27.48 5.75 44.69
C TYR D 174 27.98 4.47 45.34
N GLY D 175 29.27 4.41 45.66
CA GLY D 175 29.83 3.27 46.34
C GLY D 175 29.53 1.98 45.62
N ILE D 176 29.87 1.93 44.34
CA ILE D 176 29.69 0.72 43.56
C ILE D 176 31.05 0.06 43.45
N SER D 177 31.20 -1.05 44.14
CA SER D 177 32.49 -1.71 44.23
C SER D 177 32.77 -2.52 42.98
N ARG D 178 34.07 -2.75 42.76
CA ARG D 178 34.52 -3.69 41.75
C ARG D 178 33.75 -5.01 41.82
N ALA D 179 33.62 -5.57 43.02
CA ALA D 179 32.94 -6.85 43.15
C ALA D 179 31.47 -6.74 42.74
N GLU D 180 30.81 -5.65 43.17
CA GLU D 180 29.40 -5.50 42.84
C GLU D 180 29.21 -5.38 41.33
N GLN D 181 30.07 -4.62 40.67
CA GLN D 181 30.03 -4.48 39.22
C GLN D 181 30.30 -5.82 38.55
N ASP D 182 31.29 -6.56 39.05
CA ASP D 182 31.62 -7.83 38.41
C ASP D 182 30.52 -8.85 38.64
N ALA D 183 29.86 -8.80 39.80
CA ALA D 183 28.71 -9.68 40.02
C ALA D 183 27.62 -9.37 39.03
N PHE D 184 27.32 -8.08 38.85
CA PHE D 184 26.34 -7.67 37.87
C PHE D 184 26.78 -8.06 36.46
N ALA D 185 28.06 -7.85 36.13
CA ALA D 185 28.57 -8.26 34.82
C ALA D 185 28.49 -9.78 34.66
N LEU D 186 28.99 -10.53 35.64
CA LEU D 186 28.88 -11.99 35.58
C LEU D 186 27.45 -12.39 35.33
N ARG D 187 26.53 -11.80 36.09
CA ARG D 187 25.13 -12.16 35.99
C ARG D 187 24.60 -11.87 34.58
N SER D 188 25.02 -10.74 34.00
CA SER D 188 24.57 -10.44 32.65
C SER D 188 24.99 -11.57 31.71
N HIS D 189 26.26 -11.98 31.79
CA HIS D 189 26.74 -13.09 30.95
C HIS D 189 26.00 -14.38 31.25
N GLU D 190 25.79 -14.67 32.53
CA GLU D 190 25.10 -15.91 32.88
C GLU D 190 23.68 -15.89 32.33
N ARG D 191 22.94 -14.80 32.57
CA ARG D 191 21.55 -14.78 32.14
C ARG D 191 21.45 -14.75 30.62
N ALA D 192 22.34 -13.99 29.96
CA ALA D 192 22.31 -13.93 28.50
C ALA D 192 22.68 -15.27 27.88
N ALA D 193 23.71 -15.92 28.43
CA ALA D 193 24.06 -17.26 27.96
C ALA D 193 22.89 -18.21 28.15
N ARG D 194 22.29 -18.18 29.35
CA ARG D 194 21.15 -19.04 29.66
C ARG D 194 19.96 -18.72 28.77
N ALA D 195 19.67 -17.42 28.58
CA ALA D 195 18.52 -17.05 27.75
C ALA D 195 18.70 -17.58 26.34
N TRP D 196 19.90 -17.44 25.78
CA TRP D 196 20.16 -17.97 24.44
C TRP D 196 19.97 -19.48 24.41
N ALA D 197 20.62 -20.19 25.34
CA ALA D 197 20.53 -21.65 25.37
C ALA D 197 19.08 -22.13 25.50
N GLU D 198 18.32 -21.51 26.41
CA GLU D 198 16.93 -21.92 26.59
C GLU D 198 16.00 -21.46 25.48
N GLY D 199 16.52 -20.79 24.44
CA GLY D 199 15.68 -20.36 23.35
C GLY D 199 14.98 -19.04 23.55
N VAL D 200 15.32 -18.29 24.60
CA VAL D 200 14.57 -17.10 24.99
C VAL D 200 14.66 -16.00 23.92
N PHE D 201 15.81 -15.86 23.27
CA PHE D 201 15.96 -14.83 22.25
C PHE D 201 15.48 -15.28 20.87
N ASP D 202 15.19 -16.56 20.69
CA ASP D 202 14.74 -17.02 19.39
C ASP D 202 13.54 -16.22 18.89
N ALA D 203 12.66 -15.81 19.80
CA ALA D 203 11.50 -15.06 19.37
C ALA D 203 11.88 -13.69 18.79
N GLU D 204 13.03 -13.13 19.16
CA GLU D 204 13.32 -11.77 18.74
C GLU D 204 14.50 -11.71 17.79
N ILE D 205 15.07 -12.84 17.41
CA ILE D 205 16.32 -12.85 16.67
C ILE D 205 16.05 -13.09 15.19
N THR D 206 16.75 -12.32 14.37
CA THR D 206 16.87 -12.60 12.95
C THR D 206 18.34 -12.76 12.63
N GLN D 207 18.68 -13.86 11.98
CA GLN D 207 20.07 -14.09 11.62
C GLN D 207 20.38 -13.41 10.30
N ILE D 208 21.58 -12.88 10.19
CA ILE D 208 22.06 -12.33 8.92
C ILE D 208 22.59 -13.47 8.08
N PRO D 209 21.98 -13.82 6.95
CA PRO D 209 22.54 -14.88 6.09
C PRO D 209 24.03 -14.64 5.85
N GLY D 210 24.81 -15.72 5.94
CA GLY D 210 26.25 -15.61 5.81
C GLY D 210 26.97 -14.98 6.98
N ALA D 211 26.25 -14.47 7.97
CA ALA D 211 26.88 -13.90 9.14
C ALA D 211 26.13 -14.36 10.37
N GLU D 212 25.79 -15.64 10.40
CA GLU D 212 25.00 -16.14 11.51
C GLU D 212 25.83 -16.17 12.78
N LEU D 213 25.14 -16.05 13.90
CA LEU D 213 25.73 -16.02 15.22
C LEU D 213 24.91 -16.96 16.07
N GLU D 214 25.58 -17.92 16.71
CA GLU D 214 24.90 -18.83 17.62
C GLU D 214 24.24 -18.06 18.75
N ARG D 215 24.92 -17.04 19.25
CA ARG D 215 24.37 -16.14 20.24
C ARG D 215 25.09 -14.80 20.11
N ASP D 216 24.65 -13.80 20.88
CA ASP D 216 25.35 -12.53 20.88
C ASP D 216 26.83 -12.77 21.14
N GLU D 217 27.66 -12.17 20.29
CA GLU D 217 29.04 -12.59 20.21
C GLU D 217 29.82 -12.17 21.43
N SER D 218 29.38 -11.12 22.12
CA SER D 218 30.10 -10.72 23.32
C SER D 218 29.73 -11.54 24.54
N ILE D 219 28.74 -12.43 24.47
CA ILE D 219 28.49 -13.30 25.61
C ILE D 219 29.68 -14.23 25.79
N ARG D 220 30.12 -14.39 27.03
CA ARG D 220 31.18 -15.33 27.33
C ARG D 220 30.82 -16.22 28.50
N GLU D 221 31.41 -17.40 28.50
CA GLU D 221 31.51 -18.25 29.68
C GLU D 221 32.59 -17.61 30.53
N THR D 222 32.20 -16.85 31.54
CA THR D 222 33.17 -16.19 32.39
C THR D 222 32.88 -16.54 33.85
N SER D 223 33.57 -15.89 34.78
CA SER D 223 33.46 -16.26 36.17
C SER D 223 33.79 -15.05 37.01
N ALA D 224 33.44 -15.12 38.30
CA ALA D 224 33.85 -14.08 39.24
C ALA D 224 35.35 -13.88 39.23
N GLU D 225 36.12 -14.97 39.09
CA GLU D 225 37.58 -14.86 39.14
C GLU D 225 38.13 -14.20 37.90
N LYS D 226 37.69 -14.64 36.72
CA LYS D 226 38.15 -14.03 35.49
C LYS D 226 37.82 -12.53 35.47
N LEU D 227 36.59 -12.16 35.86
CA LEU D 227 36.25 -10.76 35.96
C LEU D 227 37.11 -10.04 36.99
N ALA D 228 37.32 -10.66 38.15
CA ALA D 228 38.15 -10.04 39.18
C ALA D 228 39.58 -9.88 38.69
N ALA D 229 40.03 -10.74 37.78
CA ALA D 229 41.40 -10.70 37.29
C ALA D 229 41.63 -9.51 36.35
N LEU D 230 40.59 -9.05 35.67
CA LEU D 230 40.76 -7.97 34.69
C LEU D 230 41.33 -6.72 35.33
N LYS D 231 42.18 -6.04 34.59
CA LYS D 231 42.78 -4.79 35.02
C LYS D 231 41.83 -3.63 34.75
N PRO D 232 41.93 -2.54 35.50
CA PRO D 232 40.99 -1.44 35.31
C PRO D 232 41.25 -0.73 33.99
N ALA D 233 40.17 -0.38 33.31
CA ALA D 233 40.31 0.17 31.96
C ALA D 233 40.48 1.68 31.92
N PHE D 234 40.09 2.40 32.97
CA PHE D 234 40.12 3.85 32.89
C PHE D 234 40.91 4.55 33.98
N ARG D 235 41.20 3.91 35.09
CA ARG D 235 42.09 4.47 36.10
C ARG D 235 43.03 3.37 36.59
N PRO D 236 44.27 3.74 36.95
CA PRO D 236 45.14 2.77 37.61
C PRO D 236 44.45 2.02 38.74
N ASP D 237 43.75 2.75 39.59
CA ASP D 237 43.01 2.22 40.73
C ASP D 237 41.55 1.94 40.41
N GLY D 238 41.21 1.83 39.13
CA GLY D 238 39.81 1.87 38.74
C GLY D 238 39.07 0.58 39.03
N THR D 239 37.74 0.71 39.01
CA THR D 239 36.84 -0.43 39.15
C THR D 239 36.25 -0.87 37.82
N ILE D 240 36.21 0.02 36.83
CA ILE D 240 35.65 -0.29 35.51
C ILE D 240 36.69 -1.06 34.73
N THR D 241 36.28 -2.18 34.16
CA THR D 241 37.14 -2.97 33.31
C THR D 241 36.41 -3.25 32.01
N ALA D 242 37.12 -3.86 31.08
CA ALA D 242 36.48 -4.33 29.86
C ALA D 242 35.43 -5.40 30.16
N GLY D 243 35.47 -6.01 31.34
CA GLY D 243 34.54 -7.08 31.64
C GLY D 243 33.27 -6.62 32.31
N ASN D 244 33.33 -5.55 33.09
CA ASN D 244 32.13 -4.99 33.69
C ASN D 244 31.65 -3.74 32.92
N ALA D 245 32.15 -3.53 31.71
CA ALA D 245 31.68 -2.50 30.82
C ALA D 245 31.08 -3.17 29.60
N SER D 246 30.12 -2.49 28.95
CA SER D 246 29.63 -3.07 27.71
C SER D 246 30.79 -3.11 26.73
N PRO D 247 30.74 -3.99 25.77
CA PRO D 247 31.68 -3.93 24.67
C PRO D 247 31.22 -2.89 23.64
N LEU D 248 32.00 -2.77 22.57
CA LEU D 248 31.56 -2.07 21.37
C LEU D 248 30.97 -3.13 20.45
N ASN D 249 29.88 -2.80 19.77
CA ASN D 249 29.21 -3.90 19.08
C ASN D 249 28.57 -3.41 17.80
N ASP D 250 28.26 -4.38 16.97
CA ASP D 250 27.43 -4.17 15.79
C ASP D 250 26.12 -4.89 15.94
N GLY D 251 25.05 -4.25 15.49
CA GLY D 251 23.78 -4.91 15.44
C GLY D 251 22.71 -3.93 15.06
N ALA D 252 21.53 -4.49 14.80
CA ALA D 252 20.37 -3.68 14.50
C ALA D 252 19.18 -4.31 15.17
N ALA D 253 18.21 -3.48 15.54
CA ALA D 253 16.98 -3.94 16.15
C ALA D 253 15.85 -3.13 15.52
N ALA D 254 14.69 -3.74 15.41
CA ALA D 254 13.56 -3.05 14.80
C ALA D 254 12.27 -3.56 15.40
N LEU D 255 11.43 -2.61 15.79
CA LEU D 255 10.12 -2.90 16.35
C LEU D 255 9.08 -2.47 15.33
N LEU D 256 8.09 -3.33 15.11
CA LEU D 256 6.90 -2.95 14.37
C LEU D 256 5.92 -2.43 15.40
N ILE D 257 5.50 -1.18 15.22
CA ILE D 257 4.73 -0.46 16.21
C ILE D 257 3.49 0.07 15.51
N GLY D 258 2.34 -0.10 16.14
CA GLY D 258 1.11 0.26 15.49
C GLY D 258 0.05 0.50 16.53
N ASP D 259 -1.00 1.17 16.10
CA ASP D 259 -2.21 1.29 16.89
C ASP D 259 -3.04 0.03 16.67
N ALA D 260 -4.22 -0.03 17.29
CA ALA D 260 -5.05 -1.23 17.18
C ALA D 260 -5.43 -1.51 15.74
N ALA D 261 -5.73 -0.46 14.97
CA ALA D 261 -6.07 -0.66 13.56
C ALA D 261 -4.90 -1.26 12.79
N ALA D 262 -3.68 -0.79 13.08
CA ALA D 262 -2.50 -1.38 12.44
C ALA D 262 -2.34 -2.83 12.83
N ALA D 263 -2.50 -3.13 14.12
CA ALA D 263 -2.43 -4.52 14.59
C ALA D 263 -3.35 -5.41 13.77
N GLU D 264 -4.61 -5.00 13.60
CA GLU D 264 -5.53 -5.78 12.78
C GLU D 264 -5.09 -5.81 11.33
N ARG D 265 -4.59 -4.68 10.82
CA ARG D 265 -4.16 -4.63 9.42
C ARG D 265 -2.98 -5.56 9.17
N VAL D 266 -2.06 -5.68 10.13
CA VAL D 266 -0.91 -6.53 9.86
C VAL D 266 -1.19 -7.96 10.27
N GLY D 267 -2.30 -8.21 10.96
CA GLY D 267 -2.62 -9.55 11.41
C GLY D 267 -1.76 -10.01 12.55
N ARG D 268 -1.33 -9.10 13.41
CA ARG D 268 -0.41 -9.42 14.49
C ARG D 268 -1.04 -9.08 15.82
N GLU D 269 -0.97 -10.00 16.75
CA GLU D 269 -1.40 -9.68 18.10
C GLU D 269 -0.29 -8.90 18.81
N PRO D 270 -0.60 -7.73 19.38
CA PRO D 270 0.41 -6.94 20.08
C PRO D 270 1.21 -7.77 21.08
N LEU D 271 2.53 -7.51 21.13
CA LEU D 271 3.37 -8.03 22.21
C LEU D 271 3.15 -7.26 23.49
N ALA D 272 3.13 -5.95 23.39
CA ALA D 272 2.89 -5.13 24.54
C ALA D 272 2.40 -3.78 24.04
N ARG D 273 1.80 -3.04 24.95
CA ARG D 273 1.39 -1.68 24.66
C ARG D 273 2.48 -0.77 25.17
N ILE D 274 2.79 0.27 24.42
CA ILE D 274 3.72 1.29 24.88
C ILE D 274 2.88 2.29 25.66
N VAL D 275 3.10 2.37 26.96
CA VAL D 275 2.23 3.17 27.82
C VAL D 275 2.74 4.59 27.92
N SER D 276 4.01 4.69 28.28
CA SER D 276 4.58 6.04 28.47
C SER D 276 6.07 5.98 28.20
N ARG D 277 6.66 7.15 28.25
CA ARG D 277 8.12 7.29 28.07
C ARG D 277 8.57 8.47 28.90
N GLY D 278 9.86 8.52 29.14
CA GLY D 278 10.45 9.60 29.89
C GLY D 278 11.76 9.97 29.23
N VAL D 279 12.12 11.22 29.40
CA VAL D 279 13.45 11.67 29.04
C VAL D 279 13.97 12.49 30.19
N ALA D 280 15.26 12.38 30.44
CA ALA D 280 15.86 13.24 31.41
C ALA D 280 17.31 13.45 31.00
N ALA D 281 17.88 14.52 31.50
CA ALA D 281 19.26 14.83 31.20
C ALA D 281 19.90 15.25 32.50
N VAL D 282 21.19 14.94 32.61
CA VAL D 282 21.97 15.22 33.80
C VAL D 282 23.29 15.81 33.34
N ASP D 283 24.08 16.27 34.30
CA ASP D 283 25.45 16.62 33.97
C ASP D 283 26.06 15.51 33.12
N PRO D 284 26.73 15.85 32.02
CA PRO D 284 27.41 14.83 31.21
C PRO D 284 28.27 13.86 31.99
N ASP D 285 28.97 14.35 33.01
CA ASP D 285 29.92 13.51 33.74
C ASP D 285 29.24 12.53 34.68
N VAL D 286 27.91 12.58 34.83
CA VAL D 286 27.21 11.53 35.57
C VAL D 286 26.18 10.85 34.66
N PHE D 287 26.48 10.80 33.36
CA PHE D 287 25.50 10.31 32.38
C PHE D 287 24.94 8.95 32.75
N GLY D 288 25.73 8.14 33.46
CA GLY D 288 25.27 6.82 33.85
C GLY D 288 23.92 6.84 34.56
N ILE D 289 23.64 7.91 35.32
CA ILE D 289 22.40 7.99 36.06
C ILE D 289 21.34 8.83 35.34
N GLY D 290 21.62 9.22 34.10
CA GLY D 290 20.64 9.86 33.25
C GLY D 290 19.25 9.23 33.27
N PRO D 291 19.16 7.88 33.23
CA PRO D 291 17.84 7.25 33.15
C PRO D 291 17.00 7.44 34.39
N VAL D 292 17.63 7.77 35.52
CA VAL D 292 16.95 7.69 36.81
C VAL D 292 15.66 8.50 36.78
N GLN D 293 15.76 9.78 36.44
CA GLN D 293 14.57 10.60 36.38
C GLN D 293 13.71 10.20 35.19
N ALA D 294 14.33 9.80 34.08
CA ALA D 294 13.56 9.37 32.92
C ALA D 294 12.63 8.22 33.28
N ALA D 295 13.10 7.27 34.08
CA ALA D 295 12.23 6.17 34.49
C ALA D 295 11.13 6.64 35.42
N GLU D 296 11.48 7.47 36.40
CA GLU D 296 10.47 8.00 37.31
C GLU D 296 9.37 8.69 36.52
N ILE D 297 9.75 9.53 35.56
CA ILE D 297 8.77 10.26 34.76
C ILE D 297 7.87 9.29 34.04
N ALA D 298 8.47 8.29 33.40
CA ALA D 298 7.71 7.33 32.62
C ALA D 298 6.76 6.53 33.50
N LEU D 299 7.22 6.13 34.70
CA LEU D 299 6.34 5.42 35.61
C LEU D 299 5.17 6.29 36.03
N ARG D 300 5.47 7.53 36.40
CA ARG D 300 4.44 8.43 36.86
C ARG D 300 3.45 8.70 35.72
N ARG D 301 3.94 8.73 34.49
CA ARG D 301 3.06 8.86 33.33
C ARG D 301 2.28 7.59 33.04
N ALA D 302 2.81 6.43 33.40
CA ALA D 302 2.08 5.20 33.20
C ALA D 302 1.11 4.91 34.34
N GLY D 303 1.15 5.68 35.43
CA GLY D 303 0.23 5.48 36.52
C GLY D 303 0.66 4.41 37.50
N ILE D 304 1.95 4.06 37.51
CA ILE D 304 2.44 2.94 38.29
C ILE D 304 3.69 3.35 39.06
N GLY D 305 4.04 2.51 40.02
CA GLY D 305 5.30 2.59 40.72
C GLY D 305 6.18 1.40 40.38
N TRP D 306 7.35 1.42 41.00
CA TRP D 306 8.32 0.35 40.80
C TRP D 306 7.71 -1.00 41.15
N ASP D 307 6.88 -1.03 42.19
CA ASP D 307 6.26 -2.25 42.67
C ASP D 307 5.54 -2.97 41.54
N ASP D 308 4.94 -2.20 40.62
CA ASP D 308 4.10 -2.77 39.57
C ASP D 308 4.90 -3.50 38.52
N LEU D 309 6.19 -3.21 38.39
CA LEU D 309 6.98 -3.76 37.29
C LEU D 309 7.31 -5.22 37.52
N SER D 310 7.07 -6.04 36.49
CA SER D 310 7.54 -7.40 36.53
C SER D 310 8.87 -7.58 35.83
N VAL D 311 9.24 -6.66 34.92
CA VAL D 311 10.51 -6.74 34.20
C VAL D 311 11.07 -5.32 34.08
N VAL D 312 12.38 -5.18 34.24
CA VAL D 312 13.06 -3.94 33.91
C VAL D 312 14.24 -4.27 33.00
N GLU D 313 14.27 -3.62 31.83
CA GLU D 313 15.42 -3.66 30.94
C GLU D 313 16.18 -2.37 31.16
N LEU D 314 17.29 -2.46 31.86
CA LEU D 314 18.12 -1.31 32.11
C LEU D 314 19.32 -1.57 31.25
N ASN D 315 19.59 -0.71 30.28
CA ASN D 315 20.71 -0.96 29.41
C ASN D 315 22.00 -0.91 30.18
N GLU D 316 22.80 -1.93 29.98
CA GLU D 316 24.06 -2.02 30.68
C GLU D 316 25.27 -1.42 29.97
N ALA D 317 25.35 -0.11 29.94
CA ALA D 317 26.54 0.53 29.43
C ALA D 317 27.74 0.15 30.28
N PHE D 318 27.57 0.20 31.60
CA PHE D 318 28.56 -0.25 32.55
C PHE D 318 27.79 -0.86 33.72
N ALA D 319 28.31 -1.97 34.26
CA ALA D 319 27.73 -2.49 35.50
C ALA D 319 27.59 -1.38 36.53
N ALA D 320 28.67 -0.60 36.72
CA ALA D 320 28.65 0.46 37.71
C ALA D 320 27.51 1.45 37.43
N GLN D 321 27.41 1.89 36.18
CA GLN D 321 26.27 2.70 35.76
C GLN D 321 24.94 2.04 36.12
N SER D 322 24.78 0.79 35.69
CA SER D 322 23.53 0.09 35.91
C SER D 322 23.23 -0.03 37.40
N LEU D 323 24.25 -0.32 38.21
CA LEU D 323 24.04 -0.49 39.65
C LEU D 323 23.74 0.85 40.32
N ALA D 324 24.39 1.92 39.87
CA ALA D 324 24.05 3.23 40.41
C ALA D 324 22.60 3.60 40.11
N CYS D 325 22.12 3.25 38.92
CA CYS D 325 20.71 3.49 38.61
C CYS D 325 19.81 2.72 39.56
N LEU D 326 20.11 1.43 39.73
CA LEU D 326 19.39 0.61 40.70
C LEU D 326 19.44 1.22 42.09
N LYS D 327 20.59 1.71 42.48
CA LYS D 327 20.75 2.30 43.78
C LYS D 327 19.79 3.48 43.94
N LEU D 328 19.66 4.26 42.89
CA LEU D 328 18.79 5.43 42.89
C LEU D 328 17.35 5.08 42.58
N TRP D 329 17.03 3.82 42.38
CA TRP D 329 15.66 3.33 42.27
C TRP D 329 15.40 2.38 43.44
N PRO D 330 15.41 2.88 44.68
CA PRO D 330 15.37 1.97 45.84
C PRO D 330 14.16 1.07 45.86
N ASP D 331 13.06 1.51 45.26
CA ASP D 331 11.84 0.72 45.26
C ASP D 331 11.84 -0.33 44.18
N LEU D 332 12.86 -0.35 43.32
CA LEU D 332 12.99 -1.34 42.28
C LEU D 332 13.64 -2.59 42.84
N ASP D 333 12.98 -3.70 42.68
CA ASP D 333 13.61 -4.97 42.99
C ASP D 333 14.65 -5.23 41.91
N PRO D 334 15.94 -5.22 42.24
CA PRO D 334 16.97 -5.45 41.19
C PRO D 334 16.85 -6.80 40.49
N GLU D 335 16.17 -7.79 41.08
CA GLU D 335 16.13 -9.10 40.46
C GLU D 335 15.26 -9.16 39.21
N ILE D 336 14.40 -8.17 38.99
CA ILE D 336 13.60 -8.17 37.77
C ILE D 336 14.35 -7.43 36.67
N VAL D 337 15.57 -7.00 36.96
CA VAL D 337 16.35 -6.20 36.02
C VAL D 337 17.11 -7.13 35.08
N ASN D 338 16.94 -6.93 33.78
CA ASN D 338 17.65 -7.68 32.75
C ASN D 338 17.62 -9.19 33.02
N PRO D 339 16.43 -9.79 33.11
CA PRO D 339 16.34 -11.23 33.44
C PRO D 339 17.04 -12.11 32.43
N ASN D 340 17.24 -11.62 31.22
CA ASN D 340 17.94 -12.37 30.19
C ASN D 340 19.31 -11.77 29.91
N GLY D 341 19.89 -11.08 30.89
CA GLY D 341 21.17 -10.44 30.72
C GLY D 341 21.02 -9.07 30.09
N GLY D 342 22.15 -8.43 29.86
CA GLY D 342 22.13 -7.11 29.28
C GLY D 342 23.38 -6.81 28.50
N ALA D 343 23.59 -5.51 28.26
CA ALA D 343 24.52 -5.08 27.22
C ALA D 343 25.96 -5.46 27.54
N ILE D 344 26.32 -5.54 28.83
CA ILE D 344 27.63 -6.06 29.20
C ILE D 344 27.91 -7.36 28.45
N ALA D 345 26.92 -8.25 28.38
CA ALA D 345 27.09 -9.52 27.71
C ALA D 345 26.58 -9.54 26.28
N ILE D 346 25.38 -8.99 26.06
CA ILE D 346 24.75 -9.04 24.74
C ILE D 346 25.46 -8.12 23.76
N GLY D 347 26.17 -7.14 24.27
CA GLY D 347 26.76 -6.13 23.42
C GLY D 347 25.96 -4.83 23.42
N HIS D 348 26.63 -3.75 23.03
CA HIS D 348 26.07 -2.41 23.04
C HIS D 348 26.35 -1.66 21.74
N PRO D 349 25.71 -2.05 20.66
CA PRO D 349 25.81 -1.23 19.44
C PRO D 349 24.88 -0.05 19.63
N LEU D 350 25.46 1.09 19.99
CA LEU D 350 24.73 2.24 20.55
C LEU D 350 23.31 2.37 20.03
N GLY D 351 23.17 2.67 18.75
CA GLY D 351 21.86 2.96 18.21
C GLY D 351 20.90 1.79 18.35
N ALA D 352 21.42 0.56 18.33
CA ALA D 352 20.53 -0.59 18.40
C ALA D 352 20.03 -0.84 19.81
N SER D 353 20.79 -0.49 20.85
CA SER D 353 20.50 -0.97 22.19
C SER D 353 19.13 -0.50 22.66
N GLY D 354 18.85 0.80 22.53
CA GLY D 354 17.59 1.32 23.01
C GLY D 354 16.38 0.67 22.36
N ALA D 355 16.52 0.25 21.10
CA ALA D 355 15.45 -0.49 20.45
C ALA D 355 15.41 -1.92 20.94
N ARG D 356 16.58 -2.56 21.06
CA ARG D 356 16.63 -3.94 21.51
C ARG D 356 15.96 -4.11 22.88
N ILE D 357 16.30 -3.24 23.84
CA ILE D 357 15.80 -3.48 25.18
C ILE D 357 14.29 -3.21 25.27
N VAL D 358 13.77 -2.26 24.51
CA VAL D 358 12.31 -2.15 24.42
C VAL D 358 11.76 -3.41 23.79
N GLY D 359 12.37 -3.86 22.71
CA GLY D 359 11.87 -5.01 22.03
C GLY D 359 11.92 -6.24 22.87
N THR D 360 13.03 -6.45 23.55
CA THR D 360 13.17 -7.61 24.40
C THR D 360 12.17 -7.56 25.54
N LEU D 361 11.93 -6.37 26.08
CA LEU D 361 10.98 -6.21 27.16
C LEU D 361 9.58 -6.63 26.69
N ALA D 362 9.19 -6.18 25.52
CA ALA D 362 7.93 -6.59 24.92
C ALA D 362 7.84 -8.11 24.83
N HIS D 363 8.91 -8.75 24.38
CA HIS D 363 8.93 -10.21 24.26
C HIS D 363 8.88 -10.87 25.63
N GLU D 364 9.65 -10.34 26.57
CA GLU D 364 9.63 -10.89 27.92
C GLU D 364 8.24 -10.77 28.52
N LEU D 365 7.62 -9.60 28.37
CA LEU D 365 6.26 -9.43 28.87
C LEU D 365 5.30 -10.40 28.20
N HIS D 366 5.48 -10.64 26.90
CA HIS D 366 4.68 -11.63 26.20
C HIS D 366 4.94 -12.99 26.79
N ARG D 367 6.20 -13.25 27.08
CA ARG D 367 6.63 -14.53 27.59
C ARG D 367 5.99 -14.82 28.94
N ARG D 368 5.67 -13.77 29.71
CA ARG D 368 5.11 -13.92 31.05
C ARG D 368 3.60 -13.73 31.09
N GLY D 369 2.94 -13.65 29.94
CA GLY D 369 1.50 -13.52 29.92
C GLY D 369 1.00 -12.17 30.40
N GLY D 370 1.82 -11.15 30.30
CA GLY D 370 1.42 -9.80 30.65
C GLY D 370 2.28 -9.22 31.75
N GLY D 371 2.02 -7.95 32.02
CA GLY D 371 2.70 -7.24 33.08
C GLY D 371 3.20 -5.89 32.63
N TRP D 372 3.69 -5.13 33.60
CA TRP D 372 4.31 -3.85 33.39
C TRP D 372 5.81 -4.04 33.23
N GLY D 373 6.37 -3.40 32.23
CA GLY D 373 7.81 -3.42 32.02
C GLY D 373 8.35 -2.02 31.82
N LEU D 374 9.59 -1.86 32.23
CA LEU D 374 10.32 -0.62 32.09
C LEU D 374 11.62 -0.90 31.33
N ALA D 375 11.84 -0.13 30.27
CA ALA D 375 13.15 -0.10 29.63
C ALA D 375 13.74 1.28 29.88
N ALA D 376 15.00 1.30 30.28
CA ALA D 376 15.71 2.54 30.52
C ALA D 376 17.13 2.41 29.97
N ILE D 377 17.67 3.55 29.55
CA ILE D 377 18.97 3.55 28.89
C ILE D 377 19.65 4.88 29.20
N CYS D 378 20.86 4.81 29.73
CA CYS D 378 21.65 6.01 29.93
C CYS D 378 22.28 6.42 28.61
N ILE D 379 22.62 7.71 28.52
CA ILE D 379 23.06 8.27 27.25
C ILE D 379 24.26 9.16 27.49
N GLY D 380 25.27 8.98 26.66
CA GLY D 380 26.59 9.53 26.82
C GLY D 380 26.91 10.95 27.18
N VAL D 381 26.14 11.92 26.70
CA VAL D 381 26.45 13.30 27.08
C VAL D 381 25.54 13.77 28.21
N GLY D 382 25.08 12.81 29.01
CA GLY D 382 24.24 13.09 30.16
C GLY D 382 22.74 13.07 29.93
N GLN D 383 22.22 12.00 29.34
CA GLN D 383 20.78 11.91 29.15
C GLN D 383 20.30 10.53 29.52
N GLY D 384 18.98 10.39 29.55
CA GLY D 384 18.37 9.10 29.77
C GLY D 384 16.99 9.06 29.17
N LEU D 385 16.65 7.89 28.67
CA LEU D 385 15.34 7.60 28.14
C LEU D 385 14.75 6.43 28.90
N ALA D 386 13.43 6.41 29.00
CA ALA D 386 12.73 5.31 29.62
C ALA D 386 11.44 5.08 28.85
N VAL D 387 11.07 3.82 28.73
CA VAL D 387 9.81 3.43 28.11
C VAL D 387 9.13 2.47 29.06
N VAL D 388 7.85 2.71 29.33
CA VAL D 388 7.04 1.77 30.07
C VAL D 388 6.13 1.06 29.08
N LEU D 389 6.18 -0.27 29.14
CA LEU D 389 5.32 -1.17 28.40
C LEU D 389 4.33 -1.84 29.34
N HIS D 390 3.26 -2.34 28.75
CA HIS D 390 2.28 -3.14 29.48
C HIS D 390 1.64 -4.08 28.48
N ARG D 391 1.62 -5.36 28.83
CA ARG D 391 0.90 -6.38 28.10
C ARG D 391 -0.29 -6.79 28.96
#